data_1V6B
#
_entry.id   1V6B
#
_entity_poly.entity_id   1
_entity_poly.type   'polypeptide(L)'
_entity_poly.pdbx_seq_one_letter_code
;GSEGAATMFSPEQIAGKDVRLLRIKKEGSLDLALEGGVDSPVGKVVVSAVYEGGAAERHGGVVKGDEIMAINGKIVTDYT
LAEAEAALQKAWNQGGDWIDLVVAVCPPKEYDDELTFF
;
_entity_poly.pdbx_strand_id   A
#
# COMPACT_ATOMS: atom_id res chain seq x y z
N GLY A 1 -1.44 9.74 12.34
CA GLY A 1 -1.47 10.11 13.75
C GLY A 1 -1.26 8.88 14.63
N SER A 2 -2.06 8.81 15.69
CA SER A 2 -1.97 7.71 16.63
C SER A 2 -2.71 6.48 16.06
N GLU A 3 -4.00 6.64 15.89
CA GLU A 3 -4.83 5.57 15.37
C GLU A 3 -5.24 5.87 13.93
N GLY A 4 -5.68 4.83 13.24
CA GLY A 4 -6.11 4.97 11.85
C GLY A 4 -7.20 3.96 11.51
N ALA A 5 -7.05 3.35 10.34
CA ALA A 5 -8.01 2.37 9.89
C ALA A 5 -7.72 1.03 10.56
N ALA A 6 -8.77 0.45 11.14
CA ALA A 6 -8.63 -0.83 11.82
C ALA A 6 -10.03 -1.34 12.21
N THR A 7 -10.76 -1.80 11.20
CA THR A 7 -12.09 -2.32 11.43
C THR A 7 -12.65 -2.93 10.15
N MET A 8 -12.45 -2.22 9.04
CA MET A 8 -12.92 -2.69 7.76
C MET A 8 -12.57 -4.17 7.55
N PHE A 9 -11.40 -4.55 8.03
CA PHE A 9 -10.94 -5.92 7.90
C PHE A 9 -11.64 -6.82 8.92
N SER A 10 -11.28 -8.09 8.87
CA SER A 10 -11.85 -9.07 9.79
C SER A 10 -10.97 -9.20 11.03
N PRO A 11 -11.57 -9.80 12.10
CA PRO A 11 -10.85 -10.01 13.34
C PRO A 11 -9.84 -11.14 13.22
N GLU A 12 -10.09 -12.01 12.24
CA GLU A 12 -9.21 -13.14 12.01
C GLU A 12 -8.27 -12.85 10.84
N GLN A 13 -8.24 -11.59 10.44
CA GLN A 13 -7.39 -11.16 9.34
C GLN A 13 -6.26 -10.27 9.87
N ILE A 14 -6.63 -9.34 10.74
CA ILE A 14 -5.67 -8.42 11.31
C ILE A 14 -4.90 -9.12 12.42
N ALA A 15 -5.65 -9.66 13.38
CA ALA A 15 -5.06 -10.36 14.50
C ALA A 15 -4.08 -9.42 15.22
N GLY A 16 -4.65 -8.41 15.86
CA GLY A 16 -3.85 -7.45 16.60
C GLY A 16 -2.61 -7.05 15.79
N LYS A 17 -2.77 -7.00 14.48
CA LYS A 17 -1.68 -6.64 13.60
C LYS A 17 -1.26 -5.19 13.88
N ASP A 18 -0.16 -4.81 13.24
CA ASP A 18 0.36 -3.46 13.41
C ASP A 18 0.27 -2.71 12.08
N VAL A 19 -0.90 -2.12 11.85
CA VAL A 19 -1.12 -1.36 10.62
C VAL A 19 -1.24 0.12 10.96
N ARG A 20 -0.89 0.95 9.97
CA ARG A 20 -0.95 2.39 10.15
C ARG A 20 -1.68 3.04 8.97
N LEU A 21 -1.94 4.32 9.11
CA LEU A 21 -2.64 5.07 8.07
C LEU A 21 -1.78 6.26 7.65
N LEU A 22 -1.03 6.07 6.57
CA LEU A 22 -0.17 7.12 6.06
C LEU A 22 -0.95 7.98 5.07
N ARG A 23 -0.70 9.28 5.13
CA ARG A 23 -1.38 10.21 4.25
C ARG A 23 -0.36 10.91 3.34
N ILE A 24 -0.53 10.70 2.05
CA ILE A 24 0.36 11.30 1.08
C ILE A 24 -0.35 12.45 0.37
N LYS A 25 0.40 13.50 0.11
CA LYS A 25 -0.15 14.67 -0.55
C LYS A 25 -0.31 14.38 -2.05
N LYS A 26 -1.42 14.83 -2.60
CA LYS A 26 -1.70 14.63 -4.01
C LYS A 26 -1.02 15.73 -4.83
N GLU A 27 0.30 15.78 -4.70
CA GLU A 27 1.08 16.78 -5.41
C GLU A 27 2.31 16.14 -6.04
N GLY A 28 2.46 16.37 -7.34
CA GLY A 28 3.59 15.83 -8.08
C GLY A 28 3.30 14.41 -8.55
N SER A 29 2.03 14.17 -8.89
CA SER A 29 1.61 12.86 -9.35
C SER A 29 1.81 11.82 -8.24
N LEU A 30 1.50 10.58 -8.59
CA LEU A 30 1.64 9.48 -7.64
C LEU A 30 3.00 8.81 -7.85
N ASP A 31 3.14 8.17 -9.00
CA ASP A 31 4.37 7.48 -9.34
C ASP A 31 4.66 6.43 -8.27
N LEU A 32 4.01 5.28 -8.42
CA LEU A 32 4.20 4.19 -7.47
C LEU A 32 4.10 2.86 -8.22
N ALA A 33 4.88 1.90 -7.75
CA ALA A 33 4.89 0.58 -8.36
C ALA A 33 4.38 -0.45 -7.36
N LEU A 34 3.62 -1.41 -7.87
CA LEU A 34 3.05 -2.45 -7.03
C LEU A 34 3.43 -3.82 -7.61
N GLU A 35 3.41 -4.82 -6.74
CA GLU A 35 3.75 -6.17 -7.15
C GLU A 35 3.10 -7.19 -6.20
N GLY A 36 2.61 -8.26 -6.78
CA GLY A 36 1.98 -9.32 -6.00
C GLY A 36 0.49 -9.43 -6.35
N GLY A 37 -0.30 -9.72 -5.33
CA GLY A 37 -1.73 -9.87 -5.51
C GLY A 37 -2.05 -10.99 -6.49
N VAL A 38 -3.27 -10.95 -7.02
CA VAL A 38 -3.71 -11.97 -7.96
C VAL A 38 -3.09 -13.31 -7.59
N ASP A 39 -2.88 -14.13 -8.61
CA ASP A 39 -2.30 -15.45 -8.40
C ASP A 39 -0.77 -15.35 -8.46
N SER A 40 -0.24 -14.41 -7.69
CA SER A 40 1.20 -14.20 -7.64
C SER A 40 1.81 -15.00 -6.49
N PRO A 41 3.17 -15.03 -6.47
CA PRO A 41 3.89 -15.77 -5.45
C PRO A 41 3.85 -15.00 -4.11
N VAL A 42 3.33 -13.79 -4.17
CA VAL A 42 3.23 -12.96 -2.99
C VAL A 42 1.92 -13.27 -2.26
N GLY A 43 0.82 -13.10 -2.97
CA GLY A 43 -0.49 -13.35 -2.40
C GLY A 43 -1.01 -12.12 -1.64
N LYS A 44 -0.43 -10.98 -1.95
CA LYS A 44 -0.81 -9.73 -1.31
C LYS A 44 -0.28 -8.56 -2.13
N VAL A 45 -0.61 -7.36 -1.67
CA VAL A 45 -0.18 -6.15 -2.34
C VAL A 45 1.00 -5.54 -1.58
N VAL A 46 2.13 -5.47 -2.26
CA VAL A 46 3.33 -4.90 -1.67
C VAL A 46 3.94 -3.88 -2.62
N VAL A 47 4.33 -2.74 -2.05
CA VAL A 47 4.92 -1.68 -2.84
C VAL A 47 6.18 -2.21 -3.55
N SER A 48 6.12 -2.21 -4.87
CA SER A 48 7.23 -2.69 -5.67
C SER A 48 8.42 -1.75 -5.51
N ALA A 49 8.15 -0.46 -5.64
CA ALA A 49 9.19 0.55 -5.52
C ALA A 49 8.54 1.93 -5.36
N VAL A 50 9.23 2.79 -4.64
CA VAL A 50 8.75 4.14 -4.43
C VAL A 50 9.54 5.12 -5.29
N TYR A 51 9.01 5.39 -6.48
CA TYR A 51 9.66 6.30 -7.40
C TYR A 51 10.14 7.56 -6.68
N GLU A 52 11.45 7.75 -6.70
CA GLU A 52 12.06 8.91 -6.05
C GLU A 52 11.53 10.20 -6.68
N GLY A 53 11.03 10.06 -7.90
CA GLY A 53 10.49 11.21 -8.62
C GLY A 53 8.96 11.19 -8.61
N GLY A 54 8.40 11.09 -7.41
CA GLY A 54 6.95 11.06 -7.26
C GLY A 54 6.54 11.61 -5.89
N ALA A 55 5.24 11.60 -5.66
CA ALA A 55 4.69 12.09 -4.40
C ALA A 55 4.88 11.02 -3.33
N ALA A 56 5.09 9.79 -3.79
CA ALA A 56 5.27 8.67 -2.88
C ALA A 56 6.55 8.89 -2.06
N GLU A 57 7.65 9.09 -2.78
CA GLU A 57 8.93 9.32 -2.13
C GLU A 57 8.86 10.53 -1.20
N ARG A 58 8.36 11.63 -1.76
CA ARG A 58 8.23 12.86 -0.99
C ARG A 58 7.81 12.55 0.44
N HIS A 59 6.73 11.79 0.56
CA HIS A 59 6.22 11.41 1.88
C HIS A 59 7.32 10.69 2.66
N GLY A 60 7.68 9.52 2.16
CA GLY A 60 8.70 8.71 2.80
C GLY A 60 8.09 7.77 3.85
N GLY A 61 8.86 7.52 4.90
CA GLY A 61 8.41 6.65 5.97
C GLY A 61 8.49 5.18 5.54
N VAL A 62 7.48 4.76 4.80
CA VAL A 62 7.42 3.39 4.32
C VAL A 62 8.14 3.29 2.98
N VAL A 63 8.59 2.08 2.68
CA VAL A 63 9.30 1.83 1.44
C VAL A 63 8.86 0.48 0.86
N LYS A 64 9.44 0.15 -0.29
CA LYS A 64 9.12 -1.10 -0.94
C LYS A 64 9.12 -2.24 0.09
N GLY A 65 8.32 -3.26 -0.21
CA GLY A 65 8.22 -4.40 0.68
C GLY A 65 7.10 -4.21 1.70
N ASP A 66 6.45 -3.05 1.61
CA ASP A 66 5.36 -2.74 2.52
C ASP A 66 4.26 -3.79 2.36
N GLU A 67 3.21 -3.62 3.16
CA GLU A 67 2.09 -4.53 3.12
C GLU A 67 0.79 -3.76 2.83
N ILE A 68 0.60 -3.44 1.56
CA ILE A 68 -0.59 -2.71 1.15
C ILE A 68 -1.82 -3.60 1.33
N MET A 69 -2.90 -2.99 1.79
CA MET A 69 -4.14 -3.71 2.01
C MET A 69 -5.34 -2.88 1.56
N ALA A 70 -5.33 -1.62 1.98
CA ALA A 70 -6.41 -0.70 1.63
C ALA A 70 -5.83 0.56 0.99
N ILE A 71 -6.56 1.08 0.01
CA ILE A 71 -6.13 2.28 -0.68
C ILE A 71 -7.23 3.34 -0.59
N ASN A 72 -6.95 4.39 0.17
CA ASN A 72 -7.90 5.47 0.34
C ASN A 72 -9.20 4.91 0.92
N GLY A 73 -9.10 3.71 1.48
CA GLY A 73 -10.26 3.06 2.06
C GLY A 73 -10.89 2.08 1.07
N LYS A 74 -10.04 1.30 0.43
CA LYS A 74 -10.51 0.33 -0.55
C LYS A 74 -9.77 -0.99 -0.34
N ILE A 75 -10.46 -1.93 0.30
CA ILE A 75 -9.88 -3.23 0.57
C ILE A 75 -9.34 -3.83 -0.72
N VAL A 76 -8.03 -4.04 -0.72
CA VAL A 76 -7.36 -4.60 -1.89
C VAL A 76 -6.62 -5.88 -1.48
N THR A 77 -7.05 -6.44 -0.37
CA THR A 77 -6.43 -7.66 0.13
C THR A 77 -6.62 -8.80 -0.86
N ASP A 78 -7.64 -8.66 -1.68
CA ASP A 78 -7.95 -9.68 -2.69
C ASP A 78 -8.02 -9.02 -4.06
N TYR A 79 -7.31 -7.91 -4.20
CA TYR A 79 -7.28 -7.18 -5.46
C TYR A 79 -6.07 -7.59 -6.30
N THR A 80 -6.24 -7.47 -7.61
CA THR A 80 -5.17 -7.81 -8.53
C THR A 80 -4.31 -6.58 -8.84
N LEU A 81 -3.08 -6.84 -9.25
CA LEU A 81 -2.16 -5.77 -9.58
C LEU A 81 -2.91 -4.66 -10.30
N ALA A 82 -3.42 -5.00 -11.48
CA ALA A 82 -4.16 -4.04 -12.28
C ALA A 82 -5.19 -3.33 -11.39
N GLU A 83 -6.15 -4.11 -10.91
CA GLU A 83 -7.20 -3.58 -10.06
C GLU A 83 -6.62 -2.54 -9.10
N ALA A 84 -5.81 -3.03 -8.17
CA ALA A 84 -5.19 -2.16 -7.18
C ALA A 84 -4.47 -1.02 -7.90
N GLU A 85 -3.43 -1.39 -8.63
CA GLU A 85 -2.66 -0.41 -9.38
C GLU A 85 -3.57 0.68 -9.94
N ALA A 86 -4.48 0.25 -10.80
CA ALA A 86 -5.42 1.18 -11.42
C ALA A 86 -6.20 1.91 -10.32
N ALA A 87 -6.84 1.13 -9.46
CA ALA A 87 -7.62 1.69 -8.38
C ALA A 87 -6.86 2.88 -7.77
N LEU A 88 -5.76 2.57 -7.13
CA LEU A 88 -4.94 3.60 -6.50
C LEU A 88 -4.85 4.81 -7.44
N GLN A 89 -4.49 4.53 -8.69
CA GLN A 89 -4.37 5.58 -9.68
C GLN A 89 -5.64 6.44 -9.70
N LYS A 90 -6.75 5.78 -9.97
CA LYS A 90 -8.04 6.47 -10.02
C LYS A 90 -8.08 7.54 -8.92
N ALA A 91 -7.81 7.10 -7.70
CA ALA A 91 -7.82 8.00 -6.56
C ALA A 91 -7.02 9.26 -6.91
N TRP A 92 -5.72 9.08 -7.04
CA TRP A 92 -4.83 10.17 -7.37
C TRP A 92 -5.42 10.90 -8.58
N ASN A 93 -5.73 10.11 -9.60
CA ASN A 93 -6.30 10.67 -10.82
C ASN A 93 -7.37 11.70 -10.46
N GLN A 94 -8.28 11.29 -9.60
CA GLN A 94 -9.35 12.16 -9.16
C GLN A 94 -8.86 13.60 -9.08
N GLY A 95 -7.67 13.75 -8.51
CA GLY A 95 -7.08 15.07 -8.35
C GLY A 95 -7.33 15.62 -6.95
N GLY A 96 -7.40 14.71 -6.00
CA GLY A 96 -7.63 15.09 -4.61
C GLY A 96 -6.47 15.93 -4.07
N ASP A 97 -6.51 16.16 -2.77
CA ASP A 97 -5.47 16.95 -2.12
C ASP A 97 -4.44 16.02 -1.49
N TRP A 98 -4.95 14.99 -0.83
CA TRP A 98 -4.09 14.02 -0.18
C TRP A 98 -4.72 12.63 -0.35
N ILE A 99 -3.91 11.62 -0.14
CA ILE A 99 -4.37 10.24 -0.26
C ILE A 99 -3.94 9.45 0.97
N ASP A 100 -4.91 8.76 1.56
CA ASP A 100 -4.64 7.96 2.75
C ASP A 100 -4.43 6.50 2.33
N LEU A 101 -3.18 6.07 2.43
CA LEU A 101 -2.82 4.71 2.08
C LEU A 101 -2.80 3.84 3.34
N VAL A 102 -3.57 2.76 3.29
CA VAL A 102 -3.65 1.85 4.42
C VAL A 102 -2.76 0.63 4.14
N VAL A 103 -1.58 0.64 4.74
CA VAL A 103 -0.63 -0.45 4.56
C VAL A 103 -0.05 -0.82 5.93
N ALA A 104 0.12 -2.13 6.12
CA ALA A 104 0.67 -2.64 7.36
C ALA A 104 2.16 -2.31 7.43
N VAL A 105 2.72 -2.51 8.61
CA VAL A 105 4.13 -2.24 8.83
C VAL A 105 4.94 -3.51 8.53
N CYS A 106 6.18 -3.30 8.11
CA CYS A 106 7.06 -4.41 7.77
C CYS A 106 8.41 -3.84 7.36
N PRO A 107 9.46 -4.19 8.15
CA PRO A 107 10.81 -3.72 7.87
C PRO A 107 11.41 -4.47 6.68
N PRO A 108 12.36 -3.78 5.99
CA PRO A 108 13.02 -4.37 4.84
C PRO A 108 14.05 -5.42 5.28
N LYS A 109 13.73 -6.67 4.96
CA LYS A 109 14.61 -7.77 5.32
C LYS A 109 14.77 -8.69 4.10
N GLU A 110 13.64 -9.09 3.55
CA GLU A 110 13.65 -9.97 2.39
C GLU A 110 14.21 -11.34 2.76
N TYR A 111 13.34 -12.34 2.75
CA TYR A 111 13.74 -13.69 3.09
C TYR A 111 12.57 -14.66 2.95
N ASP A 112 12.49 -15.30 1.80
CA ASP A 112 11.43 -16.25 1.52
C ASP A 112 11.89 -17.23 0.45
N ASP A 113 12.10 -18.47 0.88
CA ASP A 113 12.54 -19.51 -0.04
C ASP A 113 12.37 -20.88 0.64
N GLU A 114 11.42 -21.65 0.12
CA GLU A 114 11.15 -22.97 0.66
C GLU A 114 10.28 -23.77 -0.32
N LEU A 115 10.91 -24.21 -1.40
CA LEU A 115 10.22 -24.98 -2.41
C LEU A 115 11.19 -25.35 -3.52
N THR A 116 11.34 -26.65 -3.73
CA THR A 116 12.24 -27.15 -4.76
C THR A 116 11.73 -26.76 -6.14
N PHE A 117 10.51 -26.24 -6.17
CA PHE A 117 9.89 -25.82 -7.42
C PHE A 117 10.00 -26.92 -8.47
N PHE A 118 9.18 -27.95 -8.31
CA PHE A 118 9.16 -29.07 -9.23
C PHE A 118 10.58 -29.59 -9.47
N GLY A 1 -16.54 11.85 13.03
CA GLY A 1 -17.27 12.14 11.80
C GLY A 1 -16.67 11.35 10.63
N SER A 2 -15.43 11.69 10.29
CA SER A 2 -14.76 11.03 9.20
C SER A 2 -14.36 9.61 9.61
N GLU A 3 -13.97 8.82 8.62
CA GLU A 3 -13.58 7.45 8.85
C GLU A 3 -12.06 7.29 8.66
N GLY A 4 -11.48 6.42 9.47
CA GLY A 4 -10.05 6.17 9.38
C GLY A 4 -9.77 4.75 8.91
N ALA A 5 -8.99 4.04 9.71
CA ALA A 5 -8.63 2.66 9.40
C ALA A 5 -8.95 1.77 10.59
N ALA A 6 -8.40 0.57 10.56
CA ALA A 6 -8.62 -0.39 11.64
C ALA A 6 -10.11 -0.49 11.92
N THR A 7 -10.84 -0.90 10.89
CA THR A 7 -12.29 -1.04 11.01
C THR A 7 -12.86 -1.79 9.81
N MET A 8 -12.53 -1.28 8.63
CA MET A 8 -12.99 -1.88 7.39
C MET A 8 -12.68 -3.38 7.37
N PHE A 9 -11.56 -3.74 7.96
CA PHE A 9 -11.15 -5.13 8.02
C PHE A 9 -11.94 -5.90 9.08
N SER A 10 -11.89 -7.22 8.97
CA SER A 10 -12.60 -8.07 9.91
C SER A 10 -11.78 -8.23 11.19
N PRO A 11 -12.46 -8.79 12.23
CA PRO A 11 -11.80 -9.00 13.51
C PRO A 11 -10.84 -10.18 13.45
N GLU A 12 -11.21 -11.17 12.65
CA GLU A 12 -10.39 -12.36 12.50
C GLU A 12 -9.38 -12.17 11.36
N GLN A 13 -9.16 -10.90 11.02
CA GLN A 13 -8.24 -10.57 9.95
C GLN A 13 -7.06 -9.75 10.51
N ILE A 14 -7.41 -8.68 11.21
CA ILE A 14 -6.40 -7.81 11.79
C ILE A 14 -5.82 -8.48 13.04
N ALA A 15 -6.71 -8.77 13.98
CA ALA A 15 -6.30 -9.41 15.22
C ALA A 15 -5.36 -8.47 15.99
N GLY A 16 -4.23 -9.01 16.38
CA GLY A 16 -3.24 -8.25 17.11
C GLY A 16 -2.16 -7.69 16.17
N LYS A 17 -2.57 -7.47 14.93
CA LYS A 17 -1.66 -6.94 13.93
C LYS A 17 -1.33 -5.49 14.26
N ASP A 18 -0.32 -4.98 13.57
CA ASP A 18 0.11 -3.60 13.79
C ASP A 18 0.17 -2.88 12.44
N VAL A 19 -0.97 -2.29 12.07
CA VAL A 19 -1.05 -1.56 10.83
C VAL A 19 -1.34 -0.08 11.12
N ARG A 20 -0.86 0.78 10.22
CA ARG A 20 -1.05 2.21 10.37
C ARG A 20 -1.60 2.80 9.07
N LEU A 21 -1.89 4.10 9.13
CA LEU A 21 -2.41 4.80 7.98
C LEU A 21 -1.50 5.98 7.64
N LEU A 22 -0.98 5.96 6.42
CA LEU A 22 -0.09 7.01 5.96
C LEU A 22 -0.80 7.84 4.87
N ARG A 23 -0.91 9.12 5.14
CA ARG A 23 -1.56 10.03 4.20
C ARG A 23 -0.52 10.67 3.28
N ILE A 24 -0.75 10.52 1.99
CA ILE A 24 0.15 11.07 0.99
C ILE A 24 -0.53 12.25 0.28
N LYS A 25 0.29 13.14 -0.24
CA LYS A 25 -0.22 14.31 -0.94
C LYS A 25 -0.35 13.99 -2.44
N LYS A 26 -1.32 14.63 -3.06
CA LYS A 26 -1.56 14.43 -4.48
C LYS A 26 -0.97 15.59 -5.28
N GLU A 27 0.33 15.48 -5.54
CA GLU A 27 1.03 16.52 -6.28
C GLU A 27 1.69 15.92 -7.52
N GLY A 28 1.47 16.57 -8.65
CA GLY A 28 2.06 16.12 -9.91
C GLY A 28 1.59 14.70 -10.24
N SER A 29 2.22 13.73 -9.61
CA SER A 29 1.87 12.34 -9.83
C SER A 29 2.33 11.48 -8.65
N LEU A 30 1.99 10.20 -8.72
CA LEU A 30 2.36 9.28 -7.66
C LEU A 30 3.57 8.46 -8.12
N ASP A 31 3.57 8.11 -9.39
CA ASP A 31 4.65 7.33 -9.96
C ASP A 31 5.07 6.23 -8.98
N LEU A 32 4.13 5.31 -8.73
CA LEU A 32 4.38 4.23 -7.81
C LEU A 32 4.12 2.89 -8.54
N ALA A 33 4.98 1.92 -8.22
CA ALA A 33 4.86 0.60 -8.84
C ALA A 33 4.33 -0.38 -7.79
N LEU A 34 3.58 -1.37 -8.28
CA LEU A 34 3.02 -2.38 -7.41
C LEU A 34 3.33 -3.77 -7.98
N GLU A 35 3.29 -4.75 -7.09
CA GLU A 35 3.56 -6.12 -7.50
C GLU A 35 2.91 -7.10 -6.52
N GLY A 36 2.60 -8.28 -7.04
CA GLY A 36 1.97 -9.30 -6.22
C GLY A 36 0.46 -9.37 -6.48
N GLY A 37 -0.28 -9.66 -5.42
CA GLY A 37 -1.72 -9.75 -5.52
C GLY A 37 -2.14 -10.91 -6.43
N VAL A 38 -3.38 -10.85 -6.89
CA VAL A 38 -3.91 -11.88 -7.76
C VAL A 38 -3.31 -13.24 -7.36
N ASP A 39 -3.18 -14.10 -8.35
CA ASP A 39 -2.62 -15.42 -8.12
C ASP A 39 -1.09 -15.37 -8.28
N SER A 40 -0.49 -14.42 -7.58
CA SER A 40 0.96 -14.25 -7.64
C SER A 40 1.62 -15.02 -6.50
N PRO A 41 2.97 -14.99 -6.49
CA PRO A 41 3.73 -15.66 -5.46
C PRO A 41 3.68 -14.89 -4.14
N VAL A 42 3.36 -13.62 -4.25
CA VAL A 42 3.27 -12.76 -3.08
C VAL A 42 2.00 -13.10 -2.30
N GLY A 43 0.86 -12.81 -2.93
CA GLY A 43 -0.42 -13.08 -2.32
C GLY A 43 -0.94 -11.85 -1.56
N LYS A 44 -0.48 -10.70 -2.00
CA LYS A 44 -0.88 -9.44 -1.38
C LYS A 44 -0.38 -8.27 -2.23
N VAL A 45 -0.76 -7.07 -1.81
CA VAL A 45 -0.35 -5.86 -2.51
C VAL A 45 0.84 -5.23 -1.79
N VAL A 46 1.96 -5.18 -2.49
CA VAL A 46 3.17 -4.61 -1.94
C VAL A 46 3.83 -3.70 -2.98
N VAL A 47 4.22 -2.53 -2.53
CA VAL A 47 4.87 -1.57 -3.42
C VAL A 47 6.14 -2.19 -4.00
N SER A 48 6.14 -2.33 -5.32
CA SER A 48 7.28 -2.91 -6.01
C SER A 48 8.46 -1.94 -5.98
N ALA A 49 8.16 -0.69 -6.31
CA ALA A 49 9.19 0.33 -6.32
C ALA A 49 8.53 1.71 -6.41
N VAL A 50 8.98 2.61 -5.55
CA VAL A 50 8.44 3.96 -5.52
C VAL A 50 9.43 4.92 -6.20
N TYR A 51 9.14 5.21 -7.46
CA TYR A 51 9.98 6.11 -8.23
C TYR A 51 10.22 7.43 -7.49
N GLU A 52 11.48 7.70 -7.23
CA GLU A 52 11.86 8.92 -6.53
C GLU A 52 11.18 10.14 -7.18
N GLY A 53 10.82 9.97 -8.44
CA GLY A 53 10.18 11.04 -9.18
C GLY A 53 8.65 10.96 -9.05
N GLY A 54 8.21 10.82 -7.81
CA GLY A 54 6.79 10.73 -7.53
C GLY A 54 6.44 11.39 -6.20
N ALA A 55 5.16 11.41 -5.89
CA ALA A 55 4.68 12.01 -4.66
C ALA A 55 5.01 11.08 -3.48
N ALA A 56 4.81 9.79 -3.72
CA ALA A 56 5.08 8.80 -2.69
C ALA A 56 6.39 9.15 -1.98
N GLU A 57 7.46 9.20 -2.75
CA GLU A 57 8.77 9.52 -2.21
C GLU A 57 8.71 10.85 -1.44
N ARG A 58 8.03 11.81 -2.05
CA ARG A 58 7.88 13.12 -1.44
C ARG A 58 7.45 13.00 0.02
N HIS A 59 6.41 12.20 0.22
CA HIS A 59 5.88 11.98 1.56
C HIS A 59 7.02 11.60 2.51
N GLY A 60 7.63 10.46 2.22
CA GLY A 60 8.74 9.98 3.03
C GLY A 60 8.23 9.13 4.20
N GLY A 61 7.90 7.88 3.89
CA GLY A 61 7.39 6.97 4.90
C GLY A 61 7.09 5.60 4.29
N VAL A 62 6.23 5.61 3.28
CA VAL A 62 5.84 4.38 2.61
C VAL A 62 6.79 4.14 1.42
N VAL A 63 7.48 3.01 1.48
CA VAL A 63 8.41 2.66 0.42
C VAL A 63 8.04 1.28 -0.14
N LYS A 64 9.00 0.67 -0.82
CA LYS A 64 8.78 -0.64 -1.40
C LYS A 64 8.80 -1.70 -0.30
N GLY A 65 7.88 -2.64 -0.41
CA GLY A 65 7.78 -3.71 0.57
C GLY A 65 6.59 -3.49 1.50
N ASP A 66 6.16 -2.24 1.58
CA ASP A 66 5.03 -1.89 2.43
C ASP A 66 3.85 -2.80 2.10
N GLU A 67 3.27 -3.36 3.15
CA GLU A 67 2.13 -4.25 3.00
C GLU A 67 0.85 -3.44 2.75
N ILE A 68 0.48 -3.34 1.48
CA ILE A 68 -0.71 -2.60 1.11
C ILE A 68 -1.95 -3.46 1.41
N MET A 69 -2.95 -2.80 1.97
CA MET A 69 -4.19 -3.48 2.32
C MET A 69 -5.40 -2.69 1.83
N ALA A 70 -5.36 -1.39 2.10
CA ALA A 70 -6.45 -0.51 1.69
C ALA A 70 -5.87 0.70 0.97
N ILE A 71 -6.64 1.18 -0.01
CA ILE A 71 -6.22 2.34 -0.78
C ILE A 71 -7.31 3.41 -0.73
N ASN A 72 -7.00 4.47 0.01
CA ASN A 72 -7.94 5.57 0.15
C ASN A 72 -9.20 5.07 0.86
N GLY A 73 -9.08 3.89 1.46
CA GLY A 73 -10.20 3.29 2.17
C GLY A 73 -10.57 1.94 1.57
N LYS A 74 -10.77 1.95 0.25
CA LYS A 74 -11.14 0.72 -0.45
C LYS A 74 -10.13 -0.37 -0.10
N ILE A 75 -10.67 -1.56 0.16
CA ILE A 75 -9.84 -2.70 0.51
C ILE A 75 -9.20 -3.27 -0.76
N VAL A 76 -7.90 -3.52 -0.67
CA VAL A 76 -7.17 -4.07 -1.80
C VAL A 76 -6.49 -5.37 -1.38
N THR A 77 -7.04 -5.98 -0.34
CA THR A 77 -6.51 -7.23 0.16
C THR A 77 -6.53 -8.30 -0.92
N ASP A 78 -7.72 -8.52 -1.48
CA ASP A 78 -7.89 -9.51 -2.52
C ASP A 78 -7.98 -8.80 -3.88
N TYR A 79 -7.23 -7.71 -4.00
CA TYR A 79 -7.22 -6.95 -5.23
C TYR A 79 -6.06 -7.36 -6.13
N THR A 80 -6.30 -7.28 -7.43
CA THR A 80 -5.28 -7.64 -8.40
C THR A 80 -4.43 -6.42 -8.75
N LEU A 81 -3.22 -6.69 -9.24
CA LEU A 81 -2.30 -5.64 -9.62
C LEU A 81 -3.07 -4.53 -10.34
N ALA A 82 -3.65 -4.90 -11.47
CA ALA A 82 -4.41 -3.95 -12.26
C ALA A 82 -5.40 -3.20 -11.36
N GLU A 83 -6.24 -3.97 -10.69
CA GLU A 83 -7.22 -3.40 -9.79
C GLU A 83 -6.58 -2.31 -8.93
N ALA A 84 -5.70 -2.73 -8.04
CA ALA A 84 -5.01 -1.80 -7.16
C ALA A 84 -4.33 -0.72 -7.99
N GLU A 85 -3.36 -1.16 -8.78
CA GLU A 85 -2.61 -0.25 -9.64
C GLU A 85 -3.55 0.82 -10.20
N ALA A 86 -4.60 0.36 -10.87
CA ALA A 86 -5.57 1.26 -11.46
C ALA A 86 -6.25 2.07 -10.35
N ALA A 87 -6.89 1.35 -9.44
CA ALA A 87 -7.59 1.97 -8.34
C ALA A 87 -6.75 3.14 -7.80
N LEU A 88 -5.60 2.79 -7.23
CA LEU A 88 -4.70 3.79 -6.68
C LEU A 88 -4.64 4.99 -7.63
N GLN A 89 -4.21 4.71 -8.86
CA GLN A 89 -4.10 5.75 -9.86
C GLN A 89 -5.40 6.57 -9.93
N LYS A 90 -6.49 5.86 -10.21
CA LYS A 90 -7.78 6.51 -10.30
C LYS A 90 -7.92 7.54 -9.19
N ALA A 91 -7.94 7.04 -7.96
CA ALA A 91 -8.07 7.89 -6.80
C ALA A 91 -7.19 9.13 -6.98
N TRP A 92 -5.97 8.89 -7.45
CA TRP A 92 -5.03 9.96 -7.68
C TRP A 92 -5.58 10.85 -8.80
N ASN A 93 -6.03 10.20 -9.85
CA ASN A 93 -6.58 10.92 -11.00
C ASN A 93 -7.78 11.75 -10.53
N GLN A 94 -8.63 11.10 -9.76
CA GLN A 94 -9.82 11.77 -9.24
C GLN A 94 -9.51 13.23 -8.90
N GLY A 95 -8.49 13.40 -8.07
CA GLY A 95 -8.08 14.74 -7.66
C GLY A 95 -7.66 14.75 -6.19
N GLY A 96 -8.58 15.20 -5.35
CA GLY A 96 -8.31 15.26 -3.92
C GLY A 96 -7.01 16.02 -3.64
N ASP A 97 -6.76 16.26 -2.36
CA ASP A 97 -5.57 16.97 -1.95
C ASP A 97 -4.51 15.96 -1.52
N TRP A 98 -4.95 14.97 -0.75
CA TRP A 98 -4.05 13.94 -0.27
C TRP A 98 -4.79 12.60 -0.32
N ILE A 99 -4.01 11.53 -0.39
CA ILE A 99 -4.59 10.20 -0.44
C ILE A 99 -4.25 9.45 0.85
N ASP A 100 -5.07 8.46 1.15
CA ASP A 100 -4.87 7.66 2.35
C ASP A 100 -4.40 6.26 1.96
N LEU A 101 -3.38 5.79 2.65
CA LEU A 101 -2.84 4.47 2.39
C LEU A 101 -2.67 3.71 3.71
N VAL A 102 -3.41 2.62 3.81
CA VAL A 102 -3.36 1.79 5.01
C VAL A 102 -2.44 0.60 4.77
N VAL A 103 -1.20 0.73 5.24
CA VAL A 103 -0.22 -0.32 5.08
C VAL A 103 0.15 -0.86 6.46
N ALA A 104 0.48 -2.16 6.48
CA ALA A 104 0.85 -2.82 7.71
C ALA A 104 2.32 -2.53 8.01
N VAL A 105 2.63 -2.46 9.30
CA VAL A 105 3.99 -2.20 9.72
C VAL A 105 4.87 -3.41 9.39
N CYS A 106 6.15 -3.14 9.20
CA CYS A 106 7.10 -4.20 8.88
C CYS A 106 8.46 -3.81 9.46
N PRO A 107 8.96 -4.69 10.37
CA PRO A 107 10.25 -4.46 11.01
C PRO A 107 11.40 -4.74 10.04
N PRO A 108 12.59 -4.20 10.39
CA PRO A 108 13.77 -4.39 9.56
C PRO A 108 14.33 -5.80 9.72
N LYS A 109 14.21 -6.57 8.66
CA LYS A 109 14.69 -7.95 8.67
C LYS A 109 15.51 -8.20 7.39
N GLU A 110 14.90 -7.89 6.26
CA GLU A 110 15.55 -8.08 4.98
C GLU A 110 15.80 -9.56 4.72
N TYR A 111 15.16 -10.07 3.68
CA TYR A 111 15.30 -11.47 3.31
C TYR A 111 14.49 -11.79 2.06
N ASP A 112 15.21 -12.21 1.02
CA ASP A 112 14.59 -12.55 -0.24
C ASP A 112 15.53 -13.43 -1.05
N ASP A 113 16.75 -12.95 -1.21
CA ASP A 113 17.75 -13.69 -1.96
C ASP A 113 17.13 -14.22 -3.25
N GLU A 114 17.25 -13.42 -4.30
CA GLU A 114 16.70 -13.80 -5.59
C GLU A 114 17.42 -13.04 -6.71
N LEU A 115 18.51 -13.62 -7.17
CA LEU A 115 19.29 -13.01 -8.23
C LEU A 115 19.32 -13.94 -9.44
N THR A 116 20.49 -14.53 -9.67
CA THR A 116 20.65 -15.44 -10.79
C THR A 116 21.88 -16.33 -10.57
N PHE A 117 21.65 -17.64 -10.69
CA PHE A 117 22.72 -18.60 -10.49
C PHE A 117 24.04 -18.07 -11.09
N PHE A 118 23.91 -17.42 -12.23
CA PHE A 118 25.08 -16.87 -12.90
C PHE A 118 24.67 -15.85 -13.96
N GLY A 1 -10.79 6.90 10.78
CA GLY A 1 -11.30 6.61 12.11
C GLY A 1 -10.28 6.98 13.18
N SER A 2 -10.26 6.19 14.24
CA SER A 2 -9.34 6.43 15.34
C SER A 2 -8.03 5.69 15.09
N GLU A 3 -7.11 6.37 14.43
CA GLU A 3 -5.82 5.78 14.11
C GLU A 3 -5.99 4.59 13.18
N GLY A 4 -6.33 4.89 11.94
CA GLY A 4 -6.53 3.86 10.94
C GLY A 4 -7.92 3.23 11.06
N ALA A 5 -8.45 2.83 9.92
CA ALA A 5 -9.77 2.21 9.89
C ALA A 5 -9.78 0.99 10.81
N ALA A 6 -9.02 -0.02 10.41
CA ALA A 6 -8.94 -1.24 11.19
C ALA A 6 -10.35 -1.80 11.41
N THR A 7 -11.25 -1.41 10.52
CA THR A 7 -12.63 -1.87 10.61
C THR A 7 -12.97 -2.78 9.43
N MET A 8 -12.74 -2.26 8.23
CA MET A 8 -13.02 -3.01 7.03
C MET A 8 -12.58 -4.46 7.17
N PHE A 9 -11.33 -4.64 7.56
CA PHE A 9 -10.77 -5.97 7.75
C PHE A 9 -11.41 -6.66 8.95
N SER A 10 -11.31 -7.98 8.95
CA SER A 10 -11.86 -8.77 10.04
C SER A 10 -11.21 -8.36 11.36
N PRO A 11 -11.92 -8.71 12.48
CA PRO A 11 -11.42 -8.38 13.81
C PRO A 11 -10.26 -9.31 14.21
N GLU A 12 -10.07 -10.34 13.40
CA GLU A 12 -9.00 -11.30 13.65
C GLU A 12 -7.91 -11.17 12.60
N GLN A 13 -8.16 -10.28 11.64
CA GLN A 13 -7.21 -10.04 10.56
C GLN A 13 -6.44 -8.74 10.80
N ILE A 14 -6.65 -8.17 11.98
CA ILE A 14 -6.00 -6.93 12.34
C ILE A 14 -5.39 -7.07 13.73
N ALA A 15 -6.19 -7.62 14.64
CA ALA A 15 -5.74 -7.82 16.01
C ALA A 15 -4.27 -8.26 16.00
N GLY A 16 -3.41 -7.35 16.43
CA GLY A 16 -1.99 -7.63 16.49
C GLY A 16 -1.25 -6.95 15.33
N LYS A 17 -1.80 -7.11 14.14
CA LYS A 17 -1.21 -6.51 12.95
C LYS A 17 -0.90 -5.04 13.23
N ASP A 18 0.19 -4.58 12.63
CA ASP A 18 0.61 -3.20 12.80
C ASP A 18 0.21 -2.39 11.56
N VAL A 19 -1.02 -1.90 11.58
CA VAL A 19 -1.53 -1.11 10.47
C VAL A 19 -1.39 0.38 10.80
N ARG A 20 -0.88 1.11 9.82
CA ARG A 20 -0.68 2.55 9.99
C ARG A 20 -1.30 3.31 8.82
N LEU A 21 -2.21 4.20 9.14
CA LEU A 21 -2.88 5.00 8.12
C LEU A 21 -1.99 6.18 7.75
N LEU A 22 -1.40 6.10 6.57
CA LEU A 22 -0.53 7.15 6.08
C LEU A 22 -1.32 8.07 5.15
N ARG A 23 -0.86 9.32 5.08
CA ARG A 23 -1.52 10.30 4.24
C ARG A 23 -0.50 10.95 3.29
N ILE A 24 -0.52 10.49 2.05
CA ILE A 24 0.39 11.01 1.05
C ILE A 24 -0.21 12.27 0.42
N LYS A 25 0.64 13.28 0.23
CA LYS A 25 0.21 14.53 -0.36
C LYS A 25 0.05 14.36 -1.86
N LYS A 26 -0.93 15.05 -2.40
CA LYS A 26 -1.20 14.99 -3.83
C LYS A 26 -0.50 16.16 -4.54
N GLU A 27 0.76 15.94 -4.86
CA GLU A 27 1.55 16.96 -5.54
C GLU A 27 2.19 16.39 -6.80
N GLY A 28 2.13 17.17 -7.86
CA GLY A 28 2.70 16.76 -9.14
C GLY A 28 1.98 15.51 -9.67
N SER A 29 2.37 14.37 -9.13
CA SER A 29 1.78 13.11 -9.55
C SER A 29 1.97 12.05 -8.46
N LEU A 30 1.66 10.81 -8.82
CA LEU A 30 1.80 9.71 -7.88
C LEU A 30 3.13 9.01 -8.13
N ASP A 31 3.27 8.48 -9.33
CA ASP A 31 4.49 7.77 -9.71
C ASP A 31 4.81 6.72 -8.65
N LEU A 32 4.17 5.57 -8.81
CA LEU A 32 4.37 4.47 -7.87
C LEU A 32 4.20 3.14 -8.61
N ALA A 33 4.85 2.11 -8.08
CA ALA A 33 4.77 0.79 -8.68
C ALA A 33 4.21 -0.19 -7.65
N LEU A 34 3.49 -1.18 -8.16
CA LEU A 34 2.89 -2.19 -7.30
C LEU A 34 3.24 -3.58 -7.85
N GLU A 35 3.20 -4.56 -6.95
CA GLU A 35 3.51 -5.94 -7.32
C GLU A 35 2.84 -6.90 -6.36
N GLY A 36 2.42 -8.04 -6.90
CA GLY A 36 1.77 -9.06 -6.09
C GLY A 36 0.31 -9.23 -6.49
N GLY A 37 -0.52 -9.56 -5.50
CA GLY A 37 -1.93 -9.76 -5.74
C GLY A 37 -2.18 -10.92 -6.70
N VAL A 38 -3.33 -10.88 -7.34
CA VAL A 38 -3.70 -11.93 -8.28
C VAL A 38 -3.13 -13.26 -7.80
N ASP A 39 -2.81 -14.12 -8.76
CA ASP A 39 -2.26 -15.43 -8.44
C ASP A 39 -0.74 -15.32 -8.33
N SER A 40 -0.30 -14.37 -7.53
CA SER A 40 1.12 -14.15 -7.33
C SER A 40 1.62 -15.01 -6.15
N PRO A 41 2.96 -15.11 -6.05
CA PRO A 41 3.57 -15.88 -4.98
C PRO A 41 3.49 -15.14 -3.65
N VAL A 42 3.03 -13.89 -3.72
CA VAL A 42 2.90 -13.07 -2.54
C VAL A 42 1.50 -13.25 -1.95
N GLY A 43 0.51 -12.94 -2.76
CA GLY A 43 -0.88 -13.07 -2.33
C GLY A 43 -1.33 -11.81 -1.58
N LYS A 44 -0.73 -10.69 -1.96
CA LYS A 44 -1.07 -9.42 -1.33
C LYS A 44 -0.49 -8.28 -2.17
N VAL A 45 -0.85 -7.06 -1.79
CA VAL A 45 -0.35 -5.88 -2.48
C VAL A 45 0.87 -5.32 -1.75
N VAL A 46 1.93 -5.12 -2.50
CA VAL A 46 3.16 -4.59 -1.95
C VAL A 46 3.77 -3.59 -2.92
N VAL A 47 4.19 -2.46 -2.36
CA VAL A 47 4.79 -1.41 -3.17
C VAL A 47 6.01 -1.96 -3.91
N SER A 48 5.93 -1.94 -5.23
CA SER A 48 7.02 -2.45 -6.05
C SER A 48 8.20 -1.47 -6.01
N ALA A 49 7.89 -0.20 -6.23
CA ALA A 49 8.92 0.83 -6.21
C ALA A 49 8.25 2.20 -6.15
N VAL A 50 8.92 3.12 -5.46
CA VAL A 50 8.40 4.47 -5.33
C VAL A 50 9.17 5.40 -6.27
N TYR A 51 8.67 5.52 -7.48
CA TYR A 51 9.29 6.37 -8.48
C TYR A 51 9.67 7.72 -7.88
N GLU A 52 10.96 8.02 -7.96
CA GLU A 52 11.46 9.28 -7.44
C GLU A 52 10.89 10.46 -8.22
N GLY A 53 10.70 11.56 -7.52
CA GLY A 53 10.15 12.76 -8.13
C GLY A 53 8.65 12.88 -7.85
N GLY A 54 7.98 11.75 -7.93
CA GLY A 54 6.54 11.72 -7.69
C GLY A 54 6.21 12.22 -6.29
N ALA A 55 4.95 12.07 -5.92
CA ALA A 55 4.49 12.50 -4.61
C ALA A 55 4.83 11.41 -3.58
N ALA A 56 4.63 10.17 -3.99
CA ALA A 56 4.92 9.05 -3.11
C ALA A 56 6.31 9.23 -2.48
N GLU A 57 7.29 9.42 -3.34
CA GLU A 57 8.65 9.62 -2.88
C GLU A 57 8.74 10.84 -1.98
N ARG A 58 8.14 11.92 -2.45
CA ARG A 58 8.14 13.17 -1.69
C ARG A 58 7.66 12.92 -0.26
N HIS A 59 6.47 12.34 -0.17
CA HIS A 59 5.89 12.05 1.13
C HIS A 59 6.96 11.53 2.08
N GLY A 60 7.51 10.37 1.73
CA GLY A 60 8.54 9.75 2.53
C GLY A 60 7.96 9.00 3.72
N GLY A 61 6.96 8.18 3.42
CA GLY A 61 6.30 7.40 4.45
C GLY A 61 6.34 5.91 4.12
N VAL A 62 5.69 5.56 3.02
CA VAL A 62 5.65 4.17 2.58
C VAL A 62 6.75 3.92 1.55
N VAL A 63 7.38 2.77 1.66
CA VAL A 63 8.44 2.40 0.74
C VAL A 63 8.03 1.19 -0.07
N LYS A 64 9.01 0.56 -0.71
CA LYS A 64 8.76 -0.62 -1.51
C LYS A 64 8.76 -1.86 -0.62
N GLY A 65 8.00 -2.86 -1.05
CA GLY A 65 7.92 -4.10 -0.31
C GLY A 65 7.17 -3.89 1.02
N ASP A 66 6.10 -3.12 0.94
CA ASP A 66 5.29 -2.83 2.12
C ASP A 66 4.14 -3.84 2.21
N GLU A 67 3.27 -3.60 3.17
CA GLU A 67 2.13 -4.47 3.38
C GLU A 67 0.82 -3.72 3.09
N ILE A 68 0.57 -3.50 1.82
CA ILE A 68 -0.63 -2.79 1.40
C ILE A 68 -1.84 -3.71 1.60
N MET A 69 -2.97 -3.08 1.90
CA MET A 69 -4.21 -3.82 2.12
C MET A 69 -5.41 -3.03 1.63
N ALA A 70 -5.44 -1.75 2.00
CA ALA A 70 -6.54 -0.88 1.60
C ALA A 70 -5.96 0.40 1.01
N ILE A 71 -6.62 0.88 -0.04
CA ILE A 71 -6.19 2.10 -0.70
C ILE A 71 -7.30 3.14 -0.62
N ASN A 72 -6.96 4.27 -0.03
CA ASN A 72 -7.91 5.37 0.13
C ASN A 72 -9.26 4.78 0.57
N GLY A 73 -9.19 3.65 1.25
CA GLY A 73 -10.39 3.00 1.74
C GLY A 73 -10.95 2.04 0.68
N LYS A 74 -10.05 1.36 -0.01
CA LYS A 74 -10.44 0.42 -1.03
C LYS A 74 -9.70 -0.90 -0.83
N ILE A 75 -10.36 -1.82 -0.15
CA ILE A 75 -9.79 -3.12 0.12
C ILE A 75 -9.10 -3.64 -1.14
N VAL A 76 -7.83 -3.98 -1.00
CA VAL A 76 -7.05 -4.50 -2.11
C VAL A 76 -6.49 -5.87 -1.74
N THR A 77 -7.12 -6.49 -0.76
CA THR A 77 -6.69 -7.80 -0.30
C THR A 77 -6.70 -8.79 -1.47
N ASP A 78 -7.90 -9.09 -1.96
CA ASP A 78 -8.04 -10.02 -3.06
C ASP A 78 -8.12 -9.24 -4.37
N TYR A 79 -7.26 -8.24 -4.48
CA TYR A 79 -7.22 -7.40 -5.67
C TYR A 79 -6.01 -7.75 -6.54
N THR A 80 -6.19 -7.59 -7.84
CA THR A 80 -5.13 -7.87 -8.79
C THR A 80 -4.33 -6.61 -9.10
N LEU A 81 -3.12 -6.82 -9.57
CA LEU A 81 -2.24 -5.71 -9.93
C LEU A 81 -3.07 -4.61 -10.59
N ALA A 82 -3.64 -4.95 -11.74
CA ALA A 82 -4.45 -4.00 -12.49
C ALA A 82 -5.40 -3.28 -11.52
N GLU A 83 -6.30 -4.06 -10.93
CA GLU A 83 -7.26 -3.52 -10.00
C GLU A 83 -6.61 -2.46 -9.12
N ALA A 84 -5.72 -2.93 -8.25
CA ALA A 84 -5.01 -2.03 -7.35
C ALA A 84 -4.37 -0.91 -8.15
N GLU A 85 -3.39 -1.30 -8.97
CA GLU A 85 -2.69 -0.34 -9.79
C GLU A 85 -3.64 0.76 -10.29
N ALA A 86 -4.73 0.31 -10.90
CA ALA A 86 -5.73 1.22 -11.42
C ALA A 86 -6.37 1.98 -10.26
N ALA A 87 -6.96 1.22 -9.35
CA ALA A 87 -7.61 1.80 -8.19
C ALA A 87 -6.77 2.96 -7.67
N LEU A 88 -5.59 2.61 -7.16
CA LEU A 88 -4.68 3.61 -6.63
C LEU A 88 -4.70 4.84 -7.53
N GLN A 89 -4.30 4.63 -8.77
CA GLN A 89 -4.26 5.71 -9.75
C GLN A 89 -5.58 6.48 -9.74
N LYS A 90 -6.65 5.78 -10.08
CA LYS A 90 -7.97 6.38 -10.11
C LYS A 90 -8.11 7.34 -8.92
N ALA A 91 -7.69 6.85 -7.76
CA ALA A 91 -7.77 7.66 -6.55
C ALA A 91 -7.03 8.98 -6.77
N TRP A 92 -5.80 8.87 -7.24
CA TRP A 92 -4.99 10.04 -7.49
C TRP A 92 -5.66 10.86 -8.60
N ASN A 93 -6.07 10.15 -9.64
CA ASN A 93 -6.72 10.79 -10.77
C ASN A 93 -7.80 11.75 -10.24
N GLN A 94 -8.55 11.27 -9.26
CA GLN A 94 -9.60 12.08 -8.67
C GLN A 94 -9.19 13.55 -8.62
N GLY A 95 -8.01 13.79 -8.05
CA GLY A 95 -7.49 15.13 -7.94
C GLY A 95 -7.78 15.71 -6.56
N GLY A 96 -7.20 15.07 -5.55
CA GLY A 96 -7.38 15.51 -4.18
C GLY A 96 -6.13 16.22 -3.66
N ASP A 97 -6.22 16.67 -2.42
CA ASP A 97 -5.10 17.36 -1.79
C ASP A 97 -4.12 16.34 -1.22
N TRP A 98 -4.68 15.32 -0.57
CA TRP A 98 -3.87 14.28 0.02
C TRP A 98 -4.61 12.95 -0.17
N ILE A 99 -3.85 11.86 -0.06
CA ILE A 99 -4.41 10.53 -0.21
C ILE A 99 -4.02 9.67 0.99
N ASP A 100 -4.85 8.68 1.26
CA ASP A 100 -4.60 7.78 2.37
C ASP A 100 -4.24 6.40 1.84
N LEU A 101 -3.40 5.71 2.59
CA LEU A 101 -2.95 4.38 2.20
C LEU A 101 -2.80 3.51 3.46
N VAL A 102 -3.67 2.51 3.56
CA VAL A 102 -3.63 1.61 4.70
C VAL A 102 -2.66 0.47 4.41
N VAL A 103 -1.50 0.55 5.03
CA VAL A 103 -0.48 -0.47 4.84
C VAL A 103 0.29 -0.66 6.16
N ALA A 104 0.61 -1.92 6.43
CA ALA A 104 1.33 -2.26 7.64
C ALA A 104 2.72 -1.61 7.61
N VAL A 105 3.45 -1.81 8.69
CA VAL A 105 4.79 -1.25 8.80
C VAL A 105 5.80 -2.27 8.28
N CYS A 106 6.93 -1.75 7.81
CA CYS A 106 7.98 -2.60 7.29
C CYS A 106 9.14 -1.71 6.81
N PRO A 107 10.31 -1.88 7.47
CA PRO A 107 11.48 -1.10 7.12
C PRO A 107 12.10 -1.60 5.82
N PRO A 108 12.70 -0.64 5.06
CA PRO A 108 13.34 -0.97 3.80
C PRO A 108 14.67 -1.67 4.02
N LYS A 109 14.88 -2.75 3.28
CA LYS A 109 16.11 -3.51 3.38
C LYS A 109 15.99 -4.48 4.56
N GLU A 110 14.79 -4.55 5.12
CA GLU A 110 14.54 -5.44 6.25
C GLU A 110 13.65 -6.60 5.82
N TYR A 111 13.86 -7.03 4.58
CA TYR A 111 13.09 -8.14 4.04
C TYR A 111 13.99 -9.19 3.41
N ASP A 112 13.47 -10.41 3.30
CA ASP A 112 14.22 -11.51 2.73
C ASP A 112 13.25 -12.48 2.05
N ASP A 113 13.82 -13.36 1.24
CA ASP A 113 13.02 -14.35 0.53
C ASP A 113 12.86 -15.59 1.41
N GLU A 114 11.75 -16.28 1.20
CA GLU A 114 11.46 -17.48 1.97
C GLU A 114 12.30 -18.64 1.44
N LEU A 115 12.48 -18.68 0.13
CA LEU A 115 13.25 -19.73 -0.50
C LEU A 115 12.77 -21.09 0.02
N THR A 116 11.45 -21.23 0.07
CA THR A 116 10.86 -22.47 0.53
C THR A 116 9.68 -22.87 -0.37
N PHE A 117 10.00 -23.63 -1.41
CA PHE A 117 8.99 -24.08 -2.34
C PHE A 117 8.28 -22.90 -3.00
N PHE A 118 8.99 -22.25 -3.90
CA PHE A 118 8.44 -21.10 -4.60
C PHE A 118 8.44 -21.32 -6.12
N GLY A 1 -14.13 11.08 7.35
CA GLY A 1 -13.37 10.24 6.43
C GLY A 1 -12.58 9.18 7.19
N SER A 2 -11.63 8.59 6.49
CA SER A 2 -10.80 7.55 7.08
C SER A 2 -9.53 8.18 7.68
N GLU A 3 -9.07 7.57 8.76
CA GLU A 3 -7.87 8.05 9.43
C GLU A 3 -7.10 6.89 10.07
N GLY A 4 -7.81 6.14 10.90
CA GLY A 4 -7.22 5.01 11.57
C GLY A 4 -7.25 3.76 10.68
N ALA A 5 -8.45 3.40 10.26
CA ALA A 5 -8.63 2.23 9.41
C ALA A 5 -8.28 0.98 10.20
N ALA A 6 -9.29 0.14 10.40
CA ALA A 6 -9.10 -1.10 11.13
C ALA A 6 -10.43 -1.86 11.19
N THR A 7 -11.48 -1.13 11.53
CA THR A 7 -12.80 -1.72 11.63
C THR A 7 -13.23 -2.30 10.28
N MET A 8 -12.55 -1.83 9.24
CA MET A 8 -12.85 -2.29 7.88
C MET A 8 -12.36 -3.72 7.67
N PHE A 9 -11.38 -4.11 8.46
CA PHE A 9 -10.81 -5.44 8.38
C PHE A 9 -11.33 -6.33 9.50
N SER A 10 -11.30 -7.63 9.25
CA SER A 10 -11.76 -8.61 10.22
C SER A 10 -10.95 -8.47 11.51
N PRO A 11 -11.59 -8.87 12.64
CA PRO A 11 -10.93 -8.81 13.93
C PRO A 11 -9.90 -9.94 14.09
N GLU A 12 -9.99 -10.90 13.18
CA GLU A 12 -9.07 -12.03 13.20
C GLU A 12 -8.02 -11.88 12.10
N GLN A 13 -7.91 -10.65 11.60
CA GLN A 13 -6.95 -10.36 10.55
C GLN A 13 -5.93 -9.34 11.03
N ILE A 14 -6.43 -8.22 11.52
CA ILE A 14 -5.58 -7.15 12.02
C ILE A 14 -4.85 -7.64 13.27
N ALA A 15 -5.59 -8.38 14.10
CA ALA A 15 -5.02 -8.91 15.33
C ALA A 15 -3.66 -9.53 15.04
N GLY A 16 -2.64 -8.92 15.62
CA GLY A 16 -1.28 -9.40 15.44
C GLY A 16 -0.48 -8.46 14.52
N LYS A 17 -1.10 -8.10 13.41
CA LYS A 17 -0.47 -7.21 12.45
C LYS A 17 -0.49 -5.78 13.01
N ASP A 18 0.14 -4.89 12.25
CA ASP A 18 0.19 -3.49 12.65
C ASP A 18 -0.23 -2.61 11.47
N VAL A 19 -1.54 -2.40 11.38
CA VAL A 19 -2.09 -1.58 10.30
C VAL A 19 -1.79 -0.11 10.60
N ARG A 20 -1.11 0.52 9.64
CA ARG A 20 -0.77 1.93 9.78
C ARG A 20 -1.14 2.70 8.52
N LEU A 21 -1.99 3.69 8.69
CA LEU A 21 -2.44 4.50 7.58
C LEU A 21 -1.45 5.66 7.36
N LEU A 22 -1.02 5.81 6.13
CA LEU A 22 -0.08 6.86 5.78
C LEU A 22 -0.73 7.80 4.76
N ARG A 23 -0.87 9.05 5.17
CA ARG A 23 -1.47 10.06 4.31
C ARG A 23 -0.41 10.67 3.40
N ILE A 24 -0.67 10.60 2.10
CA ILE A 24 0.25 11.16 1.12
C ILE A 24 -0.37 12.39 0.48
N LYS A 25 0.49 13.31 0.06
CA LYS A 25 0.04 14.54 -0.56
C LYS A 25 -0.12 14.31 -2.06
N LYS A 26 -1.15 14.92 -2.62
CA LYS A 26 -1.43 14.79 -4.04
C LYS A 26 -0.74 15.93 -4.80
N GLU A 27 0.50 15.67 -5.18
CA GLU A 27 1.27 16.66 -5.92
C GLU A 27 1.84 16.05 -7.20
N GLY A 28 1.79 16.83 -8.26
CA GLY A 28 2.29 16.38 -9.54
C GLY A 28 1.57 15.12 -10.01
N SER A 29 2.02 13.99 -9.49
CA SER A 29 1.42 12.71 -9.84
C SER A 29 1.64 11.70 -8.71
N LEU A 30 1.42 10.43 -9.04
CA LEU A 30 1.59 9.37 -8.07
C LEU A 30 2.91 8.64 -8.34
N ASP A 31 2.97 8.02 -9.51
CA ASP A 31 4.15 7.28 -9.91
C ASP A 31 4.52 6.28 -8.81
N LEU A 32 3.87 5.13 -8.84
CA LEU A 32 4.12 4.09 -7.86
C LEU A 32 3.98 2.71 -8.52
N ALA A 33 4.93 1.85 -8.23
CA ALA A 33 4.92 0.51 -8.79
C ALA A 33 4.48 -0.48 -7.72
N LEU A 34 3.65 -1.42 -8.13
CA LEU A 34 3.14 -2.44 -7.22
C LEU A 34 3.52 -3.83 -7.75
N GLU A 35 3.35 -4.82 -6.87
CA GLU A 35 3.67 -6.19 -7.23
C GLU A 35 2.88 -7.16 -6.36
N GLY A 36 2.64 -8.34 -6.92
CA GLY A 36 1.90 -9.37 -6.20
C GLY A 36 0.41 -9.03 -6.15
N GLY A 37 -0.24 -9.53 -5.12
CA GLY A 37 -1.67 -9.29 -4.94
C GLY A 37 -2.49 -10.47 -5.47
N VAL A 38 -2.39 -10.69 -6.77
CA VAL A 38 -3.11 -11.77 -7.40
C VAL A 38 -2.52 -13.11 -6.95
N ASP A 39 -2.49 -14.05 -7.89
CA ASP A 39 -1.94 -15.37 -7.61
C ASP A 39 -0.42 -15.34 -7.74
N SER A 40 0.18 -14.35 -7.09
CA SER A 40 1.62 -14.19 -7.14
C SER A 40 2.26 -14.93 -5.95
N PRO A 41 3.62 -14.86 -5.91
CA PRO A 41 4.36 -15.51 -4.84
C PRO A 41 4.24 -14.73 -3.53
N VAL A 42 3.64 -13.56 -3.63
CA VAL A 42 3.45 -12.70 -2.47
C VAL A 42 2.08 -12.99 -1.85
N GLY A 43 1.07 -12.95 -2.70
CA GLY A 43 -0.29 -13.19 -2.24
C GLY A 43 -0.98 -11.89 -1.82
N LYS A 44 -0.16 -10.97 -1.32
CA LYS A 44 -0.68 -9.69 -0.89
C LYS A 44 -0.15 -8.58 -1.81
N VAL A 45 -0.46 -7.34 -1.44
CA VAL A 45 -0.02 -6.20 -2.22
C VAL A 45 1.16 -5.54 -1.53
N VAL A 46 2.26 -5.45 -2.26
CA VAL A 46 3.48 -4.85 -1.73
C VAL A 46 4.10 -3.94 -2.79
N VAL A 47 4.49 -2.75 -2.34
CA VAL A 47 5.10 -1.79 -3.25
C VAL A 47 6.34 -2.41 -3.88
N SER A 48 6.44 -2.24 -5.20
CA SER A 48 7.57 -2.77 -5.93
C SER A 48 8.69 -1.73 -5.99
N ALA A 49 8.29 -0.48 -6.19
CA ALA A 49 9.25 0.60 -6.27
C ALA A 49 8.51 1.93 -6.09
N VAL A 50 9.09 2.79 -5.27
CA VAL A 50 8.51 4.09 -5.01
C VAL A 50 9.29 5.16 -5.79
N TYR A 51 8.83 5.40 -7.01
CA TYR A 51 9.47 6.39 -7.86
C TYR A 51 9.74 7.70 -7.09
N GLU A 52 11.00 8.08 -7.06
CA GLU A 52 11.39 9.29 -6.36
C GLU A 52 10.63 10.49 -6.92
N GLY A 53 10.52 10.53 -8.24
CA GLY A 53 9.82 11.61 -8.91
C GLY A 53 8.33 11.58 -8.58
N GLY A 54 7.90 10.46 -8.01
CA GLY A 54 6.51 10.29 -7.65
C GLY A 54 6.19 11.01 -6.34
N ALA A 55 4.90 11.24 -6.13
CA ALA A 55 4.45 11.92 -4.92
C ALA A 55 4.51 10.95 -3.75
N ALA A 56 4.65 9.68 -4.08
CA ALA A 56 4.73 8.63 -3.07
C ALA A 56 6.04 8.77 -2.29
N GLU A 57 7.11 8.96 -3.05
CA GLU A 57 8.43 9.10 -2.45
C GLU A 57 8.52 10.43 -1.69
N ARG A 58 8.10 11.49 -2.35
CA ARG A 58 8.12 12.81 -1.76
C ARG A 58 7.67 12.74 -0.30
N HIS A 59 6.73 11.85 -0.05
CA HIS A 59 6.20 11.67 1.29
C HIS A 59 7.22 10.95 2.16
N GLY A 60 7.52 9.71 1.76
CA GLY A 60 8.47 8.90 2.49
C GLY A 60 7.77 7.78 3.26
N GLY A 61 7.76 7.92 4.58
CA GLY A 61 7.12 6.94 5.43
C GLY A 61 7.84 5.59 5.33
N VAL A 62 7.39 4.78 4.38
CA VAL A 62 7.98 3.47 4.16
C VAL A 62 8.30 3.30 2.69
N VAL A 63 9.35 2.53 2.42
CA VAL A 63 9.78 2.27 1.06
C VAL A 63 9.01 1.08 0.51
N LYS A 64 9.57 0.49 -0.54
CA LYS A 64 8.94 -0.66 -1.17
C LYS A 64 8.99 -1.86 -0.21
N GLY A 65 8.15 -2.83 -0.48
CA GLY A 65 8.09 -4.03 0.34
C GLY A 65 6.95 -3.95 1.35
N ASP A 66 6.47 -2.72 1.56
CA ASP A 66 5.38 -2.49 2.50
C ASP A 66 4.23 -3.44 2.17
N GLU A 67 3.37 -3.62 3.16
CA GLU A 67 2.22 -4.50 3.01
C GLU A 67 0.94 -3.67 2.87
N ILE A 68 0.45 -3.60 1.64
CA ILE A 68 -0.76 -2.85 1.36
C ILE A 68 -1.97 -3.69 1.74
N MET A 69 -3.06 -3.01 2.07
CA MET A 69 -4.28 -3.68 2.46
C MET A 69 -5.52 -2.93 1.93
N ALA A 70 -5.50 -1.62 2.14
CA ALA A 70 -6.60 -0.79 1.69
C ALA A 70 -6.03 0.48 1.03
N ILE A 71 -6.67 0.86 -0.07
CA ILE A 71 -6.25 2.05 -0.80
C ILE A 71 -7.37 3.08 -0.79
N ASN A 72 -7.11 4.17 -0.07
CA ASN A 72 -8.10 5.24 0.03
C ASN A 72 -9.39 4.69 0.62
N GLY A 73 -9.24 3.64 1.43
CA GLY A 73 -10.38 3.00 2.06
C GLY A 73 -10.71 1.67 1.40
N LYS A 74 -10.74 1.69 0.07
CA LYS A 74 -11.03 0.49 -0.69
C LYS A 74 -10.11 -0.63 -0.25
N ILE A 75 -10.71 -1.79 -0.02
CA ILE A 75 -9.95 -2.96 0.41
C ILE A 75 -9.22 -3.56 -0.79
N VAL A 76 -7.94 -3.82 -0.59
CA VAL A 76 -7.12 -4.39 -1.64
C VAL A 76 -6.47 -5.68 -1.14
N THR A 77 -7.10 -6.26 -0.13
CA THR A 77 -6.60 -7.50 0.45
C THR A 77 -6.37 -8.54 -0.63
N ASP A 78 -7.44 -8.86 -1.34
CA ASP A 78 -7.36 -9.84 -2.40
C ASP A 78 -7.47 -9.14 -3.76
N TYR A 79 -6.83 -7.97 -3.83
CA TYR A 79 -6.85 -7.19 -5.06
C TYR A 79 -5.66 -7.55 -5.95
N THR A 80 -5.88 -7.40 -7.25
CA THR A 80 -4.84 -7.71 -8.22
C THR A 80 -4.06 -6.44 -8.59
N LEU A 81 -2.86 -6.65 -9.09
CA LEU A 81 -2.01 -5.53 -9.48
C LEU A 81 -2.85 -4.47 -10.18
N ALA A 82 -3.43 -4.87 -11.30
CA ALA A 82 -4.27 -3.96 -12.08
C ALA A 82 -5.24 -3.25 -11.14
N GLU A 83 -6.12 -4.04 -10.53
CA GLU A 83 -7.11 -3.50 -9.61
C GLU A 83 -6.48 -2.42 -8.74
N ALA A 84 -5.58 -2.84 -7.87
CA ALA A 84 -4.91 -1.91 -6.97
C ALA A 84 -4.29 -0.78 -7.79
N GLU A 85 -3.30 -1.14 -8.59
CA GLU A 85 -2.62 -0.17 -9.43
C GLU A 85 -3.62 0.87 -9.95
N ALA A 86 -4.64 0.37 -10.63
CA ALA A 86 -5.66 1.25 -11.19
C ALA A 86 -6.36 2.00 -10.06
N ALA A 87 -6.99 1.23 -9.19
CA ALA A 87 -7.70 1.81 -8.05
C ALA A 87 -6.88 2.96 -7.49
N LEU A 88 -5.71 2.61 -6.96
CA LEU A 88 -4.82 3.60 -6.37
C LEU A 88 -4.75 4.81 -7.30
N GLN A 89 -4.28 4.56 -8.52
CA GLN A 89 -4.15 5.62 -9.50
C GLN A 89 -5.45 6.42 -9.60
N LYS A 90 -6.53 5.70 -9.90
CA LYS A 90 -7.83 6.33 -10.01
C LYS A 90 -7.99 7.39 -8.93
N ALA A 91 -7.82 6.95 -7.68
CA ALA A 91 -7.94 7.86 -6.56
C ALA A 91 -7.13 9.13 -6.83
N TRP A 92 -5.92 8.92 -7.32
CA TRP A 92 -5.03 10.04 -7.63
C TRP A 92 -5.63 10.80 -8.82
N ASN A 93 -5.99 10.03 -9.84
CA ASN A 93 -6.56 10.62 -11.04
C ASN A 93 -7.76 11.50 -10.65
N GLN A 94 -8.58 10.97 -9.76
CA GLN A 94 -9.76 11.70 -9.30
C GLN A 94 -9.43 13.18 -9.13
N GLY A 95 -8.22 13.42 -8.63
CA GLY A 95 -7.78 14.79 -8.41
C GLY A 95 -8.16 15.28 -7.01
N GLY A 96 -7.19 15.18 -6.10
CA GLY A 96 -7.41 15.60 -4.73
C GLY A 96 -6.19 16.36 -4.19
N ASP A 97 -6.30 16.74 -2.92
CA ASP A 97 -5.21 17.45 -2.28
C ASP A 97 -4.27 16.45 -1.59
N TRP A 98 -4.88 15.51 -0.90
CA TRP A 98 -4.12 14.48 -0.20
C TRP A 98 -4.79 13.13 -0.47
N ILE A 99 -4.03 12.07 -0.23
CA ILE A 99 -4.53 10.73 -0.44
C ILE A 99 -4.10 9.84 0.73
N ASP A 100 -5.00 8.95 1.13
CA ASP A 100 -4.73 8.05 2.23
C ASP A 100 -4.37 6.67 1.67
N LEU A 101 -3.42 6.03 2.33
CA LEU A 101 -2.98 4.70 1.92
C LEU A 101 -2.80 3.82 3.16
N VAL A 102 -3.63 2.79 3.24
CA VAL A 102 -3.57 1.86 4.35
C VAL A 102 -2.50 0.81 4.07
N VAL A 103 -1.47 0.83 4.91
CA VAL A 103 -0.37 -0.13 4.77
C VAL A 103 0.05 -0.62 6.16
N ALA A 104 0.69 -1.78 6.17
CA ALA A 104 1.15 -2.37 7.41
C ALA A 104 2.62 -1.99 7.64
N VAL A 105 2.90 -1.57 8.86
CA VAL A 105 4.25 -1.18 9.22
C VAL A 105 5.13 -2.43 9.32
N CYS A 106 6.42 -2.22 9.11
CA CYS A 106 7.37 -3.31 9.17
C CYS A 106 8.66 -2.80 9.84
N PRO A 107 9.15 -3.59 10.84
CA PRO A 107 10.35 -3.22 11.55
C PRO A 107 11.60 -3.48 10.70
N PRO A 108 12.76 -3.01 11.22
CA PRO A 108 14.02 -3.18 10.52
C PRO A 108 14.51 -4.63 10.62
N LYS A 109 14.59 -5.27 9.47
CA LYS A 109 15.05 -6.65 9.41
C LYS A 109 15.95 -6.84 8.19
N GLU A 110 15.41 -6.48 7.03
CA GLU A 110 16.14 -6.60 5.79
C GLU A 110 16.95 -7.91 5.78
N TYR A 111 16.31 -8.97 6.27
CA TYR A 111 16.95 -10.26 6.32
C TYR A 111 15.91 -11.38 6.48
N ASP A 112 15.53 -11.97 5.35
CA ASP A 112 14.55 -13.03 5.36
C ASP A 112 15.14 -14.27 4.67
N ASP A 113 14.47 -15.39 4.87
CA ASP A 113 14.93 -16.64 4.28
C ASP A 113 13.74 -17.35 3.63
N GLU A 114 14.02 -18.53 3.09
CA GLU A 114 12.98 -19.31 2.43
C GLU A 114 12.29 -18.48 1.35
N LEU A 115 12.87 -18.52 0.16
CA LEU A 115 12.32 -17.78 -0.97
C LEU A 115 12.24 -18.70 -2.20
N THR A 116 13.10 -18.39 -3.16
CA THR A 116 13.14 -19.18 -4.38
C THR A 116 14.59 -19.42 -4.81
N PHE A 117 15.39 -18.37 -4.72
CA PHE A 117 16.79 -18.45 -5.09
C PHE A 117 17.64 -17.51 -4.22
N PHE A 118 18.37 -18.11 -3.29
CA PHE A 118 19.23 -17.34 -2.40
C PHE A 118 19.82 -16.12 -3.13
N GLY A 1 -12.98 9.33 0.66
CA GLY A 1 -13.53 9.92 1.87
C GLY A 1 -13.36 8.98 3.07
N SER A 2 -14.24 9.15 4.04
CA SER A 2 -14.21 8.33 5.24
C SER A 2 -12.81 8.40 5.87
N GLU A 3 -12.67 9.29 6.85
CA GLU A 3 -11.41 9.46 7.54
C GLU A 3 -11.33 8.49 8.73
N GLY A 4 -10.58 7.41 8.53
CA GLY A 4 -10.41 6.42 9.57
C GLY A 4 -10.44 5.01 8.99
N ALA A 5 -9.41 4.24 9.32
CA ALA A 5 -9.30 2.88 8.84
C ALA A 5 -9.30 1.92 10.04
N ALA A 6 -8.82 0.71 9.78
CA ALA A 6 -8.76 -0.30 10.81
C ALA A 6 -10.17 -0.62 11.31
N THR A 7 -11.08 -0.79 10.36
CA THR A 7 -12.46 -1.10 10.67
C THR A 7 -13.11 -1.87 9.53
N MET A 8 -12.92 -1.36 8.32
CA MET A 8 -13.48 -1.99 7.13
C MET A 8 -13.28 -3.50 7.18
N PHE A 9 -12.02 -3.89 7.37
CA PHE A 9 -11.69 -5.30 7.43
C PHE A 9 -12.53 -6.04 8.47
N SER A 10 -12.12 -7.25 8.77
CA SER A 10 -12.84 -8.07 9.75
C SER A 10 -12.35 -7.73 11.16
N PRO A 11 -13.22 -8.06 12.15
CA PRO A 11 -12.89 -7.79 13.54
C PRO A 11 -11.85 -8.77 14.06
N GLU A 12 -11.60 -9.81 13.27
CA GLU A 12 -10.63 -10.82 13.64
C GLU A 12 -9.37 -10.68 12.79
N GLN A 13 -9.30 -9.56 12.08
CA GLN A 13 -8.15 -9.29 11.23
C GLN A 13 -7.34 -8.11 11.78
N ILE A 14 -8.06 -7.02 12.04
CA ILE A 14 -7.43 -5.83 12.57
C ILE A 14 -6.96 -6.09 14.00
N ALA A 15 -7.80 -6.81 14.74
CA ALA A 15 -7.48 -7.13 16.12
C ALA A 15 -6.09 -7.76 16.19
N GLY A 16 -5.24 -7.15 17.00
CA GLY A 16 -3.88 -7.64 17.16
C GLY A 16 -2.94 -6.99 16.15
N LYS A 17 -3.48 -6.75 14.96
CA LYS A 17 -2.71 -6.14 13.89
C LYS A 17 -2.39 -4.69 14.26
N ASP A 18 -1.31 -4.17 13.68
CA ASP A 18 -0.90 -2.81 13.94
C ASP A 18 -0.54 -2.13 12.62
N VAL A 19 -1.57 -1.59 11.98
CA VAL A 19 -1.39 -0.91 10.72
C VAL A 19 -1.30 0.60 10.95
N ARG A 20 -0.77 1.29 9.96
CA ARG A 20 -0.63 2.74 10.05
C ARG A 20 -1.16 3.41 8.78
N LEU A 21 -2.10 4.32 8.98
CA LEU A 21 -2.70 5.04 7.87
C LEU A 21 -1.81 6.22 7.48
N LEU A 22 -1.25 6.14 6.28
CA LEU A 22 -0.39 7.20 5.79
C LEU A 22 -1.17 8.10 4.84
N ARG A 23 -0.84 9.38 4.88
CA ARG A 23 -1.50 10.35 4.03
C ARG A 23 -0.48 11.04 3.12
N ILE A 24 -0.60 10.76 1.83
CA ILE A 24 0.31 11.34 0.85
C ILE A 24 -0.36 12.56 0.21
N LYS A 25 0.47 13.52 -0.16
CA LYS A 25 -0.03 14.74 -0.78
C LYS A 25 -0.06 14.56 -2.30
N LYS A 26 -1.06 15.17 -2.91
CA LYS A 26 -1.22 15.09 -4.36
C LYS A 26 -0.43 16.21 -5.02
N GLU A 27 0.83 15.92 -5.32
CA GLU A 27 1.70 16.90 -5.95
C GLU A 27 2.39 16.28 -7.16
N GLY A 28 2.25 16.95 -8.29
CA GLY A 28 2.87 16.48 -9.53
C GLY A 28 2.25 15.16 -9.97
N SER A 29 2.57 14.11 -9.24
CA SER A 29 2.05 12.79 -9.54
C SER A 29 2.62 11.76 -8.57
N LEU A 30 1.81 10.75 -8.27
CA LEU A 30 2.23 9.70 -7.37
C LEU A 30 3.40 8.93 -7.98
N ASP A 31 3.15 8.35 -9.13
CA ASP A 31 4.18 7.59 -9.82
C ASP A 31 4.68 6.46 -8.91
N LEU A 32 3.80 5.50 -8.68
CA LEU A 32 4.14 4.36 -7.83
C LEU A 32 3.89 3.07 -8.60
N ALA A 33 4.70 2.07 -8.27
CA ALA A 33 4.58 0.77 -8.92
C ALA A 33 4.10 -0.27 -7.90
N LEU A 34 3.43 -1.28 -8.41
CA LEU A 34 2.91 -2.34 -7.56
C LEU A 34 3.24 -3.69 -8.18
N GLU A 35 3.28 -4.71 -7.34
CA GLU A 35 3.58 -6.06 -7.79
C GLU A 35 2.92 -7.10 -6.87
N GLY A 36 2.60 -8.24 -7.45
CA GLY A 36 1.97 -9.31 -6.69
C GLY A 36 0.52 -9.49 -7.11
N GLY A 37 -0.31 -9.86 -6.13
CA GLY A 37 -1.72 -10.08 -6.38
C GLY A 37 -1.96 -11.38 -7.14
N VAL A 38 -3.18 -11.53 -7.65
CA VAL A 38 -3.54 -12.72 -8.39
C VAL A 38 -2.93 -13.94 -7.69
N ASP A 39 -2.87 -15.03 -8.45
CA ASP A 39 -2.32 -16.27 -7.92
C ASP A 39 -0.80 -16.24 -8.04
N SER A 40 -0.22 -15.15 -7.56
CA SER A 40 1.23 -14.99 -7.60
C SER A 40 1.87 -15.67 -6.40
N PRO A 41 3.23 -15.64 -6.37
CA PRO A 41 3.97 -16.24 -5.28
C PRO A 41 3.90 -15.38 -4.02
N VAL A 42 3.39 -14.17 -4.19
CA VAL A 42 3.25 -13.25 -3.08
C VAL A 42 1.91 -13.48 -2.39
N GLY A 43 0.85 -13.36 -3.17
CA GLY A 43 -0.49 -13.55 -2.65
C GLY A 43 -0.98 -12.30 -1.91
N LYS A 44 -0.41 -11.16 -2.31
CA LYS A 44 -0.77 -9.89 -1.70
C LYS A 44 -0.20 -8.75 -2.53
N VAL A 45 -0.64 -7.54 -2.21
CA VAL A 45 -0.18 -6.37 -2.91
C VAL A 45 1.01 -5.75 -2.17
N VAL A 46 2.06 -5.49 -2.92
CA VAL A 46 3.26 -4.91 -2.34
C VAL A 46 3.87 -3.91 -3.33
N VAL A 47 4.23 -2.75 -2.81
CA VAL A 47 4.82 -1.71 -3.63
C VAL A 47 6.10 -2.24 -4.27
N SER A 48 6.09 -2.29 -5.60
CA SER A 48 7.25 -2.77 -6.33
C SER A 48 8.39 -1.77 -6.24
N ALA A 49 8.04 -0.51 -6.50
CA ALA A 49 9.03 0.56 -6.46
C ALA A 49 8.31 1.91 -6.45
N VAL A 50 8.90 2.85 -5.74
CA VAL A 50 8.33 4.18 -5.65
C VAL A 50 9.27 5.19 -6.31
N TYR A 51 9.01 5.44 -7.59
CA TYR A 51 9.84 6.37 -8.34
C TYR A 51 10.05 7.67 -7.57
N GLU A 52 11.30 7.90 -7.20
CA GLU A 52 11.65 9.10 -6.46
C GLU A 52 11.04 10.34 -7.14
N GLY A 53 10.77 10.20 -8.42
CA GLY A 53 10.19 11.29 -9.19
C GLY A 53 8.66 11.27 -9.10
N GLY A 54 8.17 11.05 -7.89
CA GLY A 54 6.74 11.00 -7.67
C GLY A 54 6.36 11.73 -6.38
N ALA A 55 5.13 11.49 -5.94
CA ALA A 55 4.64 12.11 -4.73
C ALA A 55 4.94 11.21 -3.53
N ALA A 56 4.71 9.92 -3.74
CA ALA A 56 4.96 8.94 -2.70
C ALA A 56 6.27 9.29 -1.97
N GLU A 57 7.34 9.37 -2.76
CA GLU A 57 8.64 9.69 -2.22
C GLU A 57 8.61 11.04 -1.51
N ARG A 58 8.07 12.04 -2.20
CA ARG A 58 7.97 13.37 -1.65
C ARG A 58 7.41 13.32 -0.23
N HIS A 59 6.35 12.55 -0.08
CA HIS A 59 5.71 12.41 1.22
C HIS A 59 6.71 11.84 2.23
N GLY A 60 7.21 10.65 1.91
CA GLY A 60 8.18 9.99 2.76
C GLY A 60 7.48 9.20 3.87
N GLY A 61 7.53 7.88 3.73
CA GLY A 61 6.92 7.00 4.71
C GLY A 61 6.74 5.60 4.14
N VAL A 62 5.94 5.52 3.07
CA VAL A 62 5.68 4.24 2.43
C VAL A 62 6.76 3.97 1.39
N VAL A 63 7.40 2.82 1.53
CA VAL A 63 8.46 2.44 0.61
C VAL A 63 8.00 1.22 -0.20
N LYS A 64 8.96 0.58 -0.85
CA LYS A 64 8.68 -0.58 -1.66
C LYS A 64 8.77 -1.84 -0.80
N GLY A 65 8.00 -2.85 -1.18
CA GLY A 65 7.99 -4.10 -0.46
C GLY A 65 7.31 -3.94 0.90
N ASP A 66 6.18 -3.26 0.88
CA ASP A 66 5.41 -3.03 2.11
C ASP A 66 4.19 -3.94 2.12
N GLU A 67 3.42 -3.83 3.19
CA GLU A 67 2.22 -4.63 3.34
C GLU A 67 0.97 -3.80 3.04
N ILE A 68 0.50 -3.93 1.81
CA ILE A 68 -0.68 -3.20 1.39
C ILE A 68 -1.94 -4.01 1.72
N MET A 69 -3.02 -3.30 1.97
CA MET A 69 -4.28 -3.94 2.29
C MET A 69 -5.46 -3.14 1.74
N ALA A 70 -5.50 -1.87 2.12
CA ALA A 70 -6.57 -0.99 1.67
C ALA A 70 -5.96 0.29 1.10
N ILE A 71 -6.60 0.81 0.06
CA ILE A 71 -6.15 2.02 -0.58
C ILE A 71 -7.24 3.09 -0.50
N ASN A 72 -6.98 4.10 0.32
CA ASN A 72 -7.93 5.18 0.49
C ASN A 72 -9.26 4.61 1.01
N GLY A 73 -9.17 3.46 1.66
CA GLY A 73 -10.34 2.81 2.20
C GLY A 73 -10.70 1.57 1.39
N LYS A 74 -10.47 1.66 0.08
CA LYS A 74 -10.77 0.56 -0.82
C LYS A 74 -9.91 -0.66 -0.42
N ILE A 75 -10.60 -1.75 -0.14
CA ILE A 75 -9.93 -2.98 0.26
C ILE A 75 -9.26 -3.60 -0.97
N VAL A 76 -7.98 -3.89 -0.82
CA VAL A 76 -7.22 -4.49 -1.90
C VAL A 76 -6.59 -5.80 -1.42
N THR A 77 -7.18 -6.35 -0.36
CA THR A 77 -6.69 -7.59 0.20
C THR A 77 -6.89 -8.74 -0.79
N ASP A 78 -7.70 -8.48 -1.81
CA ASP A 78 -7.97 -9.47 -2.83
C ASP A 78 -8.01 -8.80 -4.20
N TYR A 79 -7.29 -7.70 -4.30
CA TYR A 79 -7.23 -6.94 -5.55
C TYR A 79 -6.03 -7.38 -6.39
N THR A 80 -6.20 -7.25 -7.70
CA THR A 80 -5.15 -7.62 -8.63
C THR A 80 -4.32 -6.40 -9.02
N LEU A 81 -3.10 -6.66 -9.47
CA LEU A 81 -2.21 -5.60 -9.88
C LEU A 81 -3.00 -4.51 -10.61
N ALA A 82 -3.56 -4.90 -11.74
CA ALA A 82 -4.36 -3.98 -12.54
C ALA A 82 -5.33 -3.23 -11.63
N GLU A 83 -6.28 -3.97 -11.09
CA GLU A 83 -7.27 -3.39 -10.20
C GLU A 83 -6.62 -2.34 -9.29
N ALA A 84 -5.80 -2.84 -8.38
CA ALA A 84 -5.11 -1.95 -7.44
C ALA A 84 -4.42 -0.83 -8.21
N GLU A 85 -3.44 -1.23 -9.01
CA GLU A 85 -2.69 -0.27 -9.81
C GLU A 85 -3.61 0.84 -10.30
N ALA A 86 -4.69 0.42 -10.95
CA ALA A 86 -5.66 1.38 -11.47
C ALA A 86 -6.33 2.12 -10.31
N ALA A 87 -6.81 1.34 -9.36
CA ALA A 87 -7.47 1.91 -8.20
C ALA A 87 -6.60 3.03 -7.61
N LEU A 88 -5.43 2.63 -7.14
CA LEU A 88 -4.50 3.58 -6.55
C LEU A 88 -4.51 4.86 -7.39
N GLN A 89 -4.21 4.70 -8.68
CA GLN A 89 -4.18 5.83 -9.59
C GLN A 89 -5.46 6.65 -9.46
N LYS A 90 -6.59 5.97 -9.64
CA LYS A 90 -7.88 6.61 -9.55
C LYS A 90 -7.90 7.55 -8.35
N ALA A 91 -7.81 6.95 -7.17
CA ALA A 91 -7.81 7.71 -5.94
C ALA A 91 -6.98 8.99 -6.13
N TRP A 92 -5.90 8.84 -6.88
CA TRP A 92 -5.01 9.96 -7.15
C TRP A 92 -5.69 10.86 -8.18
N ASN A 93 -6.14 10.24 -9.26
CA ASN A 93 -6.81 10.96 -10.33
C ASN A 93 -7.99 11.74 -9.74
N GLN A 94 -8.71 11.08 -8.86
CA GLN A 94 -9.86 11.70 -8.23
C GLN A 94 -9.60 13.19 -7.98
N GLY A 95 -8.42 13.48 -7.45
CA GLY A 95 -8.03 14.85 -7.16
C GLY A 95 -7.74 15.03 -5.68
N GLY A 96 -8.77 15.42 -4.94
CA GLY A 96 -8.63 15.63 -3.51
C GLY A 96 -7.36 16.43 -3.20
N ASP A 97 -7.04 16.50 -1.92
CA ASP A 97 -5.86 17.22 -1.48
C ASP A 97 -4.72 16.23 -1.23
N TRP A 98 -5.06 15.13 -0.58
CA TRP A 98 -4.08 14.10 -0.29
C TRP A 98 -4.76 12.74 -0.46
N ILE A 99 -3.94 11.69 -0.41
CA ILE A 99 -4.45 10.34 -0.55
C ILE A 99 -4.14 9.55 0.73
N ASP A 100 -4.88 8.46 0.91
CA ASP A 100 -4.69 7.62 2.07
C ASP A 100 -4.32 6.21 1.62
N LEU A 101 -3.33 5.64 2.30
CA LEU A 101 -2.87 4.30 1.98
C LEU A 101 -2.78 3.48 3.26
N VAL A 102 -3.52 2.38 3.29
CA VAL A 102 -3.52 1.51 4.44
C VAL A 102 -2.45 0.44 4.28
N VAL A 103 -1.42 0.54 5.11
CA VAL A 103 -0.32 -0.40 5.06
C VAL A 103 0.02 -0.86 6.49
N ALA A 104 0.41 -2.13 6.59
CA ALA A 104 0.77 -2.69 7.88
C ALA A 104 2.25 -2.43 8.16
N VAL A 105 2.58 -2.40 9.45
CA VAL A 105 3.95 -2.17 9.85
C VAL A 105 4.79 -3.40 9.54
N CYS A 106 6.07 -3.16 9.31
CA CYS A 106 7.00 -4.24 9.00
C CYS A 106 8.39 -3.85 9.51
N PRO A 107 8.91 -4.67 10.46
CA PRO A 107 10.22 -4.42 11.03
C PRO A 107 11.32 -4.80 10.04
N PRO A 108 12.55 -4.30 10.33
CA PRO A 108 13.70 -4.57 9.48
C PRO A 108 14.20 -6.00 9.69
N LYS A 109 14.16 -6.77 8.61
CA LYS A 109 14.60 -8.15 8.65
C LYS A 109 14.95 -8.62 7.24
N GLU A 110 14.04 -8.32 6.32
CA GLU A 110 14.24 -8.70 4.93
C GLU A 110 14.25 -10.23 4.80
N TYR A 111 13.25 -10.74 4.11
CA TYR A 111 13.13 -12.17 3.91
C TYR A 111 14.49 -12.80 3.60
N ASP A 112 14.72 -13.95 4.18
CA ASP A 112 15.98 -14.66 4.00
C ASP A 112 15.98 -15.94 4.83
N ASP A 113 16.25 -17.05 4.17
CA ASP A 113 16.29 -18.34 4.84
C ASP A 113 17.72 -18.64 5.28
N GLU A 114 17.84 -19.22 6.47
CA GLU A 114 19.15 -19.56 7.01
C GLU A 114 19.04 -20.82 7.86
N LEU A 115 19.24 -21.96 7.19
CA LEU A 115 19.18 -23.24 7.88
C LEU A 115 20.57 -23.62 8.38
N THR A 116 21.24 -22.63 8.96
CA THR A 116 22.58 -22.85 9.50
C THR A 116 22.73 -22.17 10.86
N PHE A 117 22.63 -22.99 11.90
CA PHE A 117 22.76 -22.49 13.26
C PHE A 117 24.05 -21.69 13.44
N PHE A 118 23.92 -20.38 13.32
CA PHE A 118 25.06 -19.49 13.47
C PHE A 118 24.64 -18.14 14.04
N GLY A 1 -0.35 7.06 17.13
CA GLY A 1 -1.06 8.32 17.07
C GLY A 1 -2.50 8.12 16.58
N SER A 2 -3.31 7.56 17.46
CA SER A 2 -4.70 7.31 17.13
C SER A 2 -4.79 6.32 15.96
N GLU A 3 -5.81 5.46 16.04
CA GLU A 3 -6.02 4.46 15.01
C GLU A 3 -6.49 5.13 13.71
N GLY A 4 -6.27 4.42 12.61
CA GLY A 4 -6.67 4.94 11.31
C GLY A 4 -7.78 4.07 10.70
N ALA A 5 -7.51 3.58 9.49
CA ALA A 5 -8.47 2.74 8.80
C ALA A 5 -8.38 1.31 9.33
N ALA A 6 -8.79 1.15 10.58
CA ALA A 6 -8.76 -0.16 11.22
C ALA A 6 -10.19 -0.58 11.56
N THR A 7 -11.08 -0.35 10.61
CA THR A 7 -12.47 -0.70 10.80
C THR A 7 -12.94 -1.65 9.69
N MET A 8 -12.65 -1.26 8.46
CA MET A 8 -13.03 -2.07 7.31
C MET A 8 -12.75 -3.55 7.56
N PHE A 9 -11.50 -3.82 7.90
CA PHE A 9 -11.08 -5.20 8.18
C PHE A 9 -11.67 -5.69 9.50
N SER A 10 -12.07 -6.94 9.50
CA SER A 10 -12.64 -7.56 10.69
C SER A 10 -11.76 -7.24 11.91
N PRO A 11 -12.30 -7.59 13.10
CA PRO A 11 -11.58 -7.36 14.34
C PRO A 11 -10.44 -8.37 14.52
N GLU A 12 -10.71 -9.60 14.08
CA GLU A 12 -9.73 -10.66 14.18
C GLU A 12 -8.81 -10.65 12.96
N GLN A 13 -8.90 -9.57 12.21
CA GLN A 13 -8.07 -9.41 11.02
C GLN A 13 -6.99 -8.36 11.25
N ILE A 14 -7.15 -7.62 12.34
CA ILE A 14 -6.20 -6.57 12.69
C ILE A 14 -5.69 -6.81 14.12
N ALA A 15 -6.63 -7.08 15.01
CA ALA A 15 -6.30 -7.33 16.40
C ALA A 15 -5.05 -8.20 16.48
N GLY A 16 -4.05 -7.70 17.19
CA GLY A 16 -2.81 -8.42 17.34
C GLY A 16 -1.76 -7.94 16.34
N LYS A 17 -2.25 -7.43 15.22
CA LYS A 17 -1.38 -6.92 14.17
C LYS A 17 -1.06 -5.46 14.45
N ASP A 18 -0.08 -4.95 13.71
CA ASP A 18 0.33 -3.57 13.86
C ASP A 18 0.30 -2.87 12.49
N VAL A 19 -0.84 -2.27 12.19
CA VAL A 19 -1.01 -1.58 10.93
C VAL A 19 -1.30 -0.10 11.20
N ARG A 20 -0.93 0.73 10.23
CA ARG A 20 -1.14 2.16 10.35
C ARG A 20 -1.69 2.72 9.04
N LEU A 21 -1.96 4.02 9.05
CA LEU A 21 -2.49 4.70 7.88
C LEU A 21 -1.65 5.93 7.58
N LEU A 22 -1.09 5.96 6.38
CA LEU A 22 -0.27 7.07 5.95
C LEU A 22 -1.03 7.92 4.93
N ARG A 23 -0.82 9.22 5.01
CA ARG A 23 -1.48 10.14 4.10
C ARG A 23 -0.45 10.85 3.22
N ILE A 24 -0.57 10.63 1.93
CA ILE A 24 0.34 11.24 0.98
C ILE A 24 -0.33 12.46 0.35
N LYS A 25 0.50 13.38 -0.12
CA LYS A 25 0.00 14.60 -0.74
C LYS A 25 -0.16 14.36 -2.24
N LYS A 26 -1.15 15.02 -2.80
CA LYS A 26 -1.42 14.91 -4.23
C LYS A 26 -0.76 16.07 -4.97
N GLU A 27 0.45 15.83 -5.43
CA GLU A 27 1.19 16.86 -6.16
C GLU A 27 1.74 16.28 -7.47
N GLY A 28 1.39 16.94 -8.56
CA GLY A 28 1.84 16.51 -9.87
C GLY A 28 1.18 15.19 -10.27
N SER A 29 1.70 14.11 -9.70
CA SER A 29 1.18 12.79 -10.00
C SER A 29 1.51 11.83 -8.84
N LEU A 30 1.21 10.56 -9.07
CA LEU A 30 1.46 9.55 -8.07
C LEU A 30 2.85 8.95 -8.30
N ASP A 31 2.98 8.20 -9.39
CA ASP A 31 4.24 7.58 -9.74
C ASP A 31 4.64 6.60 -8.64
N LEU A 32 4.08 5.40 -8.72
CA LEU A 32 4.37 4.36 -7.75
C LEU A 32 4.28 2.99 -8.42
N ALA A 33 5.32 2.20 -8.19
CA ALA A 33 5.37 0.86 -8.77
C ALA A 33 4.80 -0.14 -7.77
N LEU A 34 4.00 -1.06 -8.30
CA LEU A 34 3.38 -2.09 -7.47
C LEU A 34 3.74 -3.46 -8.02
N GLU A 35 3.64 -4.46 -7.16
CA GLU A 35 3.95 -5.83 -7.54
C GLU A 35 3.20 -6.81 -6.64
N GLY A 36 3.01 -8.01 -7.16
CA GLY A 36 2.32 -9.05 -6.42
C GLY A 36 0.85 -9.13 -6.83
N GLY A 37 -0.01 -9.25 -5.84
CA GLY A 37 -1.44 -9.34 -6.08
C GLY A 37 -1.77 -10.48 -7.05
N VAL A 38 -3.05 -10.75 -7.18
CA VAL A 38 -3.50 -11.82 -8.06
C VAL A 38 -2.80 -13.13 -7.67
N ASP A 39 -2.76 -14.04 -8.63
CA ASP A 39 -2.13 -15.33 -8.41
C ASP A 39 -0.61 -15.14 -8.30
N SER A 40 -0.22 -14.29 -7.36
CA SER A 40 1.19 -14.01 -7.14
C SER A 40 1.72 -14.86 -5.98
N PRO A 41 3.07 -14.99 -5.94
CA PRO A 41 3.71 -15.78 -4.91
C PRO A 41 3.71 -15.02 -3.57
N VAL A 42 3.22 -13.79 -3.62
CA VAL A 42 3.16 -12.97 -2.43
C VAL A 42 1.82 -13.21 -1.72
N GLY A 43 0.78 -13.38 -2.52
CA GLY A 43 -0.54 -13.62 -1.99
C GLY A 43 -1.19 -12.31 -1.50
N LYS A 44 -0.47 -11.22 -1.73
CA LYS A 44 -0.96 -9.92 -1.33
C LYS A 44 -0.31 -8.84 -2.22
N VAL A 45 -0.54 -7.59 -1.83
CA VAL A 45 0.02 -6.47 -2.57
C VAL A 45 1.21 -5.89 -1.81
N VAL A 46 2.24 -5.56 -2.56
CA VAL A 46 3.45 -4.99 -1.97
C VAL A 46 4.06 -3.98 -2.94
N VAL A 47 4.43 -2.83 -2.39
CA VAL A 47 5.02 -1.77 -3.19
C VAL A 47 6.34 -2.27 -3.80
N SER A 48 6.43 -2.12 -5.11
CA SER A 48 7.63 -2.56 -5.82
C SER A 48 8.72 -1.50 -5.71
N ALA A 49 8.31 -0.26 -5.95
CA ALA A 49 9.24 0.86 -5.89
C ALA A 49 8.46 2.17 -5.86
N VAL A 50 9.00 3.13 -5.13
CA VAL A 50 8.36 4.43 -5.01
C VAL A 50 9.14 5.45 -5.84
N TYR A 51 8.76 5.57 -7.09
CA TYR A 51 9.41 6.51 -8.00
C TYR A 51 9.73 7.82 -7.28
N GLU A 52 11.00 8.17 -7.31
CA GLU A 52 11.45 9.40 -6.67
C GLU A 52 10.88 10.62 -7.40
N GLY A 53 10.36 10.37 -8.59
CA GLY A 53 9.77 11.42 -9.39
C GLY A 53 8.24 11.43 -9.27
N GLY A 54 7.79 11.69 -8.05
CA GLY A 54 6.36 11.72 -7.79
C GLY A 54 6.07 12.32 -6.41
N ALA A 55 4.84 12.10 -5.95
CA ALA A 55 4.43 12.61 -4.66
C ALA A 55 4.70 11.56 -3.58
N ALA A 56 4.52 10.30 -3.96
CA ALA A 56 4.74 9.19 -3.06
C ALA A 56 6.07 9.41 -2.32
N GLU A 57 7.14 9.48 -3.10
CA GLU A 57 8.46 9.68 -2.54
C GLU A 57 8.46 10.87 -1.58
N ARG A 58 7.99 12.00 -2.08
CA ARG A 58 7.92 13.21 -1.28
C ARG A 58 7.48 12.87 0.15
N HIS A 59 6.30 12.28 0.24
CA HIS A 59 5.75 11.91 1.54
C HIS A 59 6.81 11.17 2.35
N GLY A 60 7.27 10.05 1.81
CA GLY A 60 8.29 9.26 2.48
C GLY A 60 7.68 8.44 3.61
N GLY A 61 8.42 8.35 4.70
CA GLY A 61 7.98 7.61 5.87
C GLY A 61 8.17 6.11 5.66
N VAL A 62 7.55 5.61 4.60
CA VAL A 62 7.65 4.19 4.29
C VAL A 62 8.32 4.02 2.92
N VAL A 63 8.69 2.78 2.62
CA VAL A 63 9.34 2.48 1.36
C VAL A 63 8.65 1.27 0.71
N LYS A 64 9.24 0.81 -0.37
CA LYS A 64 8.70 -0.32 -1.10
C LYS A 64 8.67 -1.54 -0.17
N GLY A 65 7.83 -2.50 -0.53
CA GLY A 65 7.70 -3.72 0.25
C GLY A 65 6.55 -3.61 1.24
N ASP A 66 6.20 -2.37 1.57
CA ASP A 66 5.12 -2.11 2.50
C ASP A 66 3.97 -3.08 2.23
N GLU A 67 3.29 -3.45 3.30
CA GLU A 67 2.16 -4.38 3.18
C GLU A 67 0.87 -3.61 2.92
N ILE A 68 0.56 -3.46 1.64
CA ILE A 68 -0.64 -2.76 1.24
C ILE A 68 -1.87 -3.61 1.61
N MET A 69 -2.97 -2.91 1.89
CA MET A 69 -4.20 -3.57 2.25
C MET A 69 -5.42 -2.79 1.76
N ALA A 70 -5.46 -1.53 2.14
CA ALA A 70 -6.56 -0.66 1.76
C ALA A 70 -5.99 0.60 1.09
N ILE A 71 -6.55 0.92 -0.07
CA ILE A 71 -6.12 2.09 -0.81
C ILE A 71 -7.21 3.16 -0.77
N ASN A 72 -6.94 4.19 -0.01
CA ASN A 72 -7.89 5.28 0.13
C ASN A 72 -9.21 4.74 0.67
N GLY A 73 -9.11 3.68 1.45
CA GLY A 73 -10.28 3.04 2.04
C GLY A 73 -10.64 1.76 1.28
N LYS A 74 -10.55 1.83 -0.03
CA LYS A 74 -10.87 0.69 -0.87
C LYS A 74 -9.99 -0.49 -0.46
N ILE A 75 -10.66 -1.61 -0.21
CA ILE A 75 -9.96 -2.83 0.19
C ILE A 75 -9.24 -3.42 -1.02
N VAL A 76 -7.94 -3.63 -0.86
CA VAL A 76 -7.13 -4.19 -1.92
C VAL A 76 -6.43 -5.45 -1.42
N THR A 77 -7.02 -6.04 -0.39
CA THR A 77 -6.46 -7.25 0.21
C THR A 77 -6.29 -8.33 -0.87
N ASP A 78 -7.41 -8.74 -1.44
CA ASP A 78 -7.39 -9.76 -2.47
C ASP A 78 -7.54 -9.10 -3.84
N TYR A 79 -6.87 -7.95 -3.98
CA TYR A 79 -6.93 -7.22 -5.24
C TYR A 79 -5.76 -7.60 -6.14
N THR A 80 -5.95 -7.35 -7.43
CA THR A 80 -4.93 -7.67 -8.41
C THR A 80 -4.13 -6.41 -8.77
N LEU A 81 -2.92 -6.63 -9.28
CA LEU A 81 -2.06 -5.53 -9.67
C LEU A 81 -2.90 -4.45 -10.35
N ALA A 82 -3.49 -4.82 -11.48
CA ALA A 82 -4.31 -3.89 -12.24
C ALA A 82 -5.27 -3.19 -11.29
N GLU A 83 -6.20 -3.96 -10.74
CA GLU A 83 -7.18 -3.43 -9.81
C GLU A 83 -6.54 -2.35 -8.92
N ALA A 84 -5.67 -2.81 -8.04
CA ALA A 84 -4.98 -1.91 -7.13
C ALA A 84 -4.33 -0.78 -7.93
N GLU A 85 -3.35 -1.14 -8.73
CA GLU A 85 -2.65 -0.18 -9.56
C GLU A 85 -3.62 0.88 -10.08
N ALA A 86 -4.49 0.43 -10.98
CA ALA A 86 -5.47 1.32 -11.57
C ALA A 86 -6.23 2.04 -10.45
N ALA A 87 -6.91 1.25 -9.63
CA ALA A 87 -7.68 1.80 -8.52
C ALA A 87 -6.89 2.94 -7.88
N LEU A 88 -5.78 2.58 -7.26
CA LEU A 88 -4.93 3.56 -6.60
C LEU A 88 -4.84 4.81 -7.47
N GLN A 89 -4.52 4.59 -8.73
CA GLN A 89 -4.41 5.69 -9.68
C GLN A 89 -5.70 6.51 -9.72
N LYS A 90 -6.79 5.81 -10.04
CA LYS A 90 -8.09 6.45 -10.12
C LYS A 90 -8.21 7.49 -8.99
N ALA A 91 -7.94 7.03 -7.78
CA ALA A 91 -8.01 7.90 -6.62
C ALA A 91 -7.20 9.17 -6.88
N TRP A 92 -5.96 8.96 -7.32
CA TRP A 92 -5.08 10.08 -7.62
C TRP A 92 -5.67 10.86 -8.78
N ASN A 93 -6.06 10.13 -9.81
CA ASN A 93 -6.64 10.74 -10.99
C ASN A 93 -7.70 11.76 -10.56
N GLN A 94 -8.52 11.34 -9.61
CA GLN A 94 -9.58 12.20 -9.09
C GLN A 94 -9.09 13.64 -9.02
N GLY A 95 -7.89 13.81 -8.49
CA GLY A 95 -7.31 15.13 -8.35
C GLY A 95 -7.55 15.70 -6.96
N GLY A 96 -7.39 14.84 -5.96
CA GLY A 96 -7.59 15.25 -4.58
C GLY A 96 -6.38 16.02 -4.05
N ASP A 97 -6.48 16.44 -2.80
CA ASP A 97 -5.40 17.18 -2.18
C ASP A 97 -4.37 16.20 -1.61
N TRP A 98 -4.88 15.15 -0.99
CA TRP A 98 -4.00 14.14 -0.40
C TRP A 98 -4.66 12.77 -0.62
N ILE A 99 -3.91 11.73 -0.29
CA ILE A 99 -4.40 10.37 -0.45
C ILE A 99 -3.95 9.53 0.75
N ASP A 100 -4.88 8.77 1.29
CA ASP A 100 -4.60 7.91 2.42
C ASP A 100 -4.28 6.51 1.93
N LEU A 101 -3.24 5.92 2.52
CA LEU A 101 -2.83 4.59 2.15
C LEU A 101 -2.69 3.72 3.41
N VAL A 102 -3.48 2.67 3.45
CA VAL A 102 -3.45 1.76 4.59
C VAL A 102 -2.44 0.64 4.33
N VAL A 103 -1.43 0.58 5.17
CA VAL A 103 -0.39 -0.43 5.04
C VAL A 103 -0.02 -0.94 6.43
N ALA A 104 0.35 -2.22 6.47
CA ALA A 104 0.74 -2.84 7.73
C ALA A 104 2.24 -2.62 7.96
N VAL A 105 2.60 -2.51 9.23
CA VAL A 105 3.98 -2.30 9.60
C VAL A 105 4.77 -3.58 9.37
N CYS A 106 6.05 -3.40 9.09
CA CYS A 106 6.93 -4.55 8.85
C CYS A 106 8.26 -4.29 9.57
N PRO A 107 8.63 -5.27 10.44
CA PRO A 107 9.87 -5.16 11.20
C PRO A 107 11.08 -5.44 10.31
N PRO A 108 12.22 -4.79 10.66
CA PRO A 108 13.45 -4.96 9.91
C PRO A 108 14.09 -6.32 10.21
N LYS A 109 14.26 -7.11 9.16
CA LYS A 109 14.85 -8.43 9.30
C LYS A 109 16.17 -8.48 8.53
N GLU A 110 16.11 -8.03 7.28
CA GLU A 110 17.29 -8.01 6.44
C GLU A 110 17.62 -6.58 6.03
N TYR A 111 17.84 -6.40 4.74
CA TYR A 111 18.18 -5.08 4.21
C TYR A 111 17.93 -5.02 2.70
N ASP A 112 18.41 -6.05 2.01
CA ASP A 112 18.26 -6.13 0.57
C ASP A 112 18.95 -4.92 -0.08
N ASP A 113 19.43 -5.14 -1.29
CA ASP A 113 20.10 -4.09 -2.03
C ASP A 113 19.14 -2.92 -2.24
N GLU A 114 19.40 -1.84 -1.52
CA GLU A 114 18.56 -0.65 -1.62
C GLU A 114 19.39 0.54 -2.10
N LEU A 115 19.73 0.49 -3.38
CA LEU A 115 20.51 1.56 -3.98
C LEU A 115 19.73 2.17 -5.15
N THR A 116 20.29 2.02 -6.34
CA THR A 116 19.66 2.55 -7.54
C THR A 116 20.19 1.83 -8.78
N PHE A 117 20.03 2.50 -9.92
CA PHE A 117 20.48 1.94 -11.18
C PHE A 117 19.59 0.77 -11.62
N PHE A 118 18.53 0.56 -10.84
CA PHE A 118 17.59 -0.51 -11.13
C PHE A 118 16.16 -0.08 -10.83
N GLY A 1 -14.23 13.51 0.38
CA GLY A 1 -13.24 12.49 0.66
C GLY A 1 -13.82 11.38 1.52
N SER A 2 -12.98 10.41 1.84
CA SER A 2 -13.40 9.29 2.67
C SER A 2 -12.22 8.77 3.49
N GLU A 3 -12.55 8.25 4.66
CA GLU A 3 -11.53 7.72 5.56
C GLU A 3 -12.16 6.72 6.53
N GLY A 4 -11.60 5.51 6.53
CA GLY A 4 -12.09 4.47 7.40
C GLY A 4 -10.97 3.93 8.29
N ALA A 5 -10.37 2.84 7.83
CA ALA A 5 -9.28 2.22 8.56
C ALA A 5 -9.82 1.66 9.89
N ALA A 6 -9.32 0.49 10.25
CA ALA A 6 -9.74 -0.15 11.48
C ALA A 6 -11.16 -0.70 11.32
N THR A 7 -12.10 0.22 11.18
CA THR A 7 -13.50 -0.17 11.00
C THR A 7 -13.67 -1.01 9.74
N MET A 8 -13.05 -0.54 8.66
CA MET A 8 -13.12 -1.24 7.40
C MET A 8 -12.83 -2.74 7.57
N PHE A 9 -11.87 -3.02 8.45
CA PHE A 9 -11.49 -4.39 8.71
C PHE A 9 -12.18 -4.92 9.98
N SER A 10 -12.01 -6.21 10.20
CA SER A 10 -12.62 -6.85 11.37
C SER A 10 -11.76 -6.59 12.61
N PRO A 11 -12.43 -6.66 13.79
CA PRO A 11 -11.75 -6.44 15.04
C PRO A 11 -10.87 -7.65 15.42
N GLU A 12 -11.14 -8.76 14.76
CA GLU A 12 -10.39 -9.98 15.00
C GLU A 12 -9.37 -10.22 13.90
N GLN A 13 -9.12 -9.16 13.13
CA GLN A 13 -8.18 -9.24 12.04
C GLN A 13 -7.00 -8.29 12.28
N ILE A 14 -7.34 -7.01 12.49
CA ILE A 14 -6.32 -6.01 12.73
C ILE A 14 -5.65 -6.28 14.08
N ALA A 15 -6.47 -6.60 15.06
CA ALA A 15 -5.97 -6.88 16.39
C ALA A 15 -4.81 -7.88 16.29
N GLY A 16 -3.76 -7.60 17.06
CA GLY A 16 -2.60 -8.46 17.07
C GLY A 16 -1.56 -7.99 16.05
N LYS A 17 -2.05 -7.59 14.88
CA LYS A 17 -1.18 -7.12 13.82
C LYS A 17 -0.81 -5.66 14.10
N ASP A 18 0.10 -5.15 13.28
CA ASP A 18 0.56 -3.78 13.43
C ASP A 18 0.45 -3.07 12.08
N VAL A 19 -0.62 -2.32 11.93
CA VAL A 19 -0.86 -1.58 10.70
C VAL A 19 -1.25 -0.13 11.04
N ARG A 20 -1.05 0.74 10.07
CA ARG A 20 -1.37 2.14 10.25
C ARG A 20 -1.89 2.74 8.94
N LEU A 21 -2.30 4.00 9.02
CA LEU A 21 -2.83 4.69 7.86
C LEU A 21 -1.89 5.85 7.51
N LEU A 22 -1.32 5.77 6.32
CA LEU A 22 -0.41 6.80 5.85
C LEU A 22 -1.13 7.68 4.83
N ARG A 23 -0.92 8.98 4.97
CA ARG A 23 -1.54 9.94 4.07
C ARG A 23 -0.48 10.62 3.20
N ILE A 24 -0.70 10.54 1.90
CA ILE A 24 0.23 11.13 0.94
C ILE A 24 -0.39 12.40 0.36
N LYS A 25 0.48 13.30 -0.07
CA LYS A 25 0.04 14.56 -0.64
C LYS A 25 0.06 14.45 -2.17
N LYS A 26 -0.92 15.11 -2.79
CA LYS A 26 -1.02 15.09 -4.24
C LYS A 26 -0.22 16.26 -4.81
N GLU A 27 1.06 16.01 -5.05
CA GLU A 27 1.94 17.03 -5.59
C GLU A 27 2.66 16.50 -6.84
N GLY A 28 2.40 17.15 -7.95
CA GLY A 28 3.00 16.77 -9.21
C GLY A 28 2.31 15.54 -9.80
N SER A 29 2.62 14.38 -9.22
CA SER A 29 2.03 13.13 -9.67
C SER A 29 2.33 12.02 -8.67
N LEU A 30 1.70 10.88 -8.90
CA LEU A 30 1.89 9.73 -8.03
C LEU A 30 3.22 9.05 -8.37
N ASP A 31 3.16 8.17 -9.36
CA ASP A 31 4.34 7.44 -9.79
C ASP A 31 4.76 6.45 -8.70
N LEU A 32 4.16 5.26 -8.77
CA LEU A 32 4.46 4.23 -7.80
C LEU A 32 4.37 2.86 -8.49
N ALA A 33 5.39 2.06 -8.28
CA ALA A 33 5.45 0.73 -8.86
C ALA A 33 4.88 -0.28 -7.87
N LEU A 34 3.96 -1.10 -8.36
CA LEU A 34 3.34 -2.12 -7.53
C LEU A 34 3.65 -3.51 -8.10
N GLU A 35 3.56 -4.50 -7.22
CA GLU A 35 3.84 -5.87 -7.63
C GLU A 35 3.13 -6.85 -6.68
N GLY A 36 3.00 -8.08 -7.15
CA GLY A 36 2.36 -9.12 -6.36
C GLY A 36 0.86 -9.20 -6.69
N GLY A 37 0.06 -9.35 -5.64
CA GLY A 37 -1.38 -9.46 -5.79
C GLY A 37 -1.75 -10.57 -6.78
N VAL A 38 -3.04 -10.84 -6.86
CA VAL A 38 -3.54 -11.88 -7.75
C VAL A 38 -2.83 -13.19 -7.43
N ASP A 39 -2.84 -14.08 -8.41
CA ASP A 39 -2.20 -15.38 -8.26
C ASP A 39 -0.68 -15.20 -8.21
N SER A 40 -0.25 -14.40 -7.25
CA SER A 40 1.17 -14.14 -7.08
C SER A 40 1.73 -15.00 -5.95
N PRO A 41 3.08 -15.14 -5.95
CA PRO A 41 3.75 -15.93 -4.93
C PRO A 41 3.80 -15.18 -3.60
N VAL A 42 3.43 -13.91 -3.66
CA VAL A 42 3.43 -13.07 -2.47
C VAL A 42 2.14 -13.31 -1.69
N GLY A 43 1.06 -13.48 -2.44
CA GLY A 43 -0.24 -13.71 -1.83
C GLY A 43 -0.85 -12.40 -1.30
N LYS A 44 -0.16 -11.31 -1.60
CA LYS A 44 -0.61 -10.00 -1.16
C LYS A 44 -0.01 -8.93 -2.08
N VAL A 45 -0.21 -7.68 -1.69
CA VAL A 45 0.31 -6.56 -2.45
C VAL A 45 1.52 -5.97 -1.73
N VAL A 46 2.52 -5.61 -2.53
CA VAL A 46 3.74 -5.03 -1.98
C VAL A 46 4.30 -4.02 -2.97
N VAL A 47 4.67 -2.86 -2.43
CA VAL A 47 5.23 -1.80 -3.25
C VAL A 47 6.50 -2.30 -3.95
N SER A 48 6.49 -2.21 -5.26
CA SER A 48 7.64 -2.65 -6.05
C SER A 48 8.78 -1.64 -5.93
N ALA A 49 8.42 -0.37 -6.11
CA ALA A 49 9.40 0.69 -6.02
C ALA A 49 8.68 2.03 -5.94
N VAL A 50 9.29 2.96 -5.21
CA VAL A 50 8.72 4.28 -5.05
C VAL A 50 9.48 5.28 -5.92
N TYR A 51 8.99 5.45 -7.14
CA TYR A 51 9.61 6.37 -8.07
C TYR A 51 9.95 7.70 -7.40
N GLU A 52 11.24 7.98 -7.33
CA GLU A 52 11.70 9.21 -6.72
C GLU A 52 11.00 10.41 -7.34
N GLY A 53 10.72 10.29 -8.62
CA GLY A 53 10.05 11.37 -9.34
C GLY A 53 8.52 11.23 -9.23
N GLY A 54 8.04 11.41 -8.02
CA GLY A 54 6.61 11.31 -7.76
C GLY A 54 6.26 11.87 -6.38
N ALA A 55 4.97 11.88 -6.08
CA ALA A 55 4.49 12.37 -4.81
C ALA A 55 4.66 11.29 -3.74
N ALA A 56 4.83 10.06 -4.22
CA ALA A 56 5.01 8.93 -3.32
C ALA A 56 6.29 9.11 -2.52
N GLU A 57 7.37 9.37 -3.25
CA GLU A 57 8.67 9.56 -2.62
C GLU A 57 8.67 10.85 -1.78
N ARG A 58 8.09 11.89 -2.35
CA ARG A 58 8.01 13.17 -1.67
C ARG A 58 7.53 12.98 -0.23
N HIS A 59 6.40 12.29 -0.11
CA HIS A 59 5.82 12.04 1.20
C HIS A 59 6.91 11.54 2.16
N GLY A 60 7.51 10.42 1.80
CA GLY A 60 8.57 9.83 2.61
C GLY A 60 7.98 9.03 3.77
N GLY A 61 7.18 8.04 3.42
CA GLY A 61 6.55 7.19 4.41
C GLY A 61 6.48 5.74 3.95
N VAL A 62 5.77 5.54 2.84
CA VAL A 62 5.62 4.21 2.28
C VAL A 62 6.75 3.95 1.29
N VAL A 63 7.45 2.84 1.51
CA VAL A 63 8.55 2.47 0.65
C VAL A 63 8.22 1.15 -0.06
N LYS A 64 9.26 0.53 -0.60
CA LYS A 64 9.09 -0.73 -1.31
C LYS A 64 9.05 -1.88 -0.30
N GLY A 65 8.08 -2.76 -0.47
CA GLY A 65 7.92 -3.89 0.41
C GLY A 65 6.73 -3.71 1.34
N ASP A 66 6.28 -2.45 1.44
CA ASP A 66 5.15 -2.12 2.29
C ASP A 66 3.98 -3.04 1.95
N GLU A 67 3.27 -3.45 2.99
CA GLU A 67 2.11 -4.31 2.81
C GLU A 67 0.84 -3.48 2.59
N ILE A 68 0.47 -3.35 1.33
CA ILE A 68 -0.73 -2.59 0.98
C ILE A 68 -1.97 -3.41 1.30
N MET A 69 -2.96 -2.74 1.87
CA MET A 69 -4.21 -3.40 2.23
C MET A 69 -5.41 -2.59 1.72
N ALA A 70 -5.33 -1.29 1.92
CA ALA A 70 -6.41 -0.40 1.51
C ALA A 70 -5.80 0.84 0.83
N ILE A 71 -6.43 1.24 -0.26
CA ILE A 71 -5.97 2.40 -1.02
C ILE A 71 -7.09 3.45 -1.03
N ASN A 72 -6.86 4.52 -0.27
CA ASN A 72 -7.82 5.60 -0.18
C ASN A 72 -8.93 5.21 0.80
N GLY A 73 -9.50 4.05 0.56
CA GLY A 73 -10.58 3.55 1.40
C GLY A 73 -11.01 2.14 0.98
N LYS A 74 -11.02 1.93 -0.32
CA LYS A 74 -11.39 0.63 -0.87
C LYS A 74 -10.37 -0.42 -0.43
N ILE A 75 -10.90 -1.58 -0.05
CA ILE A 75 -10.05 -2.67 0.40
C ILE A 75 -9.33 -3.27 -0.82
N VAL A 76 -8.01 -3.41 -0.67
CA VAL A 76 -7.20 -3.96 -1.73
C VAL A 76 -6.45 -5.19 -1.21
N THR A 77 -7.01 -5.78 -0.16
CA THR A 77 -6.40 -6.96 0.44
C THR A 77 -6.29 -8.07 -0.60
N ASP A 78 -7.44 -8.56 -1.04
CA ASP A 78 -7.48 -9.63 -2.01
C ASP A 78 -7.67 -9.04 -3.41
N TYR A 79 -7.00 -7.90 -3.62
CA TYR A 79 -7.09 -7.22 -4.91
C TYR A 79 -5.92 -7.61 -5.81
N THR A 80 -6.11 -7.38 -7.10
CA THR A 80 -5.09 -7.70 -8.08
C THR A 80 -4.30 -6.45 -8.45
N LEU A 81 -3.09 -6.67 -8.95
CA LEU A 81 -2.23 -5.58 -9.36
C LEU A 81 -3.06 -4.52 -10.08
N ALA A 82 -3.62 -4.92 -11.21
CA ALA A 82 -4.44 -4.01 -12.00
C ALA A 82 -5.40 -3.26 -11.07
N GLU A 83 -6.26 -4.02 -10.41
CA GLU A 83 -7.23 -3.45 -9.50
C GLU A 83 -6.57 -2.35 -8.66
N ALA A 84 -5.69 -2.79 -7.77
CA ALA A 84 -4.99 -1.85 -6.90
C ALA A 84 -4.33 -0.77 -7.74
N GLU A 85 -3.36 -1.18 -8.55
CA GLU A 85 -2.65 -0.25 -9.42
C GLU A 85 -3.60 0.83 -9.92
N ALA A 86 -4.55 0.41 -10.75
CA ALA A 86 -5.52 1.32 -11.31
C ALA A 86 -6.23 2.07 -10.17
N ALA A 87 -6.78 1.29 -9.25
CA ALA A 87 -7.49 1.85 -8.12
C ALA A 87 -6.72 3.08 -7.61
N LEU A 88 -5.50 2.83 -7.15
CA LEU A 88 -4.67 3.90 -6.63
C LEU A 88 -4.63 5.04 -7.64
N GLN A 89 -4.33 4.68 -8.88
CA GLN A 89 -4.26 5.67 -9.95
C GLN A 89 -5.53 6.51 -9.99
N LYS A 90 -6.65 5.82 -10.15
CA LYS A 90 -7.94 6.49 -10.21
C LYS A 90 -8.00 7.56 -9.11
N ALA A 91 -7.98 7.08 -7.87
CA ALA A 91 -8.02 7.98 -6.73
C ALA A 91 -7.19 9.22 -7.02
N TRP A 92 -5.91 9.00 -7.26
CA TRP A 92 -4.99 10.09 -7.56
C TRP A 92 -5.57 10.87 -8.74
N ASN A 93 -5.89 10.15 -9.79
CA ASN A 93 -6.45 10.77 -10.98
C ASN A 93 -7.61 11.67 -10.59
N GLN A 94 -8.54 11.10 -9.85
CA GLN A 94 -9.71 11.85 -9.39
C GLN A 94 -9.32 13.30 -9.08
N GLY A 95 -8.35 13.44 -8.20
CA GLY A 95 -7.87 14.76 -7.82
C GLY A 95 -7.53 14.81 -6.33
N GLY A 96 -8.50 15.23 -5.54
CA GLY A 96 -8.31 15.32 -4.10
C GLY A 96 -7.04 16.11 -3.77
N ASP A 97 -6.84 16.31 -2.47
CA ASP A 97 -5.67 17.05 -2.01
C ASP A 97 -4.59 16.05 -1.58
N TRP A 98 -5.03 15.04 -0.86
CA TRP A 98 -4.11 14.01 -0.39
C TRP A 98 -4.80 12.64 -0.54
N ILE A 99 -4.01 11.60 -0.38
CA ILE A 99 -4.52 10.25 -0.50
C ILE A 99 -4.14 9.44 0.74
N ASP A 100 -5.01 8.51 1.10
CA ASP A 100 -4.78 7.67 2.27
C ASP A 100 -4.36 6.28 1.81
N LEU A 101 -3.41 5.71 2.54
CA LEU A 101 -2.92 4.39 2.22
C LEU A 101 -2.68 3.61 3.52
N VAL A 102 -3.46 2.55 3.69
CA VAL A 102 -3.34 1.72 4.87
C VAL A 102 -2.39 0.55 4.59
N VAL A 103 -1.22 0.63 5.20
CA VAL A 103 -0.21 -0.41 5.01
C VAL A 103 0.23 -0.92 6.39
N ALA A 104 0.56 -2.21 6.41
CA ALA A 104 1.01 -2.83 7.64
C ALA A 104 2.44 -2.41 7.96
N VAL A 105 2.73 -2.26 9.24
CA VAL A 105 4.05 -1.86 9.67
C VAL A 105 5.03 -3.00 9.42
N CYS A 106 6.25 -2.62 9.05
CA CYS A 106 7.29 -3.59 8.77
C CYS A 106 8.65 -2.90 8.90
N PRO A 107 9.49 -3.46 9.80
CA PRO A 107 10.82 -2.91 10.03
C PRO A 107 11.76 -3.26 8.88
N PRO A 108 12.83 -2.43 8.74
CA PRO A 108 13.82 -2.65 7.69
C PRO A 108 14.73 -3.83 8.03
N LYS A 109 14.56 -4.90 7.27
CA LYS A 109 15.36 -6.09 7.48
C LYS A 109 15.20 -7.02 6.27
N GLU A 110 13.95 -7.20 5.87
CA GLU A 110 13.64 -8.06 4.74
C GLU A 110 14.04 -9.50 5.04
N TYR A 111 13.04 -10.36 5.12
CA TYR A 111 13.28 -11.77 5.40
C TYR A 111 11.96 -12.56 5.41
N ASP A 112 11.92 -13.58 4.57
CA ASP A 112 10.73 -14.41 4.47
C ASP A 112 10.88 -15.61 5.41
N ASP A 113 12.04 -16.24 5.34
CA ASP A 113 12.32 -17.40 6.17
C ASP A 113 11.33 -18.51 5.84
N GLU A 114 11.50 -19.63 6.52
CA GLU A 114 10.62 -20.78 6.32
C GLU A 114 10.34 -20.96 4.83
N LEU A 115 11.34 -21.46 4.13
CA LEU A 115 11.21 -21.70 2.70
C LEU A 115 11.39 -23.18 2.41
N THR A 116 12.18 -23.46 1.38
CA THR A 116 12.45 -24.83 0.99
C THR A 116 13.95 -25.07 0.85
N PHE A 117 14.71 -24.05 1.23
CA PHE A 117 16.17 -24.14 1.15
C PHE A 117 16.78 -24.30 2.54
N PHE A 118 16.26 -23.52 3.48
CA PHE A 118 16.75 -23.57 4.85
C PHE A 118 16.16 -24.78 5.59
N GLY A 1 -15.78 10.66 2.28
CA GLY A 1 -15.93 9.56 3.21
C GLY A 1 -14.66 8.71 3.26
N SER A 2 -14.01 8.73 4.42
CA SER A 2 -12.79 7.97 4.60
C SER A 2 -12.85 7.20 5.92
N GLU A 3 -13.22 5.93 5.82
CA GLU A 3 -13.32 5.08 6.99
C GLU A 3 -12.01 5.09 7.77
N GLY A 4 -12.02 4.39 8.90
CA GLY A 4 -10.84 4.32 9.75
C GLY A 4 -9.90 3.22 9.26
N ALA A 5 -9.50 2.38 10.21
CA ALA A 5 -8.58 1.29 9.91
C ALA A 5 -8.86 0.12 10.86
N ALA A 6 -8.28 -1.02 10.53
CA ALA A 6 -8.45 -2.21 11.35
C ALA A 6 -9.88 -2.73 11.19
N THR A 7 -10.83 -1.91 11.62
CA THR A 7 -12.23 -2.27 11.53
C THR A 7 -12.59 -2.68 10.11
N MET A 8 -11.98 -1.99 9.15
CA MET A 8 -12.23 -2.27 7.75
C MET A 8 -11.96 -3.74 7.43
N PHE A 9 -11.09 -4.35 8.24
CA PHE A 9 -10.74 -5.74 8.06
C PHE A 9 -11.22 -6.58 9.24
N SER A 10 -11.04 -7.90 9.10
CA SER A 10 -11.46 -8.82 10.14
C SER A 10 -10.31 -9.04 11.13
N PRO A 11 -10.61 -9.82 12.19
CA PRO A 11 -9.61 -10.12 13.20
C PRO A 11 -8.61 -11.16 12.70
N GLU A 12 -9.12 -12.12 11.95
CA GLU A 12 -8.29 -13.17 11.41
C GLU A 12 -7.67 -12.71 10.08
N GLN A 13 -7.96 -11.48 9.72
CA GLN A 13 -7.42 -10.91 8.50
C GLN A 13 -6.26 -9.97 8.81
N ILE A 14 -6.08 -9.69 10.09
CA ILE A 14 -5.01 -8.81 10.52
C ILE A 14 -4.18 -9.53 11.60
N ALA A 15 -4.86 -9.89 12.68
CA ALA A 15 -4.20 -10.57 13.77
C ALA A 15 -3.16 -9.64 14.39
N GLY A 16 -1.94 -10.17 14.52
CA GLY A 16 -0.85 -9.40 15.09
C GLY A 16 -0.09 -8.65 14.01
N LYS A 17 -0.81 -8.31 12.95
CA LYS A 17 -0.22 -7.58 11.84
C LYS A 17 -0.14 -6.09 12.19
N ASP A 18 0.83 -5.42 11.58
CA ASP A 18 1.03 -4.01 11.82
C ASP A 18 0.37 -3.21 10.69
N VAL A 19 -0.80 -2.67 11.00
CA VAL A 19 -1.53 -1.88 10.01
C VAL A 19 -1.49 -0.40 10.42
N ARG A 20 -0.77 0.38 9.62
CA ARG A 20 -0.65 1.80 9.88
C ARG A 20 -1.21 2.61 8.70
N LEU A 21 -1.96 3.65 9.05
CA LEU A 21 -2.55 4.50 8.03
C LEU A 21 -1.71 5.77 7.88
N LEU A 22 -1.35 6.07 6.64
CA LEU A 22 -0.56 7.24 6.34
C LEU A 22 -1.27 8.10 5.30
N ARG A 23 -1.04 9.40 5.39
CA ARG A 23 -1.66 10.33 4.46
C ARG A 23 -0.60 10.99 3.58
N ILE A 24 -0.71 10.75 2.29
CA ILE A 24 0.23 11.30 1.34
C ILE A 24 -0.38 12.55 0.69
N LYS A 25 0.50 13.43 0.22
CA LYS A 25 0.06 14.66 -0.41
C LYS A 25 -0.09 14.42 -1.91
N LYS A 26 -1.10 15.06 -2.48
CA LYS A 26 -1.37 14.93 -3.91
C LYS A 26 -0.65 16.06 -4.65
N GLU A 27 0.67 15.96 -4.70
CA GLU A 27 1.47 16.97 -5.38
C GLU A 27 2.25 16.33 -6.53
N GLY A 28 2.37 17.10 -7.61
CA GLY A 28 3.08 16.62 -8.79
C GLY A 28 2.38 15.41 -9.40
N SER A 29 2.57 14.26 -8.75
CA SER A 29 1.96 13.04 -9.22
C SER A 29 2.19 11.92 -8.20
N LEU A 30 1.79 10.72 -8.57
CA LEU A 30 1.94 9.56 -7.70
C LEU A 30 3.26 8.86 -8.03
N ASP A 31 3.22 8.03 -9.06
CA ASP A 31 4.39 7.29 -9.48
C ASP A 31 4.78 6.29 -8.40
N LEU A 32 4.20 5.10 -8.50
CA LEU A 32 4.47 4.06 -7.54
C LEU A 32 4.36 2.69 -8.22
N ALA A 33 5.37 1.86 -7.98
CA ALA A 33 5.39 0.53 -8.57
C ALA A 33 4.79 -0.48 -7.58
N LEU A 34 3.97 -1.37 -8.12
CA LEU A 34 3.33 -2.38 -7.29
C LEU A 34 3.66 -3.77 -7.84
N GLU A 35 3.55 -4.77 -6.97
CA GLU A 35 3.83 -6.13 -7.37
C GLU A 35 3.08 -7.11 -6.46
N GLY A 36 2.89 -8.32 -6.97
CA GLY A 36 2.20 -9.35 -6.22
C GLY A 36 0.73 -9.43 -6.62
N GLY A 37 -0.13 -9.60 -5.62
CA GLY A 37 -1.56 -9.70 -5.88
C GLY A 37 -1.87 -10.84 -6.84
N VAL A 38 -3.16 -11.08 -7.01
CA VAL A 38 -3.61 -12.14 -7.91
C VAL A 38 -2.96 -13.46 -7.50
N ASP A 39 -2.89 -14.37 -8.46
CA ASP A 39 -2.29 -15.67 -8.22
C ASP A 39 -0.77 -15.51 -8.06
N SER A 40 -0.40 -14.67 -7.10
CA SER A 40 1.01 -14.42 -6.83
C SER A 40 1.47 -15.23 -5.62
N PRO A 41 2.81 -15.39 -5.51
CA PRO A 41 3.40 -16.13 -4.40
C PRO A 41 3.36 -15.31 -3.11
N VAL A 42 3.19 -14.00 -3.29
CA VAL A 42 3.14 -13.10 -2.15
C VAL A 42 1.80 -13.29 -1.42
N GLY A 43 0.76 -13.47 -2.21
CA GLY A 43 -0.57 -13.66 -1.65
C GLY A 43 -1.10 -12.36 -1.05
N LYS A 44 -0.45 -11.26 -1.40
CA LYS A 44 -0.84 -9.96 -0.91
C LYS A 44 -0.21 -8.87 -1.79
N VAL A 45 -0.50 -7.63 -1.43
CA VAL A 45 0.03 -6.50 -2.17
C VAL A 45 1.23 -5.92 -1.42
N VAL A 46 2.26 -5.61 -2.20
CA VAL A 46 3.48 -5.06 -1.62
C VAL A 46 4.09 -4.05 -2.61
N VAL A 47 4.47 -2.90 -2.07
CA VAL A 47 5.06 -1.86 -2.88
C VAL A 47 6.33 -2.40 -3.55
N SER A 48 6.29 -2.44 -4.88
CA SER A 48 7.42 -2.92 -5.65
C SER A 48 8.58 -1.92 -5.58
N ALA A 49 8.23 -0.66 -5.78
CA ALA A 49 9.23 0.40 -5.74
C ALA A 49 8.52 1.76 -5.68
N VAL A 50 9.12 2.67 -4.92
CA VAL A 50 8.57 4.00 -4.77
C VAL A 50 9.33 4.97 -5.68
N TYR A 51 8.81 5.13 -6.89
CA TYR A 51 9.43 6.02 -7.86
C TYR A 51 9.70 7.39 -7.24
N GLU A 52 10.97 7.79 -7.29
CA GLU A 52 11.37 9.07 -6.74
C GLU A 52 10.74 10.22 -7.54
N GLY A 53 10.69 11.38 -6.92
CA GLY A 53 10.12 12.55 -7.56
C GLY A 53 8.63 12.68 -7.26
N GLY A 54 7.92 11.56 -7.45
CA GLY A 54 6.50 11.54 -7.21
C GLY A 54 6.17 11.98 -5.77
N ALA A 55 4.90 11.92 -5.44
CA ALA A 55 4.44 12.31 -4.11
C ALA A 55 4.80 11.21 -3.12
N ALA A 56 4.55 9.98 -3.52
CA ALA A 56 4.83 8.83 -2.67
C ALA A 56 6.23 8.98 -2.08
N GLU A 57 7.20 9.13 -2.98
CA GLU A 57 8.58 9.29 -2.56
C GLU A 57 8.73 10.47 -1.60
N ARG A 58 8.20 11.61 -2.04
CA ARG A 58 8.27 12.82 -1.24
C ARG A 58 7.74 12.55 0.17
N HIS A 59 6.58 11.90 0.22
CA HIS A 59 5.95 11.58 1.49
C HIS A 59 6.94 10.79 2.36
N GLY A 60 7.28 9.61 1.88
CA GLY A 60 8.21 8.75 2.59
C GLY A 60 7.47 7.81 3.55
N GLY A 61 8.16 7.45 4.62
CA GLY A 61 7.58 6.57 5.62
C GLY A 61 7.42 5.15 5.06
N VAL A 62 6.58 5.04 4.05
CA VAL A 62 6.32 3.76 3.43
C VAL A 62 7.33 3.53 2.31
N VAL A 63 7.95 2.35 2.34
CA VAL A 63 8.94 2.00 1.34
C VAL A 63 8.48 0.74 0.59
N LYS A 64 9.43 0.15 -0.13
CA LYS A 64 9.13 -1.05 -0.90
C LYS A 64 9.16 -2.26 0.05
N GLY A 65 8.25 -3.19 -0.21
CA GLY A 65 8.16 -4.39 0.60
C GLY A 65 6.97 -4.32 1.56
N ASP A 66 6.40 -3.13 1.65
CA ASP A 66 5.25 -2.92 2.51
C ASP A 66 4.17 -3.95 2.18
N GLU A 67 3.06 -3.84 2.89
CA GLU A 67 1.94 -4.75 2.69
C GLU A 67 0.63 -3.97 2.54
N ILE A 68 0.51 -3.29 1.42
CA ILE A 68 -0.67 -2.49 1.13
C ILE A 68 -1.92 -3.33 1.44
N MET A 69 -2.93 -2.66 1.98
CA MET A 69 -4.17 -3.33 2.31
C MET A 69 -5.37 -2.55 1.78
N ALA A 70 -5.41 -1.27 2.12
CA ALA A 70 -6.50 -0.41 1.69
C ALA A 70 -5.92 0.86 1.06
N ILE A 71 -6.66 1.42 0.11
CA ILE A 71 -6.23 2.63 -0.56
C ILE A 71 -7.38 3.63 -0.58
N ASN A 72 -7.19 4.72 0.15
CA ASN A 72 -8.21 5.76 0.22
C ASN A 72 -9.50 5.17 0.78
N GLY A 73 -9.35 4.04 1.45
CA GLY A 73 -10.50 3.36 2.04
C GLY A 73 -10.79 2.04 1.30
N LYS A 74 -10.67 2.10 -0.02
CA LYS A 74 -10.92 0.93 -0.84
C LYS A 74 -10.05 -0.23 -0.35
N ILE A 75 -10.66 -1.40 -0.29
CA ILE A 75 -9.96 -2.59 0.16
C ILE A 75 -9.22 -3.22 -1.03
N VAL A 76 -7.94 -3.51 -0.80
CA VAL A 76 -7.12 -4.11 -1.83
C VAL A 76 -6.54 -5.43 -1.32
N THR A 77 -7.22 -5.99 -0.33
CA THR A 77 -6.78 -7.24 0.27
C THR A 77 -6.61 -8.31 -0.82
N ASP A 78 -7.75 -8.80 -1.31
CA ASP A 78 -7.74 -9.81 -2.34
C ASP A 78 -7.85 -9.15 -3.72
N TYR A 79 -7.11 -8.06 -3.87
CA TYR A 79 -7.11 -7.32 -5.11
C TYR A 79 -5.92 -7.70 -5.98
N THR A 80 -6.12 -7.60 -7.29
CA THR A 80 -5.06 -7.94 -8.23
C THR A 80 -4.25 -6.69 -8.59
N LEU A 81 -3.03 -6.92 -9.03
CA LEU A 81 -2.14 -5.84 -9.40
C LEU A 81 -2.94 -4.75 -10.12
N ALA A 82 -3.49 -5.12 -11.26
CA ALA A 82 -4.28 -4.19 -12.06
C ALA A 82 -5.27 -3.46 -11.14
N GLU A 83 -6.18 -4.25 -10.57
CA GLU A 83 -7.18 -3.69 -9.67
C GLU A 83 -6.56 -2.60 -8.78
N ALA A 84 -5.69 -3.05 -7.88
CA ALA A 84 -5.03 -2.15 -6.96
C ALA A 84 -4.35 -1.03 -7.76
N GLU A 85 -3.34 -1.43 -8.53
CA GLU A 85 -2.61 -0.48 -9.36
C GLU A 85 -3.56 0.59 -9.89
N ALA A 86 -4.57 0.15 -10.62
CA ALA A 86 -5.54 1.05 -11.19
C ALA A 86 -6.25 1.82 -10.07
N ALA A 87 -6.87 1.06 -9.18
CA ALA A 87 -7.59 1.66 -8.06
C ALA A 87 -6.76 2.81 -7.49
N LEU A 88 -5.55 2.49 -7.07
CA LEU A 88 -4.66 3.48 -6.51
C LEU A 88 -4.62 4.71 -7.43
N GLN A 89 -4.23 4.45 -8.68
CA GLN A 89 -4.14 5.52 -9.67
C GLN A 89 -5.46 6.29 -9.72
N LYS A 90 -6.51 5.58 -10.07
CA LYS A 90 -7.83 6.18 -10.17
C LYS A 90 -8.00 7.21 -9.04
N ALA A 91 -7.69 6.77 -7.83
CA ALA A 91 -7.80 7.63 -6.67
C ALA A 91 -7.02 8.92 -6.92
N TRP A 92 -5.75 8.76 -7.23
CA TRP A 92 -4.88 9.90 -7.50
C TRP A 92 -5.48 10.67 -8.67
N ASN A 93 -5.83 9.92 -9.72
CA ASN A 93 -6.40 10.52 -10.91
C ASN A 93 -7.49 11.51 -10.50
N GLN A 94 -8.35 11.07 -9.59
CA GLN A 94 -9.44 11.90 -9.11
C GLN A 94 -8.98 13.36 -9.01
N GLY A 95 -7.94 13.57 -8.21
CA GLY A 95 -7.40 14.90 -8.00
C GLY A 95 -7.82 15.46 -6.64
N GLY A 96 -6.85 15.48 -5.74
CA GLY A 96 -7.10 15.99 -4.39
C GLY A 96 -5.86 16.67 -3.83
N ASP A 97 -5.90 16.93 -2.53
CA ASP A 97 -4.78 17.57 -1.85
C ASP A 97 -3.90 16.51 -1.20
N TRP A 98 -4.55 15.55 -0.57
CA TRP A 98 -3.85 14.46 0.10
C TRP A 98 -4.62 13.17 -0.14
N ILE A 99 -3.91 12.06 -0.04
CA ILE A 99 -4.52 10.75 -0.23
C ILE A 99 -4.11 9.83 0.92
N ASP A 100 -5.09 9.06 1.39
CA ASP A 100 -4.85 8.14 2.48
C ASP A 100 -4.62 6.74 1.91
N LEU A 101 -3.43 6.20 2.21
CA LEU A 101 -3.08 4.88 1.73
C LEU A 101 -2.85 3.96 2.93
N VAL A 102 -3.72 2.97 3.05
CA VAL A 102 -3.63 2.02 4.14
C VAL A 102 -2.63 0.92 3.78
N VAL A 103 -1.57 0.83 4.57
CA VAL A 103 -0.54 -0.17 4.33
C VAL A 103 0.10 -0.56 5.67
N ALA A 104 0.38 -1.85 5.79
CA ALA A 104 0.99 -2.36 7.01
C ALA A 104 2.49 -2.06 6.98
N VAL A 105 3.05 -1.88 8.18
CA VAL A 105 4.47 -1.59 8.30
C VAL A 105 5.25 -2.90 8.42
N CYS A 106 6.47 -2.85 7.92
CA CYS A 106 7.33 -4.03 7.96
C CYS A 106 8.70 -3.65 7.39
N PRO A 107 9.76 -3.95 8.18
CA PRO A 107 11.12 -3.64 7.77
C PRO A 107 11.60 -4.62 6.70
N PRO A 108 12.79 -4.30 6.12
CA PRO A 108 13.37 -5.13 5.08
C PRO A 108 13.96 -6.40 5.67
N LYS A 109 13.31 -7.52 5.38
CA LYS A 109 13.76 -8.81 5.88
C LYS A 109 13.79 -9.80 4.71
N GLU A 110 12.71 -9.82 3.95
CA GLU A 110 12.62 -10.72 2.82
C GLU A 110 12.60 -12.17 3.29
N TYR A 111 11.48 -12.83 3.02
CA TYR A 111 11.32 -14.22 3.42
C TYR A 111 10.42 -14.98 2.44
N ASP A 112 11.04 -15.82 1.64
CA ASP A 112 10.31 -16.61 0.66
C ASP A 112 10.04 -18.00 1.22
N ASP A 113 8.76 -18.32 1.32
CA ASP A 113 8.37 -19.62 1.84
C ASP A 113 6.85 -19.76 1.74
N GLU A 114 6.41 -20.51 0.75
CA GLU A 114 4.99 -20.73 0.53
C GLU A 114 4.67 -22.22 0.55
N LEU A 115 5.56 -22.99 -0.06
CA LEU A 115 5.38 -24.44 -0.11
C LEU A 115 6.68 -25.12 0.31
N THR A 116 7.25 -25.87 -0.63
CA THR A 116 8.49 -26.58 -0.37
C THR A 116 9.07 -27.12 -1.67
N PHE A 117 10.37 -26.91 -1.83
CA PHE A 117 11.06 -27.37 -3.03
C PHE A 117 11.19 -28.90 -3.04
N PHE A 118 10.06 -29.55 -3.27
CA PHE A 118 10.03 -31.00 -3.31
C PHE A 118 9.23 -31.50 -4.51
N GLY A 1 -6.60 9.28 18.90
CA GLY A 1 -5.38 9.05 19.64
C GLY A 1 -4.19 8.88 18.70
N SER A 2 -3.72 7.65 18.61
CA SER A 2 -2.59 7.34 17.74
C SER A 2 -2.74 5.94 17.16
N GLU A 3 -3.42 5.88 16.04
CA GLU A 3 -3.64 4.61 15.36
C GLU A 3 -4.42 4.82 14.06
N GLY A 4 -4.27 3.87 13.16
CA GLY A 4 -4.94 3.94 11.88
C GLY A 4 -6.21 3.08 11.87
N ALA A 5 -6.54 2.57 10.70
CA ALA A 5 -7.72 1.73 10.55
C ALA A 5 -7.47 0.39 11.24
N ALA A 6 -8.53 -0.42 11.27
CA ALA A 6 -8.44 -1.73 11.89
C ALA A 6 -9.81 -2.41 11.83
N THR A 7 -10.83 -1.64 12.15
CA THR A 7 -12.20 -2.15 12.13
C THR A 7 -12.58 -2.58 10.71
N MET A 8 -12.02 -1.88 9.74
CA MET A 8 -12.30 -2.18 8.34
C MET A 8 -11.82 -3.58 7.98
N PHE A 9 -10.87 -4.08 8.77
CA PHE A 9 -10.32 -5.40 8.55
C PHE A 9 -10.84 -6.40 9.57
N SER A 10 -11.13 -7.60 9.10
CA SER A 10 -11.64 -8.65 9.98
C SER A 10 -10.62 -8.97 11.06
N PRO A 11 -11.11 -9.63 12.14
CA PRO A 11 -10.25 -10.00 13.25
C PRO A 11 -9.35 -11.18 12.89
N GLU A 12 -9.83 -11.98 11.95
CA GLU A 12 -9.09 -13.14 11.50
C GLU A 12 -8.22 -12.78 10.29
N GLN A 13 -7.99 -11.49 10.12
CA GLN A 13 -7.19 -11.00 9.01
C GLN A 13 -5.92 -10.31 9.54
N ILE A 14 -6.14 -9.27 10.32
CA ILE A 14 -5.04 -8.52 10.89
C ILE A 14 -4.23 -9.42 11.83
N ALA A 15 -4.95 -9.98 12.80
CA ALA A 15 -4.32 -10.86 13.77
C ALA A 15 -2.94 -10.30 14.15
N GLY A 16 -2.97 -9.26 14.96
CA GLY A 16 -1.74 -8.62 15.40
C GLY A 16 -1.27 -7.56 14.39
N LYS A 17 -1.37 -7.91 13.12
CA LYS A 17 -0.97 -7.02 12.06
C LYS A 17 -1.40 -5.59 12.42
N ASP A 18 -0.41 -4.77 12.77
CA ASP A 18 -0.67 -3.40 13.14
C ASP A 18 -0.85 -2.56 11.86
N VAL A 19 -2.11 -2.27 11.56
CA VAL A 19 -2.43 -1.49 10.38
C VAL A 19 -2.04 -0.03 10.62
N ARG A 20 -1.33 0.53 9.65
CA ARG A 20 -0.90 1.92 9.75
C ARG A 20 -1.51 2.75 8.63
N LEU A 21 -2.21 3.80 9.03
CA LEU A 21 -2.86 4.68 8.07
C LEU A 21 -1.94 5.88 7.79
N LEU A 22 -1.42 5.92 6.56
CA LEU A 22 -0.54 6.99 6.15
C LEU A 22 -1.31 7.97 5.26
N ARG A 23 -0.78 9.17 5.17
CA ARG A 23 -1.40 10.21 4.36
C ARG A 23 -0.38 10.80 3.38
N ILE A 24 -0.67 10.61 2.09
CA ILE A 24 0.20 11.12 1.05
C ILE A 24 -0.48 12.30 0.35
N LYS A 25 0.33 13.30 0.03
CA LYS A 25 -0.18 14.49 -0.64
C LYS A 25 -0.24 14.24 -2.14
N LYS A 26 -1.20 14.88 -2.78
CA LYS A 26 -1.37 14.73 -4.21
C LYS A 26 -0.65 15.87 -4.93
N GLU A 27 0.67 15.73 -5.00
CA GLU A 27 1.49 16.74 -5.66
C GLU A 27 2.53 16.07 -6.56
N GLY A 28 2.42 16.38 -7.85
CA GLY A 28 3.34 15.81 -8.83
C GLY A 28 3.06 14.33 -9.05
N SER A 29 1.85 14.05 -9.52
CA SER A 29 1.44 12.68 -9.78
C SER A 29 1.86 11.78 -8.62
N LEU A 30 1.74 10.48 -8.86
CA LEU A 30 2.10 9.50 -7.84
C LEU A 30 3.41 8.82 -8.24
N ASP A 31 3.34 8.10 -9.36
CA ASP A 31 4.51 7.39 -9.87
C ASP A 31 4.94 6.34 -8.84
N LEU A 32 4.12 5.33 -8.68
CA LEU A 32 4.41 4.26 -7.73
C LEU A 32 4.17 2.90 -8.42
N ALA A 33 5.14 2.02 -8.25
CA ALA A 33 5.06 0.69 -8.83
C ALA A 33 4.46 -0.27 -7.80
N LEU A 34 3.71 -1.24 -8.32
CA LEU A 34 3.08 -2.24 -7.46
C LEU A 34 3.34 -3.63 -8.03
N GLU A 35 3.24 -4.62 -7.16
CA GLU A 35 3.46 -6.00 -7.56
C GLU A 35 2.73 -6.95 -6.60
N GLY A 36 2.55 -8.18 -7.07
CA GLY A 36 1.88 -9.19 -6.28
C GLY A 36 0.38 -9.24 -6.61
N GLY A 37 -0.41 -9.50 -5.58
CA GLY A 37 -1.85 -9.56 -5.74
C GLY A 37 -2.25 -10.76 -6.60
N VAL A 38 -3.52 -10.81 -6.95
CA VAL A 38 -4.04 -11.89 -7.77
C VAL A 38 -3.35 -13.19 -7.38
N ASP A 39 -3.21 -14.07 -8.36
CA ASP A 39 -2.57 -15.35 -8.13
C ASP A 39 -1.06 -15.17 -8.09
N SER A 40 -0.63 -14.27 -7.21
CA SER A 40 0.79 -13.99 -7.05
C SER A 40 1.40 -14.90 -5.99
N PRO A 41 2.74 -15.03 -6.05
CA PRO A 41 3.45 -15.87 -5.10
C PRO A 41 3.54 -15.19 -3.73
N VAL A 42 3.03 -13.97 -3.68
CA VAL A 42 3.04 -13.21 -2.43
C VAL A 42 1.74 -13.46 -1.68
N GLY A 43 0.65 -13.48 -2.44
CA GLY A 43 -0.66 -13.72 -1.84
C GLY A 43 -1.21 -12.42 -1.24
N LYS A 44 -0.55 -11.32 -1.55
CA LYS A 44 -0.96 -10.03 -1.03
C LYS A 44 -0.37 -8.93 -1.91
N VAL A 45 -0.72 -7.70 -1.59
CA VAL A 45 -0.23 -6.55 -2.33
C VAL A 45 0.98 -5.95 -1.61
N VAL A 46 2.01 -5.67 -2.39
CA VAL A 46 3.23 -5.09 -1.84
C VAL A 46 3.86 -4.15 -2.86
N VAL A 47 4.26 -2.99 -2.39
CA VAL A 47 4.88 -1.99 -3.25
C VAL A 47 6.12 -2.59 -3.91
N SER A 48 6.17 -2.49 -5.22
CA SER A 48 7.29 -3.01 -5.99
C SER A 48 8.45 -2.01 -5.95
N ALA A 49 8.12 -0.75 -6.18
CA ALA A 49 9.12 0.31 -6.19
C ALA A 49 8.42 1.67 -6.13
N VAL A 50 9.06 2.61 -5.47
CA VAL A 50 8.52 3.95 -5.33
C VAL A 50 9.43 4.94 -6.07
N TYR A 51 9.11 5.13 -7.35
CA TYR A 51 9.88 6.04 -8.17
C TYR A 51 10.15 7.35 -7.44
N GLU A 52 11.44 7.61 -7.19
CA GLU A 52 11.84 8.82 -6.49
C GLU A 52 11.06 10.02 -7.02
N GLY A 53 10.86 10.03 -8.33
CA GLY A 53 10.14 11.11 -8.97
C GLY A 53 8.62 10.90 -8.84
N GLY A 54 8.18 10.73 -7.60
CA GLY A 54 6.77 10.52 -7.34
C GLY A 54 6.38 11.12 -5.99
N ALA A 55 5.18 10.76 -5.53
CA ALA A 55 4.68 11.25 -4.27
C ALA A 55 5.07 10.27 -3.15
N ALA A 56 4.83 9.00 -3.42
CA ALA A 56 5.15 7.96 -2.45
C ALA A 56 6.51 8.26 -1.82
N GLU A 57 7.47 8.56 -2.68
CA GLU A 57 8.81 8.87 -2.21
C GLU A 57 8.76 9.96 -1.14
N ARG A 58 8.14 11.08 -1.50
CA ARG A 58 8.03 12.19 -0.58
C ARG A 58 7.67 11.70 0.82
N HIS A 59 6.60 10.93 0.89
CA HIS A 59 6.14 10.39 2.16
C HIS A 59 7.35 9.93 2.98
N GLY A 60 8.02 8.91 2.47
CA GLY A 60 9.19 8.36 3.14
C GLY A 60 8.79 7.33 4.18
N GLY A 61 7.76 7.67 4.94
CA GLY A 61 7.27 6.78 5.99
C GLY A 61 7.34 5.33 5.55
N VAL A 62 6.86 5.07 4.34
CA VAL A 62 6.87 3.73 3.78
C VAL A 62 7.67 3.72 2.49
N VAL A 63 8.01 2.52 2.05
CA VAL A 63 8.78 2.35 0.83
C VAL A 63 8.32 1.09 0.10
N LYS A 64 9.24 0.51 -0.65
CA LYS A 64 8.94 -0.70 -1.40
C LYS A 64 9.17 -1.92 -0.51
N GLY A 65 8.30 -2.90 -0.66
CA GLY A 65 8.39 -4.12 0.12
C GLY A 65 7.31 -4.17 1.20
N ASP A 66 6.86 -2.99 1.60
CA ASP A 66 5.82 -2.88 2.61
C ASP A 66 4.64 -3.78 2.22
N GLU A 67 3.61 -3.73 3.05
CA GLU A 67 2.41 -4.52 2.81
C GLU A 67 1.20 -3.61 2.67
N ILE A 68 0.74 -3.48 1.43
CA ILE A 68 -0.43 -2.64 1.15
C ILE A 68 -1.70 -3.43 1.46
N MET A 69 -2.67 -2.72 2.02
CA MET A 69 -3.94 -3.34 2.36
C MET A 69 -5.11 -2.53 1.81
N ALA A 70 -5.12 -1.25 2.14
CA ALA A 70 -6.18 -0.36 1.68
C ALA A 70 -5.55 0.81 0.92
N ILE A 71 -6.34 1.37 0.01
CA ILE A 71 -5.89 2.50 -0.79
C ILE A 71 -6.96 3.58 -0.79
N ASN A 72 -6.68 4.65 -0.07
CA ASN A 72 -7.61 5.77 0.01
C ASN A 72 -8.90 5.29 0.68
N GLY A 73 -8.80 4.15 1.34
CA GLY A 73 -9.95 3.58 2.04
C GLY A 73 -10.39 2.28 1.37
N LYS A 74 -10.30 2.26 0.05
CA LYS A 74 -10.70 1.08 -0.72
C LYS A 74 -9.78 -0.08 -0.36
N ILE A 75 -10.39 -1.16 0.11
CA ILE A 75 -9.64 -2.34 0.49
C ILE A 75 -9.02 -2.97 -0.76
N VAL A 76 -7.73 -3.30 -0.64
CA VAL A 76 -7.02 -3.91 -1.75
C VAL A 76 -6.43 -5.25 -1.30
N THR A 77 -7.04 -5.81 -0.26
CA THR A 77 -6.60 -7.08 0.27
C THR A 77 -6.51 -8.13 -0.83
N ASP A 78 -7.67 -8.46 -1.38
CA ASP A 78 -7.74 -9.46 -2.44
C ASP A 78 -7.89 -8.73 -3.79
N TYR A 79 -7.16 -7.63 -3.91
CA TYR A 79 -7.20 -6.84 -5.13
C TYR A 79 -6.06 -7.23 -6.07
N THR A 80 -6.38 -7.32 -7.35
CA THR A 80 -5.41 -7.69 -8.36
C THR A 80 -4.56 -6.47 -8.74
N LEU A 81 -3.37 -6.75 -9.26
CA LEU A 81 -2.46 -5.69 -9.67
C LEU A 81 -3.26 -4.58 -10.35
N ALA A 82 -3.86 -4.94 -11.48
CA ALA A 82 -4.65 -3.98 -12.24
C ALA A 82 -5.62 -3.28 -11.30
N GLU A 83 -6.33 -4.07 -10.52
CA GLU A 83 -7.30 -3.52 -9.58
C GLU A 83 -6.66 -2.40 -8.76
N ALA A 84 -5.73 -2.80 -7.90
CA ALA A 84 -5.05 -1.85 -7.04
C ALA A 84 -4.37 -0.79 -7.91
N GLU A 85 -3.43 -1.25 -8.73
CA GLU A 85 -2.72 -0.35 -9.62
C GLU A 85 -3.65 0.72 -10.18
N ALA A 86 -4.79 0.26 -10.68
CA ALA A 86 -5.78 1.16 -11.25
C ALA A 86 -6.43 1.97 -10.11
N ALA A 87 -7.07 1.25 -9.22
CA ALA A 87 -7.74 1.88 -8.09
C ALA A 87 -6.86 3.01 -7.55
N LEU A 88 -5.65 2.63 -7.16
CA LEU A 88 -4.70 3.60 -6.61
C LEU A 88 -4.60 4.78 -7.58
N GLN A 89 -4.18 4.49 -8.80
CA GLN A 89 -4.02 5.51 -9.82
C GLN A 89 -5.30 6.36 -9.90
N LYS A 90 -6.41 5.68 -10.16
CA LYS A 90 -7.69 6.36 -10.28
C LYS A 90 -7.79 7.43 -9.19
N ALA A 91 -7.80 6.98 -7.95
CA ALA A 91 -7.90 7.89 -6.82
C ALA A 91 -7.06 9.13 -7.09
N TRP A 92 -5.77 8.90 -7.33
CA TRP A 92 -4.85 9.99 -7.61
C TRP A 92 -5.39 10.76 -8.82
N ASN A 93 -5.66 10.02 -9.88
CA ASN A 93 -6.18 10.62 -11.10
C ASN A 93 -7.36 11.53 -10.75
N GLN A 94 -8.31 10.94 -10.03
CA GLN A 94 -9.49 11.68 -9.63
C GLN A 94 -9.14 13.13 -9.31
N GLY A 95 -8.18 13.28 -8.40
CA GLY A 95 -7.74 14.60 -7.99
C GLY A 95 -7.42 14.65 -6.49
N GLY A 96 -8.42 15.05 -5.73
CA GLY A 96 -8.25 15.13 -4.28
C GLY A 96 -7.01 15.95 -3.92
N ASP A 97 -6.86 16.20 -2.63
CA ASP A 97 -5.73 16.96 -2.13
C ASP A 97 -4.66 16.00 -1.63
N TRP A 98 -5.11 14.99 -0.90
CA TRP A 98 -4.21 13.98 -0.35
C TRP A 98 -4.87 12.62 -0.49
N ILE A 99 -4.12 11.59 -0.11
CA ILE A 99 -4.63 10.23 -0.18
C ILE A 99 -4.19 9.46 1.06
N ASP A 100 -5.07 8.58 1.53
CA ASP A 100 -4.77 7.78 2.69
C ASP A 100 -4.42 6.36 2.26
N LEU A 101 -3.17 5.99 2.48
CA LEU A 101 -2.69 4.67 2.13
C LEU A 101 -2.45 3.85 3.40
N VAL A 102 -3.28 2.83 3.57
CA VAL A 102 -3.17 1.97 4.74
C VAL A 102 -2.17 0.85 4.44
N VAL A 103 -1.01 0.94 5.08
CA VAL A 103 0.03 -0.05 4.89
C VAL A 103 0.38 -0.68 6.24
N ALA A 104 0.72 -1.96 6.20
CA ALA A 104 1.08 -2.68 7.41
C ALA A 104 2.55 -2.41 7.73
N VAL A 105 2.91 -2.68 8.98
CA VAL A 105 4.28 -2.47 9.42
C VAL A 105 5.08 -3.75 9.18
N CYS A 106 6.37 -3.57 8.92
CA CYS A 106 7.25 -4.68 8.66
C CYS A 106 8.69 -4.22 8.87
N PRO A 107 9.54 -5.18 9.36
CA PRO A 107 10.93 -4.87 9.61
C PRO A 107 11.73 -4.79 8.30
N PRO A 108 12.81 -3.97 8.33
CA PRO A 108 13.65 -3.80 7.15
C PRO A 108 14.53 -5.03 6.93
N LYS A 109 15.40 -4.91 5.94
CA LYS A 109 16.30 -6.01 5.60
C LYS A 109 17.16 -5.61 4.39
N GLU A 110 16.51 -4.96 3.44
CA GLU A 110 17.20 -4.52 2.23
C GLU A 110 17.74 -3.10 2.42
N TYR A 111 18.24 -2.84 3.63
CA TYR A 111 18.78 -1.54 3.95
C TYR A 111 20.30 -1.63 4.19
N ASP A 112 20.98 -0.52 3.92
CA ASP A 112 22.41 -0.46 4.10
C ASP A 112 22.90 0.96 3.78
N ASP A 113 22.95 1.79 4.82
CA ASP A 113 23.39 3.16 4.66
C ASP A 113 24.92 3.20 4.65
N GLU A 114 25.49 2.57 5.67
CA GLU A 114 26.94 2.53 5.80
C GLU A 114 27.47 3.87 6.32
N LEU A 115 27.11 4.93 5.62
CA LEU A 115 27.55 6.26 6.00
C LEU A 115 26.74 7.30 5.20
N THR A 116 26.56 7.02 3.92
CA THR A 116 25.82 7.91 3.05
C THR A 116 24.38 7.41 2.89
N PHE A 117 23.86 7.59 1.68
CA PHE A 117 22.50 7.16 1.38
C PHE A 117 22.38 6.71 -0.08
N PHE A 118 23.50 6.20 -0.60
CA PHE A 118 23.53 5.73 -1.98
C PHE A 118 24.90 5.14 -2.32
N GLY A 1 -1.60 8.64 15.65
CA GLY A 1 -2.80 8.04 15.09
C GLY A 1 -2.67 6.51 15.05
N SER A 2 -2.48 5.93 16.22
CA SER A 2 -2.34 4.49 16.33
C SER A 2 -3.46 3.79 15.55
N GLU A 3 -3.08 2.72 14.87
CA GLU A 3 -4.03 1.96 14.07
C GLU A 3 -4.61 2.84 12.96
N GLY A 4 -4.92 2.20 11.85
CA GLY A 4 -5.48 2.91 10.71
C GLY A 4 -7.01 2.94 10.79
N ALA A 5 -7.64 2.43 9.74
CA ALA A 5 -9.09 2.41 9.68
C ALA A 5 -9.62 1.44 10.74
N ALA A 6 -9.27 0.17 10.55
CA ALA A 6 -9.71 -0.87 11.47
C ALA A 6 -11.14 -1.28 11.13
N THR A 7 -12.04 -0.32 11.21
CA THR A 7 -13.44 -0.58 10.92
C THR A 7 -13.58 -1.27 9.56
N MET A 8 -12.82 -0.77 8.59
CA MET A 8 -12.85 -1.32 7.25
C MET A 8 -12.74 -2.85 7.29
N PHE A 9 -12.01 -3.33 8.29
CA PHE A 9 -11.83 -4.77 8.45
C PHE A 9 -12.59 -5.29 9.67
N SER A 10 -12.53 -6.60 9.85
CA SER A 10 -13.21 -7.23 10.97
C SER A 10 -12.35 -7.11 12.23
N PRO A 11 -13.02 -7.34 13.40
CA PRO A 11 -12.33 -7.26 14.67
C PRO A 11 -11.44 -8.48 14.89
N GLU A 12 -11.64 -9.48 14.06
CA GLU A 12 -10.87 -10.71 14.15
C GLU A 12 -9.85 -10.78 13.00
N GLN A 13 -9.75 -9.69 12.27
CA GLN A 13 -8.83 -9.61 11.15
C GLN A 13 -7.65 -8.69 11.50
N ILE A 14 -7.97 -7.60 12.17
CA ILE A 14 -6.95 -6.64 12.56
C ILE A 14 -6.25 -7.14 13.83
N ALA A 15 -7.04 -7.75 14.69
CA ALA A 15 -6.51 -8.28 15.94
C ALA A 15 -5.14 -8.91 15.69
N GLY A 16 -4.15 -8.43 16.43
CA GLY A 16 -2.80 -8.94 16.29
C GLY A 16 -2.04 -8.19 15.21
N LYS A 17 -2.73 -7.98 14.09
CA LYS A 17 -2.14 -7.28 12.96
C LYS A 17 -1.69 -5.88 13.40
N ASP A 18 -0.69 -5.36 12.71
CA ASP A 18 -0.17 -4.05 13.01
C ASP A 18 -0.10 -3.21 11.73
N VAL A 19 -1.18 -2.50 11.47
CA VAL A 19 -1.25 -1.66 10.29
C VAL A 19 -1.41 -0.19 10.71
N ARG A 20 -1.00 0.70 9.82
CA ARG A 20 -1.09 2.12 10.08
C ARG A 20 -1.61 2.86 8.85
N LEU A 21 -1.97 4.12 9.06
CA LEU A 21 -2.50 4.93 7.98
C LEU A 21 -1.47 6.02 7.63
N LEU A 22 -1.07 6.03 6.37
CA LEU A 22 -0.10 7.00 5.89
C LEU A 22 -0.76 7.91 4.85
N ARG A 23 -0.75 9.19 5.15
CA ARG A 23 -1.34 10.17 4.24
C ARG A 23 -0.29 10.68 3.25
N ILE A 24 -0.60 10.52 1.98
CA ILE A 24 0.31 10.96 0.93
C ILE A 24 -0.27 12.21 0.25
N LYS A 25 0.54 13.25 0.23
CA LYS A 25 0.13 14.51 -0.38
C LYS A 25 -0.03 14.31 -1.89
N LYS A 26 -1.09 14.89 -2.43
CA LYS A 26 -1.36 14.78 -3.85
C LYS A 26 -0.62 15.90 -4.59
N GLU A 27 0.65 15.62 -4.88
CA GLU A 27 1.48 16.59 -5.58
C GLU A 27 2.28 15.89 -6.69
N GLY A 28 2.08 16.36 -7.90
CA GLY A 28 2.78 15.79 -9.06
C GLY A 28 2.47 14.30 -9.19
N SER A 29 1.29 14.02 -9.74
CA SER A 29 0.86 12.65 -9.94
C SER A 29 1.23 11.80 -8.72
N LEU A 30 1.26 10.50 -8.93
CA LEU A 30 1.59 9.57 -7.86
C LEU A 30 2.98 8.97 -8.12
N ASP A 31 3.03 8.06 -9.06
CA ASP A 31 4.28 7.41 -9.42
C ASP A 31 4.64 6.39 -8.33
N LEU A 32 3.87 5.32 -8.29
CA LEU A 32 4.10 4.27 -7.31
C LEU A 32 3.97 2.91 -8.01
N ALA A 33 4.95 2.06 -7.73
CA ALA A 33 4.96 0.72 -8.31
C ALA A 33 4.48 -0.29 -7.27
N LEU A 34 3.71 -1.26 -7.75
CA LEU A 34 3.18 -2.30 -6.88
C LEU A 34 3.51 -3.67 -7.46
N GLU A 35 3.44 -4.67 -6.60
CA GLU A 35 3.73 -6.03 -7.01
C GLU A 35 3.00 -7.03 -6.12
N GLY A 36 3.04 -8.29 -6.52
CA GLY A 36 2.39 -9.34 -5.77
C GLY A 36 1.01 -9.67 -6.36
N GLY A 37 0.04 -9.80 -5.48
CA GLY A 37 -1.32 -10.11 -5.90
C GLY A 37 -1.34 -11.27 -6.88
N VAL A 38 -2.50 -11.49 -7.47
CA VAL A 38 -2.67 -12.57 -8.43
C VAL A 38 -1.92 -13.80 -7.93
N ASP A 39 -1.70 -14.74 -8.85
CA ASP A 39 -0.99 -15.96 -8.52
C ASP A 39 0.50 -15.67 -8.40
N SER A 40 0.82 -14.68 -7.58
CA SER A 40 2.20 -14.30 -7.37
C SER A 40 2.78 -15.05 -6.15
N PRO A 41 4.13 -15.02 -6.05
CA PRO A 41 4.81 -15.67 -4.94
C PRO A 41 4.66 -14.87 -3.65
N VAL A 42 4.04 -13.71 -3.78
CA VAL A 42 3.81 -12.85 -2.63
C VAL A 42 2.49 -13.22 -1.96
N GLY A 43 1.46 -13.34 -2.79
CA GLY A 43 0.14 -13.69 -2.31
C GLY A 43 -0.53 -12.50 -1.63
N LYS A 44 -0.14 -11.31 -2.08
CA LYS A 44 -0.69 -10.09 -1.53
C LYS A 44 -0.11 -8.89 -2.28
N VAL A 45 -0.71 -7.73 -2.06
CA VAL A 45 -0.27 -6.51 -2.70
C VAL A 45 0.76 -5.81 -1.81
N VAL A 46 1.79 -5.29 -2.44
CA VAL A 46 2.85 -4.60 -1.71
C VAL A 46 3.39 -3.46 -2.58
N VAL A 47 4.54 -2.93 -2.17
CA VAL A 47 5.17 -1.85 -2.89
C VAL A 47 6.43 -2.37 -3.58
N SER A 48 6.36 -2.39 -4.91
CA SER A 48 7.48 -2.86 -5.70
C SER A 48 8.63 -1.83 -5.66
N ALA A 49 8.26 -0.58 -5.85
CA ALA A 49 9.22 0.51 -5.84
C ALA A 49 8.49 1.84 -5.75
N VAL A 50 9.16 2.81 -5.14
CA VAL A 50 8.59 4.13 -4.98
C VAL A 50 9.36 5.12 -5.86
N TYR A 51 8.88 5.26 -7.09
CA TYR A 51 9.51 6.17 -8.04
C TYR A 51 9.79 7.53 -7.38
N GLU A 52 11.06 7.91 -7.41
CA GLU A 52 11.47 9.18 -6.84
C GLU A 52 10.84 10.35 -7.61
N GLY A 53 10.80 11.49 -6.95
CA GLY A 53 10.23 12.68 -7.56
C GLY A 53 8.71 12.74 -7.33
N GLY A 54 8.08 11.59 -7.53
CA GLY A 54 6.64 11.50 -7.36
C GLY A 54 6.21 12.00 -5.99
N ALA A 55 4.95 11.74 -5.66
CA ALA A 55 4.41 12.17 -4.38
C ALA A 55 4.80 11.15 -3.29
N ALA A 56 4.59 9.89 -3.62
CA ALA A 56 4.92 8.81 -2.69
C ALA A 56 6.29 9.08 -2.07
N GLU A 57 7.28 9.21 -2.93
CA GLU A 57 8.64 9.48 -2.48
C GLU A 57 8.65 10.64 -1.49
N ARG A 58 8.09 11.75 -1.92
CA ARG A 58 8.03 12.95 -1.09
C ARG A 58 7.58 12.56 0.33
N HIS A 59 6.43 11.91 0.40
CA HIS A 59 5.88 11.49 1.67
C HIS A 59 6.97 10.85 2.52
N GLY A 60 7.46 9.71 2.04
CA GLY A 60 8.50 8.99 2.74
C GLY A 60 7.90 8.11 3.86
N GLY A 61 8.70 7.94 4.90
CA GLY A 61 8.27 7.13 6.03
C GLY A 61 8.40 5.64 5.72
N VAL A 62 7.70 5.21 4.68
CA VAL A 62 7.73 3.82 4.27
C VAL A 62 8.36 3.72 2.88
N VAL A 63 8.85 2.53 2.57
CA VAL A 63 9.47 2.28 1.29
C VAL A 63 9.01 0.93 0.75
N LYS A 64 9.45 0.62 -0.47
CA LYS A 64 9.09 -0.63 -1.10
C LYS A 64 9.12 -1.75 -0.06
N GLY A 65 8.25 -2.72 -0.25
CA GLY A 65 8.16 -3.85 0.66
C GLY A 65 6.88 -3.80 1.49
N ASP A 66 6.53 -2.58 1.90
CA ASP A 66 5.35 -2.38 2.70
C ASP A 66 4.21 -3.23 2.15
N GLU A 67 3.24 -3.51 3.02
CA GLU A 67 2.10 -4.32 2.62
C GLU A 67 0.84 -3.45 2.54
N ILE A 68 0.34 -3.29 1.33
CA ILE A 68 -0.85 -2.49 1.10
C ILE A 68 -2.09 -3.35 1.38
N MET A 69 -3.03 -2.75 2.10
CA MET A 69 -4.26 -3.44 2.44
C MET A 69 -5.48 -2.69 1.88
N ALA A 70 -5.53 -1.39 2.19
CA ALA A 70 -6.62 -0.56 1.73
C ALA A 70 -6.06 0.74 1.17
N ILE A 71 -6.66 1.19 0.08
CA ILE A 71 -6.23 2.42 -0.56
C ILE A 71 -7.36 3.45 -0.48
N ASN A 72 -7.08 4.54 0.20
CA ASN A 72 -8.05 5.61 0.37
C ASN A 72 -9.37 5.02 0.88
N GLY A 73 -9.25 3.85 1.50
CA GLY A 73 -10.41 3.17 2.04
C GLY A 73 -10.67 1.86 1.31
N LYS A 74 -10.58 1.92 -0.01
CA LYS A 74 -10.80 0.75 -0.83
C LYS A 74 -10.13 -0.46 -0.19
N ILE A 75 -10.67 -1.63 -0.48
CA ILE A 75 -10.12 -2.86 0.06
C ILE A 75 -9.26 -3.54 -1.00
N VAL A 76 -7.99 -3.69 -0.68
CA VAL A 76 -7.05 -4.33 -1.59
C VAL A 76 -6.38 -5.51 -0.89
N THR A 77 -7.06 -6.01 0.13
CA THR A 77 -6.55 -7.13 0.89
C THR A 77 -6.35 -8.35 -0.02
N ASP A 78 -7.24 -8.46 -0.99
CA ASP A 78 -7.18 -9.57 -1.93
C ASP A 78 -7.34 -9.03 -3.35
N TYR A 79 -6.76 -7.87 -3.58
CA TYR A 79 -6.83 -7.23 -4.89
C TYR A 79 -5.68 -7.69 -5.78
N THR A 80 -5.80 -7.37 -7.06
CA THR A 80 -4.78 -7.74 -8.03
C THR A 80 -3.97 -6.51 -8.45
N LEU A 81 -2.76 -6.76 -8.93
CA LEU A 81 -1.89 -5.68 -9.37
C LEU A 81 -2.71 -4.66 -10.16
N ALA A 82 -3.26 -5.13 -11.28
CA ALA A 82 -4.07 -4.27 -12.13
C ALA A 82 -5.08 -3.51 -11.28
N GLU A 83 -5.98 -4.27 -10.66
CA GLU A 83 -7.00 -3.68 -9.81
C GLU A 83 -6.41 -2.55 -8.99
N ALA A 84 -5.55 -2.91 -8.04
CA ALA A 84 -4.91 -1.93 -7.18
C ALA A 84 -4.25 -0.85 -8.04
N GLU A 85 -3.25 -1.28 -8.79
CA GLU A 85 -2.52 -0.37 -9.65
C GLU A 85 -3.49 0.64 -10.28
N ALA A 86 -4.65 0.15 -10.67
CA ALA A 86 -5.66 1.00 -11.27
C ALA A 86 -6.34 1.85 -10.18
N ALA A 87 -6.91 1.15 -9.21
CA ALA A 87 -7.58 1.81 -8.11
C ALA A 87 -6.70 2.96 -7.60
N LEU A 88 -5.53 2.59 -7.12
CA LEU A 88 -4.58 3.57 -6.59
C LEU A 88 -4.60 4.80 -7.50
N GLN A 89 -4.45 4.55 -8.79
CA GLN A 89 -4.43 5.62 -9.77
C GLN A 89 -5.74 6.42 -9.70
N LYS A 90 -6.83 5.74 -10.04
CA LYS A 90 -8.14 6.37 -10.01
C LYS A 90 -8.23 7.31 -8.82
N ALA A 91 -7.88 6.78 -7.66
CA ALA A 91 -7.91 7.56 -6.43
C ALA A 91 -7.15 8.87 -6.64
N TRP A 92 -5.93 8.72 -7.14
CA TRP A 92 -5.08 9.88 -7.39
C TRP A 92 -5.74 10.72 -8.48
N ASN A 93 -6.11 10.06 -9.57
CA ASN A 93 -6.76 10.73 -10.67
C ASN A 93 -7.82 11.69 -10.13
N GLN A 94 -8.57 11.21 -9.16
CA GLN A 94 -9.62 12.01 -8.56
C GLN A 94 -9.18 13.47 -8.45
N GLY A 95 -8.02 13.66 -7.84
CA GLY A 95 -7.47 15.00 -7.67
C GLY A 95 -7.84 15.56 -6.30
N GLY A 96 -6.86 15.58 -5.41
CA GLY A 96 -7.07 16.10 -4.07
C GLY A 96 -5.78 16.73 -3.52
N ASP A 97 -5.78 16.93 -2.21
CA ASP A 97 -4.64 17.53 -1.55
C ASP A 97 -3.76 16.43 -0.94
N TRP A 98 -4.43 15.47 -0.32
CA TRP A 98 -3.74 14.36 0.30
C TRP A 98 -4.56 13.10 0.08
N ILE A 99 -3.86 11.98 -0.07
CA ILE A 99 -4.53 10.71 -0.29
C ILE A 99 -4.18 9.75 0.85
N ASP A 100 -5.19 9.03 1.30
CA ASP A 100 -5.00 8.07 2.38
C ASP A 100 -4.68 6.70 1.79
N LEU A 101 -3.61 6.09 2.33
CA LEU A 101 -3.19 4.78 1.86
C LEU A 101 -2.89 3.90 3.08
N VAL A 102 -3.71 2.88 3.25
CA VAL A 102 -3.54 1.95 4.36
C VAL A 102 -2.46 0.94 4.00
N VAL A 103 -1.46 0.86 4.87
CA VAL A 103 -0.36 -0.07 4.67
C VAL A 103 -0.02 -0.76 5.99
N ALA A 104 0.31 -2.05 5.89
CA ALA A 104 0.65 -2.82 7.06
C ALA A 104 2.15 -2.67 7.35
N VAL A 105 2.49 -2.78 8.63
CA VAL A 105 3.88 -2.66 9.04
C VAL A 105 4.60 -3.99 8.79
N CYS A 106 5.89 -3.87 8.54
CA CYS A 106 6.70 -5.05 8.27
C CYS A 106 8.09 -4.82 8.89
N PRO A 107 8.55 -5.84 9.67
CA PRO A 107 9.84 -5.76 10.31
C PRO A 107 10.97 -5.98 9.31
N PRO A 108 12.15 -5.37 9.60
CA PRO A 108 13.30 -5.50 8.74
C PRO A 108 13.95 -6.88 8.89
N LYS A 109 14.37 -7.43 7.76
CA LYS A 109 15.00 -8.73 7.75
C LYS A 109 15.03 -9.27 6.32
N GLU A 110 13.88 -9.18 5.66
CA GLU A 110 13.77 -9.64 4.30
C GLU A 110 13.89 -11.17 4.24
N TYR A 111 12.80 -11.82 3.86
CA TYR A 111 12.78 -13.26 3.77
C TYR A 111 11.73 -13.73 2.76
N ASP A 112 12.04 -14.83 2.09
CA ASP A 112 11.14 -15.39 1.10
C ASP A 112 10.39 -16.57 1.72
N ASP A 113 9.07 -16.48 1.70
CA ASP A 113 8.23 -17.53 2.26
C ASP A 113 8.36 -18.78 1.38
N GLU A 114 7.96 -19.90 1.96
CA GLU A 114 8.02 -21.17 1.24
C GLU A 114 6.65 -21.52 0.67
N LEU A 115 5.61 -21.14 1.41
CA LEU A 115 4.25 -21.41 0.98
C LEU A 115 3.28 -20.92 2.06
N THR A 116 3.08 -21.77 3.05
CA THR A 116 2.18 -21.44 4.14
C THR A 116 2.81 -21.81 5.48
N PHE A 117 1.96 -22.29 6.39
CA PHE A 117 2.42 -22.67 7.72
C PHE A 117 2.82 -24.16 7.74
N PHE A 118 1.97 -24.97 7.14
CA PHE A 118 2.21 -26.41 7.09
C PHE A 118 1.74 -26.99 5.76
N GLY A 1 -0.96 8.26 17.05
CA GLY A 1 -0.95 7.43 15.85
C GLY A 1 -1.35 5.99 16.20
N SER A 2 -2.60 5.66 15.86
CA SER A 2 -3.11 4.33 16.12
C SER A 2 -4.29 4.04 15.20
N GLU A 3 -5.31 4.88 15.30
CA GLU A 3 -6.50 4.72 14.48
C GLU A 3 -6.17 5.03 13.01
N GLY A 4 -6.86 4.32 12.14
CA GLY A 4 -6.66 4.49 10.71
C GLY A 4 -7.30 3.34 9.91
N ALA A 5 -8.54 3.57 9.51
CA ALA A 5 -9.26 2.56 8.75
C ALA A 5 -9.02 1.19 9.37
N ALA A 6 -9.76 0.92 10.43
CA ALA A 6 -9.64 -0.36 11.13
C ALA A 6 -11.02 -0.99 11.28
N THR A 7 -11.95 -0.47 10.49
CA THR A 7 -13.32 -0.98 10.52
C THR A 7 -13.55 -1.96 9.37
N MET A 8 -13.09 -1.56 8.19
CA MET A 8 -13.25 -2.39 7.01
C MET A 8 -12.81 -3.83 7.30
N PHE A 9 -11.61 -3.96 7.84
CA PHE A 9 -11.07 -5.26 8.16
C PHE A 9 -11.76 -5.85 9.40
N SER A 10 -11.42 -7.10 9.69
CA SER A 10 -11.99 -7.78 10.83
C SER A 10 -11.19 -7.46 12.09
N PRO A 11 -11.85 -7.66 13.26
CA PRO A 11 -11.21 -7.39 14.54
C PRO A 11 -10.19 -8.48 14.89
N GLU A 12 -10.30 -9.60 14.18
CA GLU A 12 -9.40 -10.72 14.40
C GLU A 12 -8.36 -10.78 13.28
N GLN A 13 -8.26 -9.69 12.54
CA GLN A 13 -7.31 -9.62 11.45
C GLN A 13 -6.26 -8.54 11.73
N ILE A 14 -6.76 -7.34 12.03
CA ILE A 14 -5.87 -6.23 12.33
C ILE A 14 -5.12 -6.50 13.63
N ALA A 15 -5.86 -7.03 14.60
CA ALA A 15 -5.29 -7.34 15.90
C ALA A 15 -3.98 -8.11 15.70
N GLY A 16 -2.92 -7.58 16.32
CA GLY A 16 -1.62 -8.21 16.22
C GLY A 16 -0.73 -7.46 15.21
N LYS A 17 -1.31 -7.21 14.04
CA LYS A 17 -0.59 -6.52 12.99
C LYS A 17 -0.46 -5.03 13.36
N ASP A 18 0.38 -4.35 12.60
CA ASP A 18 0.60 -2.93 12.84
C ASP A 18 0.11 -2.13 11.63
N VAL A 19 -1.19 -1.82 11.65
CA VAL A 19 -1.78 -1.07 10.56
C VAL A 19 -1.53 0.42 10.79
N ARG A 20 -0.92 1.05 9.79
CA ARG A 20 -0.62 2.47 9.86
C ARG A 20 -1.18 3.20 8.64
N LEU A 21 -2.01 4.20 8.92
CA LEU A 21 -2.62 4.98 7.85
C LEU A 21 -1.75 6.20 7.55
N LEU A 22 -1.24 6.24 6.34
CA LEU A 22 -0.38 7.35 5.93
C LEU A 22 -1.18 8.27 4.99
N ARG A 23 -0.85 9.55 5.05
CA ARG A 23 -1.52 10.53 4.22
C ARG A 23 -0.52 11.18 3.26
N ILE A 24 -0.67 10.84 1.99
CA ILE A 24 0.20 11.38 0.96
C ILE A 24 -0.47 12.58 0.29
N LYS A 25 0.36 13.47 -0.22
CA LYS A 25 -0.14 14.67 -0.88
C LYS A 25 -0.27 14.40 -2.38
N LYS A 26 -1.35 14.89 -2.95
CA LYS A 26 -1.60 14.71 -4.37
C LYS A 26 -0.95 15.85 -5.15
N GLU A 27 0.35 15.72 -5.36
CA GLU A 27 1.10 16.72 -6.08
C GLU A 27 1.78 16.11 -7.31
N GLY A 28 1.71 16.84 -8.42
CA GLY A 28 2.31 16.38 -9.65
C GLY A 28 1.66 15.07 -10.12
N SER A 29 2.10 13.99 -9.50
CA SER A 29 1.58 12.67 -9.83
C SER A 29 1.77 11.71 -8.66
N LEU A 30 1.51 10.45 -8.91
CA LEU A 30 1.65 9.43 -7.90
C LEU A 30 3.01 8.75 -8.04
N ASP A 31 3.20 8.13 -9.19
CA ASP A 31 4.46 7.44 -9.47
C ASP A 31 4.76 6.46 -8.32
N LEU A 32 4.17 5.28 -8.44
CA LEU A 32 4.36 4.25 -7.42
C LEU A 32 4.27 2.87 -8.09
N ALA A 33 5.25 2.04 -7.78
CA ALA A 33 5.28 0.69 -8.33
C ALA A 33 4.62 -0.28 -7.36
N LEU A 34 3.81 -1.17 -7.91
CA LEU A 34 3.12 -2.16 -7.09
C LEU A 34 3.39 -3.56 -7.65
N GLU A 35 3.28 -4.54 -6.77
CA GLU A 35 3.51 -5.92 -7.16
C GLU A 35 2.78 -6.88 -6.21
N GLY A 36 2.49 -8.07 -6.71
CA GLY A 36 1.80 -9.06 -5.92
C GLY A 36 0.35 -9.20 -6.35
N GLY A 37 -0.48 -9.61 -5.40
CA GLY A 37 -1.90 -9.79 -5.66
C GLY A 37 -2.14 -10.91 -6.67
N VAL A 38 -3.37 -10.99 -7.15
CA VAL A 38 -3.73 -12.01 -8.11
C VAL A 38 -3.00 -13.31 -7.79
N ASP A 39 -2.70 -14.07 -8.83
CA ASP A 39 -2.00 -15.33 -8.67
C ASP A 39 -0.50 -15.05 -8.47
N SER A 40 -0.22 -14.19 -7.51
CA SER A 40 1.16 -13.83 -7.22
C SER A 40 1.71 -14.74 -6.13
N PRO A 41 3.08 -14.81 -6.07
CA PRO A 41 3.74 -15.64 -5.08
C PRO A 41 3.69 -15.00 -3.70
N VAL A 42 3.00 -13.86 -3.64
CA VAL A 42 2.87 -13.13 -2.39
C VAL A 42 1.48 -13.37 -1.81
N GLY A 43 0.48 -13.27 -2.68
CA GLY A 43 -0.90 -13.47 -2.28
C GLY A 43 -1.49 -12.17 -1.71
N LYS A 44 -0.75 -11.09 -1.87
CA LYS A 44 -1.18 -9.80 -1.38
C LYS A 44 -0.45 -8.70 -2.14
N VAL A 45 -0.94 -7.48 -1.97
CA VAL A 45 -0.35 -6.33 -2.65
C VAL A 45 0.82 -5.81 -1.80
N VAL A 46 1.90 -5.47 -2.49
CA VAL A 46 3.08 -4.96 -1.82
C VAL A 46 3.79 -3.96 -2.74
N VAL A 47 4.17 -2.84 -2.15
CA VAL A 47 4.85 -1.79 -2.90
C VAL A 47 6.12 -2.36 -3.51
N SER A 48 6.18 -2.30 -4.84
CA SER A 48 7.35 -2.80 -5.55
C SER A 48 8.50 -1.82 -5.43
N ALA A 49 8.19 -0.55 -5.64
CA ALA A 49 9.20 0.49 -5.56
C ALA A 49 8.51 1.86 -5.52
N VAL A 50 9.11 2.78 -4.78
CA VAL A 50 8.57 4.12 -4.65
C VAL A 50 9.35 5.07 -5.56
N TYR A 51 8.87 5.18 -6.79
CA TYR A 51 9.51 6.05 -7.77
C TYR A 51 9.97 7.36 -7.12
N GLU A 52 11.18 7.75 -7.46
CA GLU A 52 11.75 8.97 -6.92
C GLU A 52 11.27 10.18 -7.73
N GLY A 53 10.96 11.24 -7.02
CA GLY A 53 10.50 12.47 -7.65
C GLY A 53 8.98 12.63 -7.50
N GLY A 54 8.28 11.50 -7.62
CA GLY A 54 6.84 11.50 -7.49
C GLY A 54 6.40 12.08 -6.14
N ALA A 55 5.11 11.93 -5.86
CA ALA A 55 4.56 12.43 -4.62
C ALA A 55 4.74 11.38 -3.52
N ALA A 56 4.69 10.12 -3.95
CA ALA A 56 4.85 9.01 -3.02
C ALA A 56 6.17 9.16 -2.26
N GLU A 57 7.25 9.27 -3.03
CA GLU A 57 8.56 9.43 -2.43
C GLU A 57 8.61 10.67 -1.55
N ARG A 58 8.08 11.76 -2.08
CA ARG A 58 8.06 13.02 -1.36
C ARG A 58 7.59 12.79 0.08
N HIS A 59 6.45 12.11 0.20
CA HIS A 59 5.88 11.82 1.50
C HIS A 59 6.94 11.16 2.38
N GLY A 60 7.35 9.96 1.97
CA GLY A 60 8.35 9.21 2.72
C GLY A 60 7.73 8.55 3.95
N GLY A 61 8.60 8.03 4.80
CA GLY A 61 8.16 7.36 6.02
C GLY A 61 8.03 5.85 5.80
N VAL A 62 7.70 5.49 4.57
CA VAL A 62 7.54 4.09 4.22
C VAL A 62 8.32 3.79 2.94
N VAL A 63 8.65 2.51 2.76
CA VAL A 63 9.39 2.09 1.59
C VAL A 63 8.62 0.98 0.88
N LYS A 64 9.32 0.31 -0.02
CA LYS A 64 8.71 -0.78 -0.78
C LYS A 64 8.63 -2.03 0.10
N GLY A 65 7.87 -3.01 -0.38
CA GLY A 65 7.72 -4.26 0.34
C GLY A 65 6.62 -4.14 1.40
N ASP A 66 6.02 -2.96 1.46
CA ASP A 66 4.96 -2.71 2.42
C ASP A 66 3.82 -3.71 2.18
N GLU A 67 3.07 -3.96 3.25
CA GLU A 67 1.96 -4.89 3.17
C GLU A 67 0.66 -4.15 2.85
N ILE A 68 0.56 -3.72 1.59
CA ILE A 68 -0.62 -3.00 1.14
C ILE A 68 -1.86 -3.87 1.36
N MET A 69 -2.94 -3.22 1.75
CA MET A 69 -4.19 -3.91 1.99
C MET A 69 -5.39 -3.08 1.52
N ALA A 70 -5.35 -1.80 1.85
CA ALA A 70 -6.41 -0.89 1.45
C ALA A 70 -5.81 0.42 0.96
N ILE A 71 -6.37 0.91 -0.14
CA ILE A 71 -5.90 2.15 -0.74
C ILE A 71 -7.01 3.19 -0.68
N ASN A 72 -6.81 4.18 0.20
CA ASN A 72 -7.78 5.24 0.36
C ASN A 72 -8.89 4.77 1.30
N GLY A 73 -9.45 3.61 0.96
CA GLY A 73 -10.52 3.05 1.77
C GLY A 73 -10.94 1.68 1.24
N LYS A 74 -10.94 1.57 -0.09
CA LYS A 74 -11.30 0.32 -0.74
C LYS A 74 -10.29 -0.77 -0.37
N ILE A 75 -10.81 -1.97 -0.17
CA ILE A 75 -9.96 -3.09 0.18
C ILE A 75 -9.27 -3.62 -1.07
N VAL A 76 -7.97 -3.82 -0.96
CA VAL A 76 -7.19 -4.32 -2.09
C VAL A 76 -6.48 -5.61 -1.66
N THR A 77 -7.04 -6.26 -0.65
CA THR A 77 -6.47 -7.50 -0.15
C THR A 77 -6.40 -8.54 -1.27
N ASP A 78 -7.57 -8.94 -1.75
CA ASP A 78 -7.64 -9.93 -2.82
C ASP A 78 -7.81 -9.21 -4.15
N TYR A 79 -7.09 -8.11 -4.30
CA TYR A 79 -7.14 -7.33 -5.52
C TYR A 79 -5.94 -7.63 -6.43
N THR A 80 -6.17 -7.46 -7.72
CA THR A 80 -5.13 -7.72 -8.70
C THR A 80 -4.31 -6.45 -8.95
N LEU A 81 -3.06 -6.66 -9.36
CA LEU A 81 -2.18 -5.54 -9.64
C LEU A 81 -2.95 -4.44 -10.35
N ALA A 82 -3.41 -4.76 -11.56
CA ALA A 82 -4.18 -3.81 -12.35
C ALA A 82 -5.23 -3.14 -11.46
N GLU A 83 -6.04 -3.98 -10.83
CA GLU A 83 -7.08 -3.47 -9.95
C GLU A 83 -6.54 -2.39 -9.03
N ALA A 84 -5.69 -2.81 -8.11
CA ALA A 84 -5.08 -1.89 -7.16
C ALA A 84 -4.38 -0.76 -7.92
N GLU A 85 -3.38 -1.15 -8.69
CA GLU A 85 -2.63 -0.19 -9.48
C GLU A 85 -3.56 0.90 -10.02
N ALA A 86 -4.68 0.46 -10.57
CA ALA A 86 -5.65 1.39 -11.12
C ALA A 86 -6.39 2.08 -9.97
N ALA A 87 -7.08 1.27 -9.18
CA ALA A 87 -7.83 1.78 -8.04
C ALA A 87 -7.02 2.89 -7.36
N LEU A 88 -5.78 2.57 -7.05
CA LEU A 88 -4.90 3.52 -6.39
C LEU A 88 -4.81 4.78 -7.25
N GLN A 89 -4.27 4.61 -8.45
CA GLN A 89 -4.13 5.73 -9.36
C GLN A 89 -5.43 6.52 -9.46
N LYS A 90 -6.51 5.79 -9.69
CA LYS A 90 -7.82 6.41 -9.81
C LYS A 90 -7.95 7.52 -8.75
N ALA A 91 -7.80 7.12 -7.50
CA ALA A 91 -7.89 8.06 -6.39
C ALA A 91 -7.06 9.31 -6.72
N TRP A 92 -5.88 9.07 -7.24
CA TRP A 92 -4.99 10.17 -7.60
C TRP A 92 -5.60 10.90 -8.80
N ASN A 93 -5.99 10.11 -9.80
CA ASN A 93 -6.59 10.68 -11.00
C ASN A 93 -7.77 11.57 -10.61
N GLN A 94 -8.58 11.05 -9.70
CA GLN A 94 -9.74 11.79 -9.24
C GLN A 94 -9.41 13.28 -9.14
N GLY A 95 -8.25 13.57 -8.61
CA GLY A 95 -7.81 14.94 -8.45
C GLY A 95 -8.14 15.47 -7.05
N GLY A 96 -7.47 14.88 -6.06
CA GLY A 96 -7.68 15.29 -4.69
C GLY A 96 -6.50 16.09 -4.16
N ASP A 97 -6.47 16.26 -2.84
CA ASP A 97 -5.39 17.01 -2.20
C ASP A 97 -4.34 16.03 -1.68
N TRP A 98 -4.82 14.98 -1.04
CA TRP A 98 -3.93 13.97 -0.48
C TRP A 98 -4.60 12.61 -0.68
N ILE A 99 -3.86 11.57 -0.30
CA ILE A 99 -4.36 10.20 -0.42
C ILE A 99 -3.93 9.39 0.79
N ASP A 100 -4.84 8.55 1.25
CA ASP A 100 -4.57 7.71 2.41
C ASP A 100 -4.20 6.30 1.93
N LEU A 101 -3.25 5.70 2.65
CA LEU A 101 -2.81 4.36 2.32
C LEU A 101 -2.87 3.49 3.57
N VAL A 102 -3.56 2.36 3.43
CA VAL A 102 -3.71 1.43 4.54
C VAL A 102 -2.76 0.23 4.31
N VAL A 103 -1.63 0.29 5.00
CA VAL A 103 -0.64 -0.77 4.89
C VAL A 103 0.06 -0.93 6.24
N ALA A 104 0.44 -2.18 6.52
CA ALA A 104 1.12 -2.49 7.77
C ALA A 104 2.53 -1.89 7.74
N VAL A 105 2.96 -1.43 8.90
CA VAL A 105 4.28 -0.83 9.02
C VAL A 105 5.33 -1.95 9.13
N CYS A 106 6.51 -1.65 8.62
CA CYS A 106 7.60 -2.61 8.66
C CYS A 106 8.92 -1.85 8.57
N PRO A 107 9.73 -1.97 9.66
CA PRO A 107 11.01 -1.29 9.71
C PRO A 107 12.04 -2.00 8.83
N PRO A 108 13.00 -1.19 8.30
CA PRO A 108 14.04 -1.73 7.45
C PRO A 108 15.09 -2.48 8.26
N LYS A 109 15.23 -3.76 7.95
CA LYS A 109 16.19 -4.60 8.64
C LYS A 109 15.99 -6.06 8.21
N GLU A 110 14.73 -6.42 7.99
CA GLU A 110 14.40 -7.76 7.57
C GLU A 110 13.10 -7.75 6.75
N TYR A 111 13.27 -7.92 5.45
CA TYR A 111 12.13 -7.93 4.55
C TYR A 111 11.11 -8.98 4.97
N ASP A 112 10.12 -9.18 4.12
CA ASP A 112 9.07 -10.15 4.39
C ASP A 112 8.43 -10.60 3.07
N ASP A 113 8.53 -11.88 2.81
CA ASP A 113 7.96 -12.45 1.59
C ASP A 113 8.36 -13.92 1.48
N GLU A 114 7.89 -14.54 0.41
CA GLU A 114 8.18 -15.95 0.17
C GLU A 114 7.65 -16.81 1.32
N LEU A 115 6.38 -17.16 1.22
CA LEU A 115 5.74 -17.97 2.24
C LEU A 115 4.83 -19.01 1.57
N THR A 116 5.25 -19.43 0.38
CA THR A 116 4.48 -20.42 -0.36
C THR A 116 5.33 -21.65 -0.64
N PHE A 117 5.36 -22.54 0.35
CA PHE A 117 6.13 -23.77 0.23
C PHE A 117 7.60 -23.46 -0.05
N PHE A 118 8.32 -23.16 1.01
CA PHE A 118 9.74 -22.84 0.90
C PHE A 118 10.50 -23.29 2.15
N GLY A 1 -14.82 11.78 5.25
CA GLY A 1 -13.67 12.32 5.96
C GLY A 1 -13.55 11.70 7.35
N SER A 2 -12.32 11.67 7.85
CA SER A 2 -12.04 11.11 9.16
C SER A 2 -12.73 9.75 9.30
N GLU A 3 -11.96 8.71 9.04
CA GLU A 3 -12.48 7.35 9.13
C GLU A 3 -11.59 6.50 10.04
N GLY A 4 -10.39 6.23 9.57
CA GLY A 4 -9.44 5.43 10.33
C GLY A 4 -9.48 3.97 9.89
N ALA A 5 -8.35 3.52 9.36
CA ALA A 5 -8.22 2.15 8.90
C ALA A 5 -8.48 1.20 10.07
N ALA A 6 -8.25 -0.08 9.80
CA ALA A 6 -8.45 -1.10 10.82
C ALA A 6 -9.94 -1.24 11.11
N THR A 7 -10.74 -0.68 10.22
CA THR A 7 -12.19 -0.74 10.37
C THR A 7 -12.78 -1.74 9.37
N MET A 8 -12.21 -1.73 8.17
CA MET A 8 -12.68 -2.61 7.11
C MET A 8 -11.93 -3.95 7.16
N PHE A 9 -11.78 -4.47 8.37
CA PHE A 9 -11.09 -5.73 8.56
C PHE A 9 -11.68 -6.51 9.73
N SER A 10 -11.34 -7.79 9.78
CA SER A 10 -11.84 -8.65 10.84
C SER A 10 -11.11 -8.36 12.15
N PRO A 11 -11.74 -8.80 13.27
CA PRO A 11 -11.16 -8.58 14.58
C PRO A 11 -9.98 -9.53 14.83
N GLU A 12 -10.05 -10.68 14.17
CA GLU A 12 -9.00 -11.68 14.31
C GLU A 12 -7.96 -11.51 13.20
N GLN A 13 -7.99 -10.34 12.58
CA GLN A 13 -7.06 -10.04 11.50
C GLN A 13 -6.16 -8.86 11.89
N ILE A 14 -6.80 -7.77 12.28
CA ILE A 14 -6.07 -6.58 12.68
C ILE A 14 -5.35 -6.85 14.00
N ALA A 15 -6.05 -7.54 14.89
CA ALA A 15 -5.49 -7.86 16.19
C ALA A 15 -4.08 -8.42 16.01
N GLY A 16 -3.13 -7.79 16.69
CA GLY A 16 -1.74 -8.21 16.60
C GLY A 16 -1.02 -7.52 15.44
N LYS A 17 -1.73 -7.42 14.33
CA LYS A 17 -1.17 -6.78 13.14
C LYS A 17 -0.86 -5.31 13.46
N ASP A 18 0.00 -4.73 12.62
CA ASP A 18 0.39 -3.35 12.80
C ASP A 18 -0.06 -2.54 11.58
N VAL A 19 -1.30 -2.08 11.65
CA VAL A 19 -1.86 -1.29 10.56
C VAL A 19 -1.71 0.20 10.89
N ARG A 20 -1.20 0.93 9.91
CA ARG A 20 -1.00 2.36 10.08
C ARG A 20 -1.55 3.12 8.86
N LEU A 21 -2.31 4.17 9.15
CA LEU A 21 -2.90 4.98 8.10
C LEU A 21 -1.95 6.12 7.76
N LEU A 22 -1.52 6.14 6.51
CA LEU A 22 -0.61 7.17 6.04
C LEU A 22 -1.33 8.06 5.02
N ARG A 23 -1.00 9.34 5.05
CA ARG A 23 -1.61 10.29 4.14
C ARG A 23 -0.52 10.97 3.28
N ILE A 24 -0.60 10.71 1.99
CA ILE A 24 0.35 11.28 1.06
C ILE A 24 -0.25 12.52 0.39
N LYS A 25 0.62 13.41 -0.05
CA LYS A 25 0.18 14.64 -0.69
C LYS A 25 0.05 14.39 -2.19
N LYS A 26 -0.95 15.06 -2.78
CA LYS A 26 -1.19 14.93 -4.20
C LYS A 26 -0.52 16.08 -4.94
N GLU A 27 0.80 15.96 -5.09
CA GLU A 27 1.56 16.99 -5.77
C GLU A 27 2.31 16.39 -6.96
N GLY A 28 2.22 17.07 -8.09
CA GLY A 28 2.87 16.62 -9.30
C GLY A 28 2.18 15.38 -9.88
N SER A 29 2.43 14.25 -9.24
CA SER A 29 1.83 13.01 -9.68
C SER A 29 2.08 11.91 -8.63
N LEU A 30 1.66 10.71 -8.97
CA LEU A 30 1.83 9.57 -8.07
C LEU A 30 3.16 8.87 -8.38
N ASP A 31 3.11 7.98 -9.34
CA ASP A 31 4.30 7.24 -9.74
C ASP A 31 4.66 6.23 -8.64
N LEU A 32 4.05 5.05 -8.75
CA LEU A 32 4.30 4.00 -7.78
C LEU A 32 4.15 2.64 -8.47
N ALA A 33 5.15 1.79 -8.27
CA ALA A 33 5.15 0.46 -8.85
C ALA A 33 4.57 -0.53 -7.85
N LEU A 34 3.98 -1.58 -8.38
CA LEU A 34 3.38 -2.62 -7.55
C LEU A 34 3.81 -3.99 -8.05
N GLU A 35 3.74 -4.97 -7.16
CA GLU A 35 4.11 -6.33 -7.50
C GLU A 35 3.41 -7.33 -6.58
N GLY A 36 3.02 -8.45 -7.16
CA GLY A 36 2.34 -9.49 -6.40
C GLY A 36 0.85 -9.56 -6.78
N GLY A 37 0.02 -9.73 -5.76
CA GLY A 37 -1.41 -9.82 -5.97
C GLY A 37 -1.76 -11.01 -6.87
N VAL A 38 -2.99 -10.99 -7.36
CA VAL A 38 -3.46 -12.06 -8.23
C VAL A 38 -2.81 -13.37 -7.81
N ASP A 39 -2.55 -14.21 -8.82
CA ASP A 39 -1.93 -15.50 -8.56
C ASP A 39 -0.42 -15.31 -8.40
N SER A 40 -0.07 -14.40 -7.52
CA SER A 40 1.34 -14.11 -7.25
C SER A 40 1.87 -15.06 -6.16
N PRO A 41 3.22 -15.19 -6.12
CA PRO A 41 3.86 -16.03 -5.14
C PRO A 41 3.85 -15.39 -3.75
N VAL A 42 3.32 -14.17 -3.71
CA VAL A 42 3.24 -13.44 -2.47
C VAL A 42 1.86 -13.66 -1.82
N GLY A 43 0.85 -13.65 -2.67
CA GLY A 43 -0.51 -13.86 -2.20
C GLY A 43 -1.11 -12.56 -1.66
N LYS A 44 -0.29 -11.52 -1.67
CA LYS A 44 -0.73 -10.21 -1.19
C LYS A 44 -0.05 -9.12 -2.02
N VAL A 45 -0.61 -7.93 -1.94
CA VAL A 45 -0.07 -6.79 -2.66
C VAL A 45 1.12 -6.23 -1.91
N VAL A 46 2.14 -5.86 -2.67
CA VAL A 46 3.36 -5.31 -2.09
C VAL A 46 3.95 -4.28 -3.05
N VAL A 47 4.34 -3.14 -2.48
CA VAL A 47 4.93 -2.07 -3.27
C VAL A 47 6.19 -2.58 -3.95
N SER A 48 6.26 -2.36 -5.26
CA SER A 48 7.41 -2.79 -6.03
C SER A 48 8.55 -1.79 -5.86
N ALA A 49 8.21 -0.51 -6.02
CA ALA A 49 9.19 0.55 -5.89
C ALA A 49 8.47 1.90 -5.77
N VAL A 50 9.12 2.83 -5.10
CA VAL A 50 8.56 4.15 -4.91
C VAL A 50 9.35 5.15 -5.76
N TYR A 51 8.88 5.33 -6.98
CA TYR A 51 9.54 6.26 -7.90
C TYR A 51 9.94 7.54 -7.18
N GLU A 52 11.23 7.83 -7.22
CA GLU A 52 11.76 9.03 -6.58
C GLU A 52 11.22 10.28 -7.27
N GLY A 53 10.79 10.08 -8.52
CA GLY A 53 10.26 11.19 -9.29
C GLY A 53 8.73 11.21 -9.25
N GLY A 54 8.20 11.24 -8.04
CA GLY A 54 6.77 11.26 -7.85
C GLY A 54 6.40 11.89 -6.50
N ALA A 55 5.15 11.68 -6.10
CA ALA A 55 4.67 12.22 -4.84
C ALA A 55 4.91 11.20 -3.73
N ALA A 56 4.84 9.94 -4.10
CA ALA A 56 5.04 8.86 -3.14
C ALA A 56 6.34 9.10 -2.39
N GLU A 57 7.42 9.21 -3.14
CA GLU A 57 8.74 9.44 -2.56
C GLU A 57 8.70 10.67 -1.66
N ARG A 58 8.22 11.77 -2.22
CA ARG A 58 8.13 13.01 -1.49
C ARG A 58 7.72 12.75 -0.04
N HIS A 59 6.56 12.11 0.11
CA HIS A 59 6.05 11.80 1.42
C HIS A 59 7.14 11.09 2.24
N GLY A 60 7.52 9.92 1.77
CA GLY A 60 8.55 9.13 2.45
C GLY A 60 7.96 8.37 3.63
N GLY A 61 7.12 7.40 3.32
CA GLY A 61 6.49 6.59 4.34
C GLY A 61 6.45 5.11 3.93
N VAL A 62 5.79 4.87 2.80
CA VAL A 62 5.66 3.52 2.28
C VAL A 62 6.83 3.23 1.33
N VAL A 63 7.55 2.16 1.65
CA VAL A 63 8.68 1.75 0.84
C VAL A 63 8.30 0.56 -0.03
N LYS A 64 9.31 -0.09 -0.58
CA LYS A 64 9.09 -1.25 -1.43
C LYS A 64 8.97 -2.50 -0.54
N GLY A 65 8.18 -3.45 -1.03
CA GLY A 65 7.96 -4.68 -0.31
C GLY A 65 7.21 -4.43 1.00
N ASP A 66 6.16 -3.64 0.89
CA ASP A 66 5.34 -3.31 2.06
C ASP A 66 4.21 -4.33 2.18
N GLU A 67 3.31 -4.05 3.11
CA GLU A 67 2.18 -4.93 3.34
C GLU A 67 0.87 -4.21 3.01
N ILE A 68 0.79 -3.74 1.77
CA ILE A 68 -0.39 -3.04 1.31
C ILE A 68 -1.62 -3.91 1.55
N MET A 69 -2.70 -3.27 1.99
CA MET A 69 -3.94 -3.98 2.24
C MET A 69 -5.13 -3.22 1.67
N ALA A 70 -5.21 -1.94 2.02
CA ALA A 70 -6.29 -1.10 1.55
C ALA A 70 -5.71 0.16 0.90
N ILE A 71 -6.47 0.71 -0.03
CA ILE A 71 -6.04 1.92 -0.73
C ILE A 71 -7.14 2.98 -0.63
N ASN A 72 -6.81 4.06 0.05
CA ASN A 72 -7.76 5.15 0.22
C ASN A 72 -9.09 4.59 0.72
N GLY A 73 -9.01 3.42 1.35
CA GLY A 73 -10.20 2.77 1.88
C GLY A 73 -10.46 1.45 1.15
N LYS A 74 -10.58 1.54 -0.16
CA LYS A 74 -10.84 0.36 -0.98
C LYS A 74 -9.86 -0.74 -0.57
N ILE A 75 -10.42 -1.91 -0.27
CA ILE A 75 -9.61 -3.04 0.13
C ILE A 75 -8.89 -3.60 -1.10
N VAL A 76 -7.61 -3.87 -0.92
CA VAL A 76 -6.79 -4.40 -2.00
C VAL A 76 -6.17 -5.72 -1.56
N THR A 77 -6.81 -6.35 -0.58
CA THR A 77 -6.32 -7.62 -0.05
C THR A 77 -6.15 -8.62 -1.19
N ASP A 78 -7.27 -9.21 -1.59
CA ASP A 78 -7.26 -10.19 -2.66
C ASP A 78 -7.46 -9.49 -4.01
N TYR A 79 -6.80 -8.35 -4.14
CA TYR A 79 -6.89 -7.57 -5.37
C TYR A 79 -5.70 -7.84 -6.28
N THR A 80 -5.91 -7.59 -7.57
CA THR A 80 -4.86 -7.80 -8.55
C THR A 80 -4.14 -6.48 -8.85
N LEU A 81 -2.89 -6.62 -9.28
CA LEU A 81 -2.09 -5.45 -9.61
C LEU A 81 -2.98 -4.40 -10.30
N ALA A 82 -3.44 -4.76 -11.49
CA ALA A 82 -4.29 -3.86 -12.25
C ALA A 82 -5.30 -3.19 -11.31
N GLU A 83 -6.18 -4.00 -10.78
CA GLU A 83 -7.20 -3.49 -9.86
C GLU A 83 -6.62 -2.40 -8.97
N ALA A 84 -5.74 -2.82 -8.06
CA ALA A 84 -5.11 -1.89 -7.15
C ALA A 84 -4.46 -0.76 -7.94
N GLU A 85 -3.55 -1.15 -8.82
CA GLU A 85 -2.84 -0.19 -9.65
C GLU A 85 -3.79 0.95 -10.07
N ALA A 86 -4.86 0.56 -10.72
CA ALA A 86 -5.85 1.53 -11.17
C ALA A 86 -6.55 2.15 -9.96
N ALA A 87 -7.12 1.28 -9.14
CA ALA A 87 -7.81 1.74 -7.94
C ALA A 87 -7.02 2.87 -7.29
N LEU A 88 -5.73 2.63 -7.12
CA LEU A 88 -4.85 3.62 -6.51
C LEU A 88 -4.80 4.86 -7.42
N GLN A 89 -4.39 4.63 -8.65
CA GLN A 89 -4.28 5.71 -9.62
C GLN A 89 -5.58 6.53 -9.64
N LYS A 90 -6.67 5.85 -9.96
CA LYS A 90 -7.97 6.50 -10.02
C LYS A 90 -8.07 7.53 -8.89
N ALA A 91 -7.78 7.07 -7.69
CA ALA A 91 -7.83 7.92 -6.52
C ALA A 91 -7.01 9.18 -6.78
N TRP A 92 -5.78 8.97 -7.23
CA TRP A 92 -4.88 10.07 -7.52
C TRP A 92 -5.48 10.87 -8.68
N ASN A 93 -5.86 10.15 -9.72
CA ASN A 93 -6.45 10.76 -10.89
C ASN A 93 -7.47 11.82 -10.46
N GLN A 94 -8.26 11.44 -9.46
CA GLN A 94 -9.28 12.34 -8.94
C GLN A 94 -8.77 13.77 -8.90
N GLY A 95 -7.53 13.92 -8.46
CA GLY A 95 -6.91 15.23 -8.38
C GLY A 95 -7.12 15.85 -6.99
N GLY A 96 -7.22 14.97 -6.00
CA GLY A 96 -7.43 15.42 -4.63
C GLY A 96 -6.20 16.18 -4.11
N ASP A 97 -6.25 16.52 -2.83
CA ASP A 97 -5.15 17.24 -2.20
C ASP A 97 -4.14 16.23 -1.66
N TRP A 98 -4.67 15.19 -1.03
CA TRP A 98 -3.82 14.15 -0.45
C TRP A 98 -4.50 12.80 -0.69
N ILE A 99 -3.80 11.74 -0.32
CA ILE A 99 -4.31 10.40 -0.49
C ILE A 99 -3.91 9.54 0.71
N ASP A 100 -4.86 8.74 1.17
CA ASP A 100 -4.62 7.87 2.31
C ASP A 100 -4.26 6.47 1.81
N LEU A 101 -3.29 5.88 2.47
CA LEU A 101 -2.84 4.54 2.10
C LEU A 101 -2.84 3.65 3.34
N VAL A 102 -3.49 2.50 3.22
CA VAL A 102 -3.56 1.56 4.32
C VAL A 102 -2.55 0.43 4.09
N VAL A 103 -1.43 0.54 4.79
CA VAL A 103 -0.38 -0.46 4.67
C VAL A 103 0.29 -0.64 6.04
N ALA A 104 0.52 -1.90 6.38
CA ALA A 104 1.16 -2.23 7.64
C ALA A 104 2.57 -1.63 7.68
N VAL A 105 3.26 -1.88 8.78
CA VAL A 105 4.62 -1.37 8.94
C VAL A 105 5.61 -2.42 8.46
N CYS A 106 6.73 -1.94 7.94
CA CYS A 106 7.76 -2.83 7.44
C CYS A 106 8.90 -1.97 6.88
N PRO A 107 10.10 -2.11 7.51
CA PRO A 107 11.27 -1.36 7.09
C PRO A 107 11.85 -1.92 5.80
N PRO A 108 12.74 -1.12 5.17
CA PRO A 108 13.37 -1.53 3.93
C PRO A 108 14.46 -2.59 4.19
N LYS A 109 14.27 -3.74 3.56
CA LYS A 109 15.21 -4.83 3.70
C LYS A 109 14.91 -5.91 2.65
N GLU A 110 13.64 -6.27 2.57
CA GLU A 110 13.21 -7.27 1.61
C GLU A 110 13.82 -8.63 1.96
N TYR A 111 12.94 -9.57 2.27
CA TYR A 111 13.38 -10.91 2.63
C TYR A 111 14.41 -11.44 1.64
N ASP A 112 14.07 -11.30 0.36
CA ASP A 112 14.96 -11.76 -0.70
C ASP A 112 14.85 -13.28 -0.83
N ASP A 113 15.28 -13.96 0.22
CA ASP A 113 15.24 -15.41 0.24
C ASP A 113 13.86 -15.87 0.73
N GLU A 114 13.69 -17.18 0.74
CA GLU A 114 12.44 -17.76 1.18
C GLU A 114 11.29 -17.32 0.27
N LEU A 115 11.23 -17.94 -0.90
CA LEU A 115 10.19 -17.61 -1.86
C LEU A 115 9.29 -18.83 -2.05
N THR A 116 9.03 -19.14 -3.32
CA THR A 116 8.18 -20.27 -3.65
C THR A 116 8.99 -21.39 -4.30
N PHE A 117 10.25 -21.06 -4.60
CA PHE A 117 11.15 -22.02 -5.22
C PHE A 117 11.11 -23.37 -4.48
N PHE A 118 10.99 -23.28 -3.16
CA PHE A 118 10.94 -24.47 -2.34
C PHE A 118 9.50 -24.77 -1.89
N GLY A 1 -19.05 6.59 15.04
CA GLY A 1 -18.19 7.75 15.00
C GLY A 1 -16.85 7.42 14.34
N SER A 2 -15.99 6.76 15.10
CA SER A 2 -14.69 6.37 14.61
C SER A 2 -14.82 5.67 13.25
N GLU A 3 -13.85 5.93 12.39
CA GLU A 3 -13.85 5.32 11.07
C GLU A 3 -12.58 5.70 10.31
N GLY A 4 -11.70 4.71 10.18
CA GLY A 4 -10.44 4.93 9.48
C GLY A 4 -9.69 3.61 9.30
N ALA A 5 -10.09 2.88 8.27
CA ALA A 5 -9.47 1.60 7.97
C ALA A 5 -9.97 0.55 8.95
N ALA A 6 -9.77 0.83 10.23
CA ALA A 6 -10.20 -0.08 11.28
C ALA A 6 -11.56 -0.68 10.91
N THR A 7 -12.58 0.17 10.95
CA THR A 7 -13.92 -0.26 10.63
C THR A 7 -13.92 -1.07 9.32
N MET A 8 -13.21 -0.53 8.33
CA MET A 8 -13.11 -1.19 7.05
C MET A 8 -12.64 -2.63 7.19
N PHE A 9 -11.90 -2.87 8.25
CA PHE A 9 -11.37 -4.20 8.52
C PHE A 9 -12.10 -4.85 9.70
N SER A 10 -12.34 -6.14 9.58
CA SER A 10 -13.01 -6.88 10.63
C SER A 10 -12.27 -6.72 11.95
N PRO A 11 -13.02 -6.94 13.06
CA PRO A 11 -12.44 -6.82 14.40
C PRO A 11 -11.54 -8.01 14.72
N GLU A 12 -11.71 -9.08 13.93
CA GLU A 12 -10.93 -10.27 14.12
C GLU A 12 -9.81 -10.34 13.08
N GLN A 13 -9.53 -9.19 12.48
CA GLN A 13 -8.50 -9.11 11.47
C GLN A 13 -7.38 -8.16 11.94
N ILE A 14 -7.79 -6.95 12.30
CA ILE A 14 -6.85 -5.95 12.76
C ILE A 14 -6.26 -6.39 14.09
N ALA A 15 -7.12 -6.95 14.94
CA ALA A 15 -6.70 -7.42 16.24
C ALA A 15 -5.42 -8.25 16.10
N GLY A 16 -4.37 -7.78 16.76
CA GLY A 16 -3.09 -8.47 16.71
C GLY A 16 -2.25 -7.96 15.53
N LYS A 17 -2.91 -7.81 14.39
CA LYS A 17 -2.24 -7.35 13.20
C LYS A 17 -1.59 -5.99 13.47
N ASP A 18 -0.82 -5.53 12.49
CA ASP A 18 -0.15 -4.25 12.61
C ASP A 18 -0.39 -3.42 11.35
N VAL A 19 -1.48 -2.66 11.37
CA VAL A 19 -1.84 -1.83 10.24
C VAL A 19 -1.51 -0.37 10.57
N ARG A 20 -1.13 0.36 9.53
CA ARG A 20 -0.79 1.77 9.69
C ARG A 20 -1.25 2.56 8.46
N LEU A 21 -2.09 3.56 8.73
CA LEU A 21 -2.59 4.40 7.66
C LEU A 21 -1.85 5.74 7.67
N LEU A 22 -1.36 6.12 6.51
CA LEU A 22 -0.63 7.37 6.37
C LEU A 22 -1.31 8.24 5.31
N ARG A 23 -1.15 9.55 5.46
CA ARG A 23 -1.73 10.49 4.52
C ARG A 23 -0.63 11.17 3.70
N ILE A 24 -0.81 11.14 2.40
CA ILE A 24 0.15 11.75 1.49
C ILE A 24 -0.55 12.83 0.66
N LYS A 25 0.22 13.85 0.31
CA LYS A 25 -0.30 14.95 -0.48
C LYS A 25 -0.40 14.53 -1.95
N LYS A 26 -1.40 15.08 -2.62
CA LYS A 26 -1.61 14.77 -4.03
C LYS A 26 -0.91 15.82 -4.89
N GLU A 27 0.40 15.68 -5.00
CA GLU A 27 1.18 16.61 -5.80
C GLU A 27 2.11 15.85 -6.74
N GLY A 28 2.48 16.52 -7.83
CA GLY A 28 3.35 15.92 -8.82
C GLY A 28 2.99 14.45 -9.06
N SER A 29 1.75 14.25 -9.48
CA SER A 29 1.25 12.91 -9.75
C SER A 29 1.61 11.98 -8.59
N LEU A 30 1.44 10.69 -8.82
CA LEU A 30 1.74 9.69 -7.82
C LEU A 30 3.14 9.13 -8.05
N ASP A 31 3.26 8.36 -9.14
CA ASP A 31 4.53 7.76 -9.49
C ASP A 31 4.86 6.66 -8.48
N LEU A 32 3.99 5.66 -8.44
CA LEU A 32 4.18 4.53 -7.53
C LEU A 32 3.93 3.23 -8.29
N ALA A 33 4.68 2.21 -7.90
CA ALA A 33 4.56 0.90 -8.53
C ALA A 33 4.02 -0.10 -7.51
N LEU A 34 3.38 -1.13 -8.02
CA LEU A 34 2.80 -2.17 -7.17
C LEU A 34 3.19 -3.54 -7.72
N GLU A 35 3.20 -4.52 -6.82
CA GLU A 35 3.55 -5.88 -7.21
C GLU A 35 2.95 -6.88 -6.22
N GLY A 36 2.54 -8.02 -6.75
CA GLY A 36 1.95 -9.06 -5.92
C GLY A 36 0.50 -9.30 -6.31
N GLY A 37 -0.31 -9.59 -5.29
CA GLY A 37 -1.73 -9.84 -5.51
C GLY A 37 -1.93 -10.92 -6.58
N VAL A 38 -3.18 -11.01 -7.05
CA VAL A 38 -3.52 -11.98 -8.07
C VAL A 38 -2.71 -13.26 -7.83
N ASP A 39 -2.46 -13.98 -8.92
CA ASP A 39 -1.71 -15.22 -8.85
C ASP A 39 -0.22 -14.90 -8.78
N SER A 40 0.13 -14.03 -7.84
CA SER A 40 1.51 -13.64 -7.65
C SER A 40 2.15 -14.46 -6.52
N PRO A 41 3.51 -14.48 -6.52
CA PRO A 41 4.24 -15.22 -5.51
C PRO A 41 4.22 -14.47 -4.16
N VAL A 42 3.63 -13.29 -4.19
CA VAL A 42 3.53 -12.47 -2.99
C VAL A 42 2.23 -12.80 -2.27
N GLY A 43 1.16 -12.86 -3.04
CA GLY A 43 -0.15 -13.15 -2.49
C GLY A 43 -0.71 -11.96 -1.70
N LYS A 44 -0.20 -10.79 -2.04
CA LYS A 44 -0.63 -9.56 -1.37
C LYS A 44 -0.10 -8.36 -2.14
N VAL A 45 -0.60 -7.19 -1.77
CA VAL A 45 -0.19 -5.95 -2.42
C VAL A 45 1.00 -5.36 -1.66
N VAL A 46 2.05 -5.05 -2.43
CA VAL A 46 3.24 -4.48 -1.84
C VAL A 46 3.85 -3.47 -2.82
N VAL A 47 4.23 -2.31 -2.28
CA VAL A 47 4.81 -1.26 -3.09
C VAL A 47 6.07 -1.80 -3.77
N SER A 48 6.00 -1.86 -5.09
CA SER A 48 7.12 -2.35 -5.88
C SER A 48 8.32 -1.41 -5.72
N ALA A 49 8.04 -0.12 -5.87
CA ALA A 49 9.07 0.89 -5.75
C ALA A 49 8.43 2.27 -5.62
N VAL A 50 9.09 3.13 -4.87
CA VAL A 50 8.59 4.49 -4.66
C VAL A 50 9.48 5.47 -5.41
N TYR A 51 9.08 5.78 -6.63
CA TYR A 51 9.84 6.72 -7.46
C TYR A 51 10.11 8.02 -6.70
N GLU A 52 11.34 8.49 -6.81
CA GLU A 52 11.73 9.71 -6.16
C GLU A 52 11.12 10.93 -6.87
N GLY A 53 10.58 10.66 -8.05
CA GLY A 53 9.97 11.71 -8.84
C GLY A 53 8.45 11.68 -8.71
N GLY A 54 7.99 11.76 -7.47
CA GLY A 54 6.56 11.75 -7.19
C GLY A 54 6.27 12.32 -5.80
N ALA A 55 5.03 12.15 -5.38
CA ALA A 55 4.61 12.64 -4.08
C ALA A 55 4.92 11.58 -3.02
N ALA A 56 4.75 10.33 -3.42
CA ALA A 56 5.01 9.22 -2.51
C ALA A 56 6.33 9.46 -1.78
N GLU A 57 7.39 9.57 -2.57
CA GLU A 57 8.72 9.80 -2.01
C GLU A 57 8.70 11.02 -1.09
N ARG A 58 8.19 12.12 -1.63
CA ARG A 58 8.11 13.36 -0.87
C ARG A 58 7.74 13.07 0.58
N HIS A 59 6.73 12.22 0.75
CA HIS A 59 6.27 11.86 2.08
C HIS A 59 7.30 10.95 2.75
N GLY A 60 7.48 9.78 2.17
CA GLY A 60 8.44 8.81 2.70
C GLY A 60 7.74 7.79 3.60
N GLY A 61 8.01 7.90 4.89
CA GLY A 61 7.42 7.00 5.86
C GLY A 61 7.71 5.54 5.49
N VAL A 62 6.80 4.96 4.73
CA VAL A 62 6.95 3.58 4.30
C VAL A 62 7.76 3.53 3.01
N VAL A 63 8.23 2.32 2.69
CA VAL A 63 9.02 2.14 1.48
C VAL A 63 8.48 0.92 0.72
N LYS A 64 9.29 0.47 -0.23
CA LYS A 64 8.91 -0.68 -1.04
C LYS A 64 8.88 -1.94 -0.15
N GLY A 65 8.15 -2.93 -0.63
CA GLY A 65 8.03 -4.19 0.11
C GLY A 65 6.91 -4.10 1.15
N ASP A 66 6.44 -2.88 1.37
CA ASP A 66 5.38 -2.65 2.33
C ASP A 66 4.19 -3.55 1.99
N GLU A 67 3.26 -3.63 2.93
CA GLU A 67 2.08 -4.44 2.74
C GLU A 67 0.82 -3.57 2.80
N ILE A 68 0.43 -3.09 1.63
CA ILE A 68 -0.75 -2.23 1.53
C ILE A 68 -2.00 -3.10 1.67
N MET A 69 -2.95 -2.59 2.43
CA MET A 69 -4.21 -3.30 2.65
C MET A 69 -5.37 -2.59 1.95
N ALA A 70 -5.35 -1.27 2.02
CA ALA A 70 -6.39 -0.47 1.41
C ALA A 70 -5.75 0.58 0.50
N ILE A 71 -6.59 1.26 -0.25
CA ILE A 71 -6.12 2.29 -1.17
C ILE A 71 -7.16 3.42 -1.25
N ASN A 72 -6.82 4.54 -0.63
CA ASN A 72 -7.71 5.69 -0.63
C ASN A 72 -9.14 5.21 -0.36
N GLY A 73 -9.25 4.15 0.41
CA GLY A 73 -10.55 3.59 0.74
C GLY A 73 -10.96 2.52 -0.28
N LYS A 74 -10.31 1.37 -0.18
CA LYS A 74 -10.60 0.26 -1.08
C LYS A 74 -9.81 -0.97 -0.63
N ILE A 75 -10.53 -1.88 0.03
CA ILE A 75 -9.92 -3.10 0.51
C ILE A 75 -9.15 -3.77 -0.63
N VAL A 76 -7.84 -3.88 -0.43
CA VAL A 76 -6.98 -4.49 -1.43
C VAL A 76 -6.25 -5.69 -0.80
N THR A 77 -6.84 -6.20 0.26
CA THR A 77 -6.27 -7.35 0.96
C THR A 77 -5.97 -8.48 -0.03
N ASP A 78 -7.02 -8.91 -0.72
CA ASP A 78 -6.88 -9.98 -1.70
C ASP A 78 -7.19 -9.44 -3.09
N TYR A 79 -6.71 -8.22 -3.34
CA TYR A 79 -6.93 -7.58 -4.62
C TYR A 79 -5.87 -8.02 -5.64
N THR A 80 -6.01 -7.50 -6.85
CA THR A 80 -5.08 -7.82 -7.92
C THR A 80 -4.32 -6.57 -8.36
N LEU A 81 -3.12 -6.80 -8.87
CA LEU A 81 -2.28 -5.71 -9.33
C LEU A 81 -3.14 -4.68 -10.06
N ALA A 82 -3.73 -5.13 -11.16
CA ALA A 82 -4.58 -4.27 -11.97
C ALA A 82 -5.50 -3.48 -11.05
N GLU A 83 -6.39 -4.20 -10.39
CA GLU A 83 -7.34 -3.58 -9.48
C GLU A 83 -6.66 -2.45 -8.70
N ALA A 84 -5.75 -2.85 -7.82
CA ALA A 84 -5.02 -1.88 -7.00
C ALA A 84 -4.41 -0.82 -7.91
N GLU A 85 -3.46 -1.26 -8.73
CA GLU A 85 -2.79 -0.36 -9.65
C GLU A 85 -3.78 0.68 -10.20
N ALA A 86 -4.83 0.18 -10.84
CA ALA A 86 -5.84 1.04 -11.40
C ALA A 86 -6.47 1.89 -10.29
N ALA A 87 -7.12 1.18 -9.36
CA ALA A 87 -7.77 1.85 -8.25
C ALA A 87 -6.87 2.98 -7.74
N LEU A 88 -5.71 2.59 -7.25
CA LEU A 88 -4.76 3.56 -6.73
C LEU A 88 -4.66 4.75 -7.70
N GLN A 89 -4.32 4.42 -8.94
CA GLN A 89 -4.18 5.45 -9.96
C GLN A 89 -5.44 6.32 -10.00
N LYS A 90 -6.55 5.67 -10.27
CA LYS A 90 -7.84 6.37 -10.36
C LYS A 90 -7.90 7.42 -9.25
N ALA A 91 -7.64 6.98 -8.03
CA ALA A 91 -7.67 7.87 -6.88
C ALA A 91 -6.87 9.13 -7.20
N TRP A 92 -5.56 8.97 -7.26
CA TRP A 92 -4.68 10.08 -7.56
C TRP A 92 -5.21 10.79 -8.81
N ASN A 93 -5.49 9.99 -9.83
CA ASN A 93 -6.01 10.52 -11.08
C ASN A 93 -7.10 11.54 -10.78
N GLN A 94 -8.02 11.14 -9.92
CA GLN A 94 -9.13 12.00 -9.54
C GLN A 94 -8.65 13.46 -9.47
N GLY A 95 -7.64 13.68 -8.64
CA GLY A 95 -7.08 15.01 -8.47
C GLY A 95 -7.43 15.58 -7.10
N GLY A 96 -7.30 14.73 -6.09
CA GLY A 96 -7.60 15.14 -4.72
C GLY A 96 -6.46 15.97 -4.14
N ASP A 97 -6.60 16.28 -2.86
CA ASP A 97 -5.60 17.07 -2.17
C ASP A 97 -4.55 16.14 -1.55
N TRP A 98 -5.05 15.08 -0.94
CA TRP A 98 -4.17 14.11 -0.31
C TRP A 98 -4.76 12.71 -0.55
N ILE A 99 -4.00 11.70 -0.14
CA ILE A 99 -4.43 10.33 -0.30
C ILE A 99 -3.98 9.51 0.91
N ASP A 100 -4.91 8.73 1.44
CA ASP A 100 -4.62 7.90 2.59
C ASP A 100 -4.09 6.54 2.12
N LEU A 101 -2.94 6.18 2.65
CA LEU A 101 -2.30 4.92 2.29
C LEU A 101 -2.28 4.00 3.52
N VAL A 102 -2.88 2.82 3.35
CA VAL A 102 -2.92 1.86 4.44
C VAL A 102 -1.99 0.69 4.11
N VAL A 103 -1.06 0.43 5.02
CA VAL A 103 -0.11 -0.66 4.84
C VAL A 103 0.36 -1.14 6.21
N ALA A 104 0.59 -2.45 6.29
CA ALA A 104 1.04 -3.05 7.53
C ALA A 104 2.49 -2.63 7.79
N VAL A 105 2.95 -2.94 8.99
CA VAL A 105 4.31 -2.60 9.39
C VAL A 105 5.26 -3.69 8.89
N CYS A 106 6.52 -3.30 8.72
CA CYS A 106 7.53 -4.23 8.26
C CYS A 106 8.91 -3.65 8.60
N PRO A 107 9.63 -4.38 9.50
CA PRO A 107 10.95 -3.95 9.92
C PRO A 107 11.98 -4.21 8.82
N PRO A 108 13.22 -3.71 9.07
CA PRO A 108 14.30 -3.88 8.11
C PRO A 108 14.84 -5.32 8.15
N LYS A 109 14.54 -6.05 7.09
CA LYS A 109 14.99 -7.43 6.99
C LYS A 109 14.78 -7.92 5.55
N GLU A 110 13.58 -7.67 5.04
CA GLU A 110 13.25 -8.07 3.68
C GLU A 110 13.26 -9.60 3.58
N TYR A 111 12.10 -10.15 3.30
CA TYR A 111 11.97 -11.59 3.16
C TYR A 111 11.59 -11.97 1.72
N ASP A 112 12.38 -12.86 1.15
CA ASP A 112 12.14 -13.32 -0.20
C ASP A 112 13.25 -14.30 -0.61
N ASP A 113 12.90 -15.58 -0.62
CA ASP A 113 13.84 -16.61 -0.98
C ASP A 113 13.17 -17.98 -0.84
N GLU A 114 13.59 -18.90 -1.70
CA GLU A 114 13.04 -20.24 -1.68
C GLU A 114 14.11 -21.25 -2.10
N LEU A 115 14.90 -21.66 -1.12
CA LEU A 115 15.97 -22.63 -1.37
C LEU A 115 17.03 -21.98 -2.25
N THR A 116 18.25 -21.97 -1.74
CA THR A 116 19.37 -21.39 -2.46
C THR A 116 19.67 -22.21 -3.72
N PHE A 117 19.07 -23.39 -3.77
CA PHE A 117 19.26 -24.27 -4.91
C PHE A 117 20.75 -24.46 -5.21
N PHE A 118 21.40 -25.25 -4.37
CA PHE A 118 22.81 -25.52 -4.54
C PHE A 118 23.11 -27.01 -4.44
N GLY A 1 -8.68 9.97 20.56
CA GLY A 1 -9.80 9.68 19.67
C GLY A 1 -9.45 10.04 18.23
N SER A 2 -8.82 9.09 17.55
CA SER A 2 -8.43 9.30 16.17
C SER A 2 -8.05 7.96 15.53
N GLU A 3 -9.06 7.30 14.98
CA GLU A 3 -8.84 6.01 14.35
C GLU A 3 -8.19 6.19 12.98
N GLY A 4 -7.62 5.11 12.47
CA GLY A 4 -6.96 5.15 11.18
C GLY A 4 -7.49 4.04 10.26
N ALA A 5 -8.62 4.34 9.63
CA ALA A 5 -9.24 3.39 8.73
C ALA A 5 -9.13 1.99 9.32
N ALA A 6 -9.89 1.77 10.39
CA ALA A 6 -9.89 0.48 11.06
C ALA A 6 -11.33 0.03 11.29
N THR A 7 -12.14 0.20 10.26
CA THR A 7 -13.55 -0.17 10.33
C THR A 7 -13.89 -1.18 9.23
N MET A 8 -13.35 -0.93 8.05
CA MET A 8 -13.58 -1.80 6.91
C MET A 8 -13.26 -3.25 7.26
N PHE A 9 -12.06 -3.45 7.78
CA PHE A 9 -11.63 -4.78 8.17
C PHE A 9 -12.32 -5.25 9.45
N SER A 10 -12.36 -6.56 9.62
CA SER A 10 -12.99 -7.14 10.81
C SER A 10 -12.21 -6.75 12.06
N PRO A 11 -12.91 -6.82 13.22
CA PRO A 11 -12.30 -6.49 14.49
C PRO A 11 -11.35 -7.59 14.95
N GLU A 12 -11.54 -8.77 14.36
CA GLU A 12 -10.71 -9.92 14.71
C GLU A 12 -9.61 -10.10 13.66
N GLN A 13 -9.40 -9.06 12.88
CA GLN A 13 -8.38 -9.09 11.84
C GLN A 13 -7.30 -8.06 12.13
N ILE A 14 -7.74 -6.83 12.36
CA ILE A 14 -6.81 -5.75 12.65
C ILE A 14 -6.20 -5.97 14.04
N ALA A 15 -7.05 -6.35 14.97
CA ALA A 15 -6.60 -6.60 16.33
C ALA A 15 -5.40 -7.54 16.31
N GLY A 16 -4.32 -7.08 16.94
CA GLY A 16 -3.10 -7.87 17.00
C GLY A 16 -2.07 -7.35 16.00
N LYS A 17 -2.52 -7.16 14.77
CA LYS A 17 -1.65 -6.67 13.72
C LYS A 17 -1.25 -5.22 14.02
N ASP A 18 -0.49 -4.65 13.11
CA ASP A 18 -0.04 -3.27 13.27
C ASP A 18 -0.25 -2.52 11.95
N VAL A 19 -1.46 -1.99 11.80
CA VAL A 19 -1.81 -1.25 10.61
C VAL A 19 -1.48 0.23 10.83
N ARG A 20 -0.81 0.82 9.83
CA ARG A 20 -0.43 2.22 9.90
C ARG A 20 -0.95 2.97 8.68
N LEU A 21 -1.77 3.98 8.94
CA LEU A 21 -2.34 4.78 7.88
C LEU A 21 -1.36 5.89 7.49
N LEU A 22 -0.99 5.91 6.22
CA LEU A 22 -0.06 6.91 5.72
C LEU A 22 -0.76 7.78 4.69
N ARG A 23 -0.87 9.06 5.02
CA ARG A 23 -1.53 10.01 4.13
C ARG A 23 -0.49 10.69 3.23
N ILE A 24 -0.66 10.51 1.93
CA ILE A 24 0.25 11.10 0.96
C ILE A 24 -0.41 12.34 0.34
N LYS A 25 0.41 13.35 0.09
CA LYS A 25 -0.07 14.58 -0.50
C LYS A 25 -0.02 14.46 -2.03
N LYS A 26 -1.00 15.09 -2.67
CA LYS A 26 -1.07 15.07 -4.12
C LYS A 26 -0.25 16.23 -4.69
N GLU A 27 1.02 15.94 -4.97
CA GLU A 27 1.90 16.94 -5.52
C GLU A 27 2.66 16.38 -6.72
N GLY A 28 2.55 17.11 -7.83
CA GLY A 28 3.23 16.70 -9.06
C GLY A 28 2.55 15.46 -9.65
N SER A 29 2.72 14.34 -8.96
CA SER A 29 2.14 13.09 -9.42
C SER A 29 2.47 11.97 -8.42
N LEU A 30 1.82 10.83 -8.63
CA LEU A 30 2.05 9.69 -7.77
C LEU A 30 3.34 9.00 -8.16
N ASP A 31 3.29 8.29 -9.28
CA ASP A 31 4.46 7.58 -9.77
C ASP A 31 4.90 6.56 -8.74
N LEU A 32 4.13 5.48 -8.64
CA LEU A 32 4.43 4.42 -7.69
C LEU A 32 4.23 3.07 -8.36
N ALA A 33 5.23 2.21 -8.21
CA ALA A 33 5.17 0.89 -8.81
C ALA A 33 4.62 -0.11 -7.77
N LEU A 34 3.82 -1.04 -8.27
CA LEU A 34 3.22 -2.04 -7.40
C LEU A 34 3.50 -3.43 -7.97
N GLU A 35 3.47 -4.42 -7.08
CA GLU A 35 3.73 -5.79 -7.48
C GLU A 35 2.99 -6.75 -6.55
N GLY A 36 2.74 -7.96 -7.06
CA GLY A 36 2.06 -8.98 -6.29
C GLY A 36 0.58 -9.05 -6.70
N GLY A 37 -0.25 -9.43 -5.73
CA GLY A 37 -1.67 -9.56 -5.96
C GLY A 37 -1.96 -10.68 -6.97
N VAL A 38 -3.25 -10.89 -7.21
CA VAL A 38 -3.67 -11.93 -8.14
C VAL A 38 -2.97 -13.24 -7.80
N ASP A 39 -2.96 -14.14 -8.77
CA ASP A 39 -2.32 -15.43 -8.58
C ASP A 39 -0.81 -15.25 -8.50
N SER A 40 -0.39 -14.43 -7.54
CA SER A 40 1.02 -14.17 -7.36
C SER A 40 1.57 -15.04 -6.23
N PRO A 41 2.93 -15.19 -6.23
CA PRO A 41 3.60 -15.99 -5.22
C PRO A 41 3.62 -15.28 -3.86
N VAL A 42 3.07 -14.06 -3.86
CA VAL A 42 3.04 -13.27 -2.65
C VAL A 42 1.70 -13.49 -1.95
N GLY A 43 0.64 -13.50 -2.75
CA GLY A 43 -0.70 -13.70 -2.22
C GLY A 43 -1.35 -12.36 -1.83
N LYS A 44 -0.53 -11.32 -1.86
CA LYS A 44 -1.01 -9.99 -1.51
C LYS A 44 -0.31 -8.96 -2.40
N VAL A 45 -0.59 -7.70 -2.13
CA VAL A 45 0.01 -6.61 -2.89
C VAL A 45 1.17 -6.02 -2.09
N VAL A 46 2.22 -5.68 -2.82
CA VAL A 46 3.40 -5.10 -2.20
C VAL A 46 4.04 -4.09 -3.16
N VAL A 47 4.37 -2.93 -2.62
CA VAL A 47 4.99 -1.88 -3.42
C VAL A 47 6.28 -2.41 -4.03
N SER A 48 6.37 -2.30 -5.35
CA SER A 48 7.55 -2.76 -6.07
C SER A 48 8.66 -1.73 -5.95
N ALA A 49 8.30 -0.48 -6.22
CA ALA A 49 9.26 0.61 -6.16
C ALA A 49 8.52 1.94 -6.23
N VAL A 50 8.93 2.87 -5.37
CA VAL A 50 8.32 4.18 -5.33
C VAL A 50 9.26 5.20 -5.97
N TYR A 51 9.03 5.46 -7.25
CA TYR A 51 9.85 6.40 -7.98
C TYR A 51 10.27 7.58 -7.10
N GLU A 52 11.57 7.81 -7.06
CA GLU A 52 12.11 8.89 -6.26
C GLU A 52 11.87 10.24 -6.94
N GLY A 53 10.96 11.00 -6.37
CA GLY A 53 10.62 12.31 -6.91
C GLY A 53 9.11 12.53 -6.92
N GLY A 54 8.39 11.44 -7.09
CA GLY A 54 6.93 11.50 -7.11
C GLY A 54 6.39 12.09 -5.81
N ALA A 55 5.13 11.76 -5.53
CA ALA A 55 4.48 12.25 -4.32
C ALA A 55 4.69 11.24 -3.19
N ALA A 56 4.74 9.98 -3.57
CA ALA A 56 4.94 8.90 -2.61
C ALA A 56 6.27 9.13 -1.88
N GLU A 57 7.32 9.25 -2.67
CA GLU A 57 8.65 9.46 -2.12
C GLU A 57 8.70 10.77 -1.33
N ARG A 58 8.19 11.82 -1.96
CA ARG A 58 8.17 13.13 -1.33
C ARG A 58 7.66 13.02 0.10
N HIS A 59 6.62 12.21 0.27
CA HIS A 59 6.03 12.01 1.59
C HIS A 59 7.11 11.58 2.57
N GLY A 60 7.82 10.53 2.19
CA GLY A 60 8.89 10.01 3.04
C GLY A 60 8.31 9.36 4.30
N GLY A 61 7.78 8.16 4.13
CA GLY A 61 7.19 7.43 5.24
C GLY A 61 7.68 5.99 5.25
N VAL A 62 7.26 5.24 4.24
CA VAL A 62 7.64 3.84 4.12
C VAL A 62 8.19 3.58 2.72
N VAL A 63 9.00 2.54 2.61
CA VAL A 63 9.58 2.17 1.34
C VAL A 63 8.82 0.98 0.75
N LYS A 64 9.27 0.55 -0.42
CA LYS A 64 8.64 -0.58 -1.09
C LYS A 64 8.66 -1.79 -0.16
N GLY A 65 7.80 -2.75 -0.46
CA GLY A 65 7.70 -3.95 0.34
C GLY A 65 6.60 -3.84 1.39
N ASP A 66 6.30 -2.59 1.75
CA ASP A 66 5.27 -2.33 2.74
C ASP A 66 4.10 -3.29 2.52
N GLU A 67 3.34 -3.50 3.59
CA GLU A 67 2.20 -4.39 3.53
C GLU A 67 0.93 -3.60 3.23
N ILE A 68 0.55 -3.60 1.96
CA ILE A 68 -0.64 -2.88 1.53
C ILE A 68 -1.88 -3.71 1.88
N MET A 69 -3.01 -3.02 1.92
CA MET A 69 -4.26 -3.67 2.25
C MET A 69 -5.46 -2.90 1.68
N ALA A 70 -5.49 -1.61 2.01
CA ALA A 70 -6.55 -0.74 1.54
C ALA A 70 -5.95 0.52 0.92
N ILE A 71 -6.56 0.97 -0.15
CA ILE A 71 -6.10 2.17 -0.85
C ILE A 71 -7.20 3.22 -0.81
N ASN A 72 -6.94 4.27 -0.03
CA ASN A 72 -7.89 5.36 0.10
C ASN A 72 -9.25 4.80 0.55
N GLY A 73 -9.17 3.68 1.26
CA GLY A 73 -10.38 3.04 1.76
C GLY A 73 -10.64 1.73 1.00
N LYS A 74 -10.68 1.83 -0.31
CA LYS A 74 -10.93 0.67 -1.15
C LYS A 74 -9.97 -0.45 -0.74
N ILE A 75 -10.56 -1.59 -0.39
CA ILE A 75 -9.78 -2.74 0.03
C ILE A 75 -9.06 -3.32 -1.20
N VAL A 76 -7.77 -3.58 -1.02
CA VAL A 76 -6.97 -4.14 -2.09
C VAL A 76 -6.35 -5.46 -1.63
N THR A 77 -6.99 -6.06 -0.64
CA THR A 77 -6.52 -7.32 -0.09
C THR A 77 -6.30 -8.33 -1.22
N ASP A 78 -7.38 -8.99 -1.60
CA ASP A 78 -7.33 -9.99 -2.66
C ASP A 78 -7.57 -9.30 -4.01
N TYR A 79 -6.93 -8.15 -4.17
CA TYR A 79 -7.07 -7.39 -5.40
C TYR A 79 -5.91 -7.69 -6.36
N THR A 80 -6.18 -7.50 -7.64
CA THR A 80 -5.18 -7.76 -8.67
C THR A 80 -4.40 -6.48 -8.96
N LEU A 81 -3.16 -6.67 -9.40
CA LEU A 81 -2.30 -5.55 -9.72
C LEU A 81 -3.11 -4.47 -10.42
N ALA A 82 -3.61 -4.80 -11.60
CA ALA A 82 -4.41 -3.86 -12.38
C ALA A 82 -5.43 -3.18 -11.46
N GLU A 83 -6.14 -4.01 -10.72
CA GLU A 83 -7.15 -3.50 -9.79
C GLU A 83 -6.56 -2.37 -8.93
N ALA A 84 -5.65 -2.76 -8.05
CA ALA A 84 -5.01 -1.80 -7.17
C ALA A 84 -4.34 -0.71 -8.02
N GLU A 85 -3.34 -1.14 -8.78
CA GLU A 85 -2.62 -0.21 -9.64
C GLU A 85 -3.56 0.85 -10.20
N ALA A 86 -4.61 0.37 -10.84
CA ALA A 86 -5.60 1.26 -11.43
C ALA A 86 -6.33 2.02 -10.33
N ALA A 87 -6.89 1.25 -9.40
CA ALA A 87 -7.62 1.84 -8.29
C ALA A 87 -6.81 3.03 -7.72
N LEU A 88 -5.65 2.70 -7.17
CA LEU A 88 -4.79 3.72 -6.61
C LEU A 88 -4.72 4.91 -7.55
N GLN A 89 -4.35 4.63 -8.79
CA GLN A 89 -4.25 5.67 -9.80
C GLN A 89 -5.51 6.53 -9.82
N LYS A 90 -6.62 5.88 -10.14
CA LYS A 90 -7.90 6.57 -10.20
C LYS A 90 -8.00 7.55 -9.03
N ALA A 91 -7.90 6.99 -7.83
CA ALA A 91 -7.98 7.80 -6.62
C ALA A 91 -7.15 9.07 -6.81
N TRP A 92 -5.89 8.86 -7.18
CA TRP A 92 -4.97 9.97 -7.39
C TRP A 92 -5.54 10.84 -8.52
N ASN A 93 -5.86 10.18 -9.62
CA ASN A 93 -6.40 10.88 -10.78
C ASN A 93 -7.56 11.77 -10.32
N GLN A 94 -8.47 11.16 -9.56
CA GLN A 94 -9.62 11.89 -9.05
C GLN A 94 -9.22 13.31 -8.66
N GLY A 95 -7.99 13.44 -8.18
CA GLY A 95 -7.48 14.75 -7.77
C GLY A 95 -7.20 14.77 -6.27
N GLY A 96 -8.20 15.19 -5.51
CA GLY A 96 -8.07 15.27 -4.07
C GLY A 96 -6.80 16.02 -3.67
N ASP A 97 -6.64 16.22 -2.37
CA ASP A 97 -5.48 16.92 -1.85
C ASP A 97 -4.43 15.91 -1.40
N TRP A 98 -4.90 14.88 -0.71
CA TRP A 98 -4.02 13.83 -0.22
C TRP A 98 -4.75 12.50 -0.35
N ILE A 99 -3.98 11.43 -0.19
CA ILE A 99 -4.54 10.08 -0.28
C ILE A 99 -4.13 9.28 0.95
N ASP A 100 -5.10 8.54 1.49
CA ASP A 100 -4.85 7.73 2.66
C ASP A 100 -4.54 6.29 2.22
N LEU A 101 -3.30 5.90 2.46
CA LEU A 101 -2.86 4.56 2.09
C LEU A 101 -2.83 3.67 3.34
N VAL A 102 -3.65 2.64 3.32
CA VAL A 102 -3.72 1.72 4.45
C VAL A 102 -2.64 0.65 4.30
N VAL A 103 -1.53 0.87 5.00
CA VAL A 103 -0.42 -0.06 4.96
C VAL A 103 -0.05 -0.48 6.38
N ALA A 104 0.55 -1.66 6.48
CA ALA A 104 0.96 -2.18 7.77
C ALA A 104 2.49 -2.04 7.91
N VAL A 105 2.94 -2.17 9.16
CA VAL A 105 4.37 -2.08 9.43
C VAL A 105 5.02 -3.43 9.19
N CYS A 106 6.30 -3.38 8.86
CA CYS A 106 7.06 -4.60 8.61
C CYS A 106 8.49 -4.38 9.12
N PRO A 107 9.00 -5.42 9.83
CA PRO A 107 10.35 -5.36 10.37
C PRO A 107 11.40 -5.56 9.27
N PRO A 108 12.61 -5.02 9.53
CA PRO A 108 13.70 -5.13 8.57
C PRO A 108 14.30 -6.54 8.57
N LYS A 109 14.45 -7.09 7.38
CA LYS A 109 15.00 -8.42 7.22
C LYS A 109 15.41 -8.64 5.77
N GLU A 110 14.45 -8.45 4.88
CA GLU A 110 14.70 -8.62 3.46
C GLU A 110 15.01 -10.08 3.15
N TYR A 111 14.09 -10.70 2.42
CA TYR A 111 14.25 -12.10 2.05
C TYR A 111 13.40 -12.43 0.82
N ASP A 112 14.08 -12.57 -0.32
CA ASP A 112 13.41 -12.89 -1.55
C ASP A 112 14.21 -13.95 -2.31
N ASP A 113 13.61 -14.47 -3.36
CA ASP A 113 14.26 -15.50 -4.18
C ASP A 113 13.31 -15.94 -5.29
N GLU A 114 12.03 -16.00 -4.93
CA GLU A 114 11.01 -16.41 -5.90
C GLU A 114 11.14 -17.90 -6.19
N LEU A 115 12.30 -18.26 -6.70
CA LEU A 115 12.57 -19.66 -7.05
C LEU A 115 11.66 -20.08 -8.20
N THR A 116 11.59 -19.22 -9.21
CA THR A 116 10.76 -19.48 -10.37
C THR A 116 11.46 -19.00 -11.64
N PHE A 117 11.72 -19.94 -12.54
CA PHE A 117 12.38 -19.61 -13.79
C PHE A 117 11.90 -18.28 -14.34
N PHE A 118 10.61 -17.99 -14.10
CA PHE A 118 10.03 -16.75 -14.56
C PHE A 118 10.28 -15.62 -13.56
N GLY A 1 -1.66 2.57 21.71
CA GLY A 1 -2.82 2.26 20.89
C GLY A 1 -2.73 2.92 19.52
N SER A 2 -3.41 4.05 19.39
CA SER A 2 -3.41 4.79 18.15
C SER A 2 -3.73 3.84 16.98
N GLU A 3 -5.02 3.61 16.79
CA GLU A 3 -5.47 2.74 15.72
C GLU A 3 -5.99 3.56 14.54
N GLY A 4 -5.73 3.05 13.35
CA GLY A 4 -6.16 3.73 12.14
C GLY A 4 -7.49 3.15 11.63
N ALA A 5 -7.40 1.94 11.07
CA ALA A 5 -8.58 1.28 10.55
C ALA A 5 -8.84 0.01 11.36
N ALA A 6 -9.92 -0.67 11.01
CA ALA A 6 -10.28 -1.90 11.69
C ALA A 6 -11.65 -2.37 11.19
N THR A 7 -12.62 -1.48 11.29
CA THR A 7 -13.97 -1.79 10.85
C THR A 7 -13.98 -2.16 9.37
N MET A 8 -13.45 -1.26 8.56
CA MET A 8 -13.38 -1.49 7.13
C MET A 8 -13.03 -2.95 6.82
N PHE A 9 -12.01 -3.44 7.52
CA PHE A 9 -11.56 -4.81 7.34
C PHE A 9 -12.38 -5.78 8.21
N SER A 10 -12.03 -7.05 8.10
CA SER A 10 -12.71 -8.08 8.87
C SER A 10 -11.99 -8.32 10.19
N PRO A 11 -12.68 -9.05 11.10
CA PRO A 11 -12.11 -9.35 12.40
C PRO A 11 -11.03 -10.43 12.30
N GLU A 12 -11.24 -11.35 11.37
CA GLU A 12 -10.31 -12.44 11.16
C GLU A 12 -9.24 -12.02 10.14
N GLN A 13 -9.10 -10.72 9.98
CA GLN A 13 -8.13 -10.18 9.04
C GLN A 13 -7.10 -9.32 9.78
N ILE A 14 -7.61 -8.32 10.48
CA ILE A 14 -6.75 -7.42 11.23
C ILE A 14 -6.11 -8.18 12.39
N ALA A 15 -6.97 -8.83 13.18
CA ALA A 15 -6.51 -9.59 14.32
C ALA A 15 -5.60 -8.72 15.18
N GLY A 16 -4.48 -9.29 15.58
CA GLY A 16 -3.52 -8.58 16.41
C GLY A 16 -2.50 -7.83 15.55
N LYS A 17 -2.90 -7.56 14.32
CA LYS A 17 -2.03 -6.86 13.39
C LYS A 17 -1.96 -5.38 13.79
N ASP A 18 -0.81 -4.78 13.51
CA ASP A 18 -0.60 -3.38 13.84
C ASP A 18 -0.26 -2.62 12.55
N VAL A 19 -1.31 -2.12 11.91
CA VAL A 19 -1.14 -1.37 10.68
C VAL A 19 -1.21 0.13 10.99
N ARG A 20 -0.61 0.91 10.10
CA ARG A 20 -0.59 2.35 10.27
C ARG A 20 -1.18 3.04 9.02
N LEU A 21 -2.10 3.95 9.29
CA LEU A 21 -2.75 4.67 8.20
C LEU A 21 -1.93 5.93 7.88
N LEU A 22 -1.33 5.91 6.70
CA LEU A 22 -0.51 7.03 6.27
C LEU A 22 -1.26 7.83 5.20
N ARG A 23 -0.91 9.10 5.09
CA ARG A 23 -1.55 9.97 4.12
C ARG A 23 -0.50 10.63 3.22
N ILE A 24 -0.64 10.42 1.93
CA ILE A 24 0.29 10.98 0.97
C ILE A 24 -0.33 12.24 0.34
N LYS A 25 0.54 13.12 -0.13
CA LYS A 25 0.09 14.35 -0.74
C LYS A 25 -0.06 14.14 -2.26
N LYS A 26 -1.07 14.79 -2.81
CA LYS A 26 -1.34 14.69 -4.23
C LYS A 26 -0.55 15.78 -4.97
N GLU A 27 0.72 15.49 -5.20
CA GLU A 27 1.59 16.43 -5.89
C GLU A 27 2.28 15.74 -7.08
N GLY A 28 2.12 16.35 -8.24
CA GLY A 28 2.71 15.81 -9.46
C GLY A 28 2.56 14.29 -9.50
N SER A 29 1.35 13.85 -9.81
CA SER A 29 1.06 12.43 -9.90
C SER A 29 1.65 11.70 -8.69
N LEU A 30 1.65 10.39 -8.78
CA LEU A 30 2.18 9.56 -7.70
C LEU A 30 3.39 8.77 -8.22
N ASP A 31 3.20 8.16 -9.38
CA ASP A 31 4.26 7.37 -9.98
C ASP A 31 4.76 6.33 -8.98
N LEU A 32 3.93 5.33 -8.76
CA LEU A 32 4.28 4.26 -7.83
C LEU A 32 4.12 2.91 -8.53
N ALA A 33 4.90 1.95 -8.06
CA ALA A 33 4.86 0.62 -8.64
C ALA A 33 4.35 -0.37 -7.59
N LEU A 34 3.58 -1.34 -8.07
CA LEU A 34 3.01 -2.35 -7.18
C LEU A 34 3.33 -3.74 -7.73
N GLU A 35 3.26 -4.72 -6.84
CA GLU A 35 3.54 -6.09 -7.23
C GLU A 35 2.85 -7.07 -6.27
N GLY A 36 2.78 -8.32 -6.70
CA GLY A 36 2.15 -9.35 -5.89
C GLY A 36 0.76 -9.71 -6.44
N GLY A 37 -0.24 -9.60 -5.58
CA GLY A 37 -1.59 -9.90 -5.97
C GLY A 37 -1.66 -11.23 -6.72
N VAL A 38 -2.86 -11.54 -7.20
CA VAL A 38 -3.08 -12.77 -7.95
C VAL A 38 -2.31 -13.91 -7.26
N ASP A 39 -2.16 -15.01 -7.99
CA ASP A 39 -1.46 -16.16 -7.47
C ASP A 39 0.04 -15.84 -7.35
N SER A 40 0.32 -14.77 -6.60
CA SER A 40 1.69 -14.36 -6.39
C SER A 40 2.27 -15.04 -5.16
N PRO A 41 3.63 -15.06 -5.10
CA PRO A 41 4.33 -15.68 -3.98
C PRO A 41 4.25 -14.81 -2.73
N VAL A 42 3.63 -13.65 -2.90
CA VAL A 42 3.48 -12.72 -1.79
C VAL A 42 2.13 -12.95 -1.11
N GLY A 43 1.08 -12.92 -1.91
CA GLY A 43 -0.26 -13.12 -1.39
C GLY A 43 -0.84 -11.82 -0.81
N LYS A 44 -0.37 -10.71 -1.36
CA LYS A 44 -0.82 -9.41 -0.90
C LYS A 44 -0.17 -8.33 -1.77
N VAL A 45 -0.69 -7.11 -1.63
CA VAL A 45 -0.17 -5.98 -2.37
C VAL A 45 1.04 -5.40 -1.63
N VAL A 46 2.07 -5.11 -2.40
CA VAL A 46 3.29 -4.55 -1.84
C VAL A 46 3.92 -3.59 -2.84
N VAL A 47 4.31 -2.43 -2.35
CA VAL A 47 4.93 -1.42 -3.18
C VAL A 47 6.22 -1.98 -3.79
N SER A 48 6.19 -2.18 -5.10
CA SER A 48 7.34 -2.70 -5.81
C SER A 48 8.49 -1.70 -5.75
N ALA A 49 8.16 -0.45 -6.07
CA ALA A 49 9.16 0.60 -6.06
C ALA A 49 8.45 1.96 -6.11
N VAL A 50 9.07 2.94 -5.47
CA VAL A 50 8.51 4.28 -5.44
C VAL A 50 9.43 5.23 -6.23
N TYR A 51 9.11 5.37 -7.51
CA TYR A 51 9.90 6.24 -8.37
C TYR A 51 10.18 7.58 -7.70
N GLU A 52 11.46 7.87 -7.52
CA GLU A 52 11.87 9.11 -6.89
C GLU A 52 11.14 10.30 -7.54
N GLY A 53 10.69 10.08 -8.77
CA GLY A 53 10.00 11.12 -9.50
C GLY A 53 8.48 10.99 -9.31
N GLY A 54 8.07 10.90 -8.06
CA GLY A 54 6.67 10.77 -7.73
C GLY A 54 6.34 11.47 -6.41
N ALA A 55 5.14 11.22 -5.92
CA ALA A 55 4.70 11.82 -4.67
C ALA A 55 5.04 10.88 -3.52
N ALA A 56 4.87 9.59 -3.77
CA ALA A 56 5.16 8.58 -2.75
C ALA A 56 6.53 8.87 -2.13
N GLU A 57 7.50 9.12 -2.99
CA GLU A 57 8.84 9.41 -2.54
C GLU A 57 8.84 10.61 -1.58
N ARG A 58 8.27 11.70 -2.05
CA ARG A 58 8.18 12.91 -1.24
C ARG A 58 7.61 12.59 0.14
N HIS A 59 6.62 11.70 0.14
CA HIS A 59 5.98 11.30 1.38
C HIS A 59 7.02 10.64 2.30
N GLY A 60 7.53 9.50 1.85
CA GLY A 60 8.52 8.76 2.61
C GLY A 60 7.84 7.78 3.56
N GLY A 61 6.79 8.25 4.22
CA GLY A 61 6.05 7.41 5.15
C GLY A 61 5.95 5.97 4.64
N VAL A 62 5.57 5.85 3.37
CA VAL A 62 5.43 4.54 2.76
C VAL A 62 6.50 4.37 1.68
N VAL A 63 7.03 3.17 1.60
CA VAL A 63 8.06 2.86 0.62
C VAL A 63 7.78 1.50 0.00
N LYS A 64 8.81 0.95 -0.64
CA LYS A 64 8.69 -0.35 -1.28
C LYS A 64 8.71 -1.44 -0.21
N GLY A 65 7.91 -2.48 -0.44
CA GLY A 65 7.85 -3.59 0.48
C GLY A 65 6.63 -3.45 1.41
N ASP A 66 6.26 -2.21 1.65
CA ASP A 66 5.12 -1.93 2.52
C ASP A 66 4.00 -2.93 2.22
N GLU A 67 3.32 -3.35 3.27
CA GLU A 67 2.23 -4.30 3.14
C GLU A 67 0.92 -3.56 2.86
N ILE A 68 0.69 -3.30 1.58
CA ILE A 68 -0.52 -2.61 1.16
C ILE A 68 -1.74 -3.45 1.51
N MET A 69 -2.83 -2.77 1.81
CA MET A 69 -4.07 -3.44 2.17
C MET A 69 -5.29 -2.68 1.63
N ALA A 70 -5.27 -1.38 1.86
CA ALA A 70 -6.36 -0.53 1.40
C ALA A 70 -5.79 0.68 0.67
N ILE A 71 -6.61 1.24 -0.21
CA ILE A 71 -6.19 2.40 -0.98
C ILE A 71 -7.29 3.46 -0.93
N ASN A 72 -7.01 4.52 -0.19
CA ASN A 72 -7.95 5.61 -0.03
C ASN A 72 -9.25 5.07 0.57
N GLY A 73 -9.12 3.95 1.27
CA GLY A 73 -10.27 3.33 1.90
C GLY A 73 -10.60 1.99 1.23
N LYS A 74 -10.80 2.05 -0.07
CA LYS A 74 -11.12 0.85 -0.84
C LYS A 74 -10.17 -0.28 -0.43
N ILE A 75 -10.76 -1.37 0.04
CA ILE A 75 -9.98 -2.51 0.47
C ILE A 75 -9.33 -3.16 -0.76
N VAL A 76 -8.02 -3.40 -0.64
CA VAL A 76 -7.28 -4.02 -1.73
C VAL A 76 -6.59 -5.29 -1.21
N THR A 77 -7.17 -5.84 -0.15
CA THR A 77 -6.63 -7.05 0.44
C THR A 77 -6.55 -8.17 -0.61
N ASP A 78 -7.68 -8.43 -1.24
CA ASP A 78 -7.75 -9.47 -2.26
C ASP A 78 -7.85 -8.80 -3.64
N TYR A 79 -7.17 -7.67 -3.77
CA TYR A 79 -7.18 -6.94 -5.03
C TYR A 79 -5.98 -7.33 -5.90
N THR A 80 -6.20 -7.30 -7.20
CA THR A 80 -5.15 -7.65 -8.15
C THR A 80 -4.35 -6.41 -8.53
N LEU A 81 -3.11 -6.65 -8.94
CA LEU A 81 -2.23 -5.57 -9.32
C LEU A 81 -3.02 -4.53 -10.14
N ALA A 82 -3.50 -4.98 -11.29
CA ALA A 82 -4.26 -4.11 -12.16
C ALA A 82 -5.32 -3.37 -11.34
N GLU A 83 -6.06 -4.14 -10.55
CA GLU A 83 -7.10 -3.57 -9.71
C GLU A 83 -6.55 -2.38 -8.91
N ALA A 84 -5.67 -2.70 -7.97
CA ALA A 84 -5.07 -1.68 -7.14
C ALA A 84 -4.38 -0.64 -8.03
N GLU A 85 -3.38 -1.11 -8.75
CA GLU A 85 -2.62 -0.24 -9.65
C GLU A 85 -3.56 0.77 -10.32
N ALA A 86 -4.69 0.26 -10.79
CA ALA A 86 -5.67 1.10 -11.45
C ALA A 86 -6.41 1.94 -10.39
N ALA A 87 -7.03 1.24 -9.46
CA ALA A 87 -7.76 1.91 -8.39
C ALA A 87 -6.95 3.10 -7.89
N LEU A 88 -5.78 2.81 -7.34
CA LEU A 88 -4.91 3.84 -6.82
C LEU A 88 -4.86 5.00 -7.81
N GLN A 89 -4.52 4.66 -9.05
CA GLN A 89 -4.43 5.67 -10.10
C GLN A 89 -5.68 6.57 -10.08
N LYS A 90 -6.82 5.97 -10.37
CA LYS A 90 -8.07 6.70 -10.39
C LYS A 90 -8.09 7.69 -9.22
N ALA A 91 -8.03 7.14 -8.02
CA ALA A 91 -8.05 7.96 -6.82
C ALA A 91 -7.17 9.20 -7.04
N TRP A 92 -5.89 8.94 -7.26
CA TRP A 92 -4.94 10.01 -7.49
C TRP A 92 -5.47 10.87 -8.64
N ASN A 93 -5.80 10.22 -9.74
CA ASN A 93 -6.32 10.91 -10.90
C ASN A 93 -7.42 11.87 -10.46
N GLN A 94 -8.38 11.34 -9.73
CA GLN A 94 -9.49 12.13 -9.24
C GLN A 94 -9.02 13.56 -8.91
N GLY A 95 -7.98 13.63 -8.11
CA GLY A 95 -7.42 14.91 -7.70
C GLY A 95 -7.09 14.93 -6.22
N GLY A 96 -7.96 15.57 -5.46
CA GLY A 96 -7.76 15.67 -4.02
C GLY A 96 -6.44 16.34 -3.68
N ASP A 97 -6.24 16.57 -2.39
CA ASP A 97 -5.01 17.22 -1.93
C ASP A 97 -4.04 16.13 -1.44
N TRP A 98 -4.58 15.18 -0.71
CA TRP A 98 -3.77 14.09 -0.18
C TRP A 98 -4.58 12.79 -0.29
N ILE A 99 -3.87 11.68 -0.29
CA ILE A 99 -4.51 10.38 -0.38
C ILE A 99 -4.24 9.58 0.90
N ASP A 100 -5.08 8.60 1.13
CA ASP A 100 -4.94 7.76 2.31
C ASP A 100 -4.56 6.34 1.87
N LEU A 101 -3.62 5.76 2.61
CA LEU A 101 -3.15 4.42 2.32
C LEU A 101 -2.96 3.65 3.62
N VAL A 102 -3.44 2.42 3.63
CA VAL A 102 -3.33 1.57 4.80
C VAL A 102 -2.32 0.46 4.54
N VAL A 103 -1.24 0.47 5.31
CA VAL A 103 -0.19 -0.53 5.17
C VAL A 103 0.19 -1.06 6.54
N ALA A 104 0.61 -2.31 6.57
CA ALA A 104 1.03 -2.94 7.82
C ALA A 104 2.49 -2.58 8.11
N VAL A 105 2.82 -2.62 9.39
CA VAL A 105 4.17 -2.30 9.82
C VAL A 105 5.12 -3.41 9.37
N CYS A 106 6.39 -3.06 9.25
CA CYS A 106 7.40 -4.01 8.83
C CYS A 106 8.75 -3.51 9.33
N PRO A 107 9.39 -4.35 10.20
CA PRO A 107 10.68 -4.03 10.76
C PRO A 107 11.80 -4.21 9.71
N PRO A 108 12.84 -3.36 9.84
CA PRO A 108 13.98 -3.42 8.93
C PRO A 108 14.86 -4.62 9.24
N LYS A 109 15.83 -4.86 8.35
CA LYS A 109 16.74 -5.97 8.51
C LYS A 109 16.00 -7.28 8.27
N GLU A 110 15.01 -7.54 9.11
CA GLU A 110 14.21 -8.74 9.00
C GLU A 110 15.08 -9.97 9.29
N TYR A 111 14.70 -10.68 10.34
CA TYR A 111 15.44 -11.88 10.74
C TYR A 111 14.48 -13.02 11.08
N ASP A 112 14.49 -14.03 10.21
CA ASP A 112 13.63 -15.19 10.40
C ASP A 112 14.44 -16.46 10.16
N ASP A 113 15.06 -16.51 8.99
CA ASP A 113 15.87 -17.66 8.62
C ASP A 113 17.33 -17.22 8.42
N GLU A 114 18.20 -18.22 8.32
CA GLU A 114 19.61 -17.95 8.13
C GLU A 114 20.22 -18.96 7.17
N LEU A 115 20.12 -18.65 5.89
CA LEU A 115 20.66 -19.53 4.86
C LEU A 115 21.50 -18.70 3.88
N THR A 116 21.28 -18.95 2.60
CA THR A 116 22.00 -18.24 1.56
C THR A 116 23.45 -18.02 1.98
N PHE A 117 24.28 -19.03 1.74
CA PHE A 117 25.68 -18.95 2.10
C PHE A 117 26.49 -20.01 1.34
N PHE A 118 25.92 -21.21 1.28
CA PHE A 118 26.59 -22.30 0.59
C PHE A 118 25.60 -23.06 -0.31
N GLY A 1 -6.99 12.25 9.00
CA GLY A 1 -7.47 13.27 9.91
C GLY A 1 -8.28 12.64 11.06
N SER A 2 -7.59 12.45 12.17
CA SER A 2 -8.22 11.86 13.35
C SER A 2 -8.67 10.44 13.04
N GLU A 3 -8.18 9.51 13.85
CA GLU A 3 -8.52 8.11 13.67
C GLU A 3 -8.01 7.60 12.33
N GLY A 4 -8.03 6.28 12.18
CA GLY A 4 -7.57 5.66 10.95
C GLY A 4 -8.69 4.87 10.27
N ALA A 5 -8.30 3.85 9.54
CA ALA A 5 -9.26 3.01 8.84
C ALA A 5 -9.31 1.63 9.50
N ALA A 6 -10.00 1.57 10.63
CA ALA A 6 -10.13 0.33 11.37
C ALA A 6 -11.61 -0.03 11.48
N THR A 7 -12.22 -0.30 10.34
CA THR A 7 -13.63 -0.66 10.30
C THR A 7 -13.89 -1.67 9.19
N MET A 8 -13.46 -1.30 7.99
CA MET A 8 -13.65 -2.17 6.83
C MET A 8 -13.34 -3.63 7.18
N PHE A 9 -12.17 -3.81 7.80
CA PHE A 9 -11.75 -5.15 8.19
C PHE A 9 -12.64 -5.71 9.29
N SER A 10 -12.12 -6.71 9.99
CA SER A 10 -12.88 -7.35 11.06
C SER A 10 -12.07 -7.29 12.36
N PRO A 11 -12.76 -7.64 13.48
CA PRO A 11 -12.12 -7.63 14.78
C PRO A 11 -11.17 -8.83 14.94
N GLU A 12 -11.28 -9.75 14.00
CA GLU A 12 -10.46 -10.95 14.03
C GLU A 12 -9.44 -10.91 12.88
N GLN A 13 -9.25 -9.71 12.35
CA GLN A 13 -8.30 -9.52 11.26
C GLN A 13 -7.22 -8.51 11.66
N ILE A 14 -7.68 -7.37 12.16
CA ILE A 14 -6.77 -6.32 12.59
C ILE A 14 -6.10 -6.74 13.90
N ALA A 15 -6.91 -7.24 14.81
CA ALA A 15 -6.41 -7.68 16.10
C ALA A 15 -5.09 -8.44 15.90
N GLY A 16 -4.05 -7.94 16.54
CA GLY A 16 -2.74 -8.56 16.44
C GLY A 16 -1.84 -7.80 15.48
N LYS A 17 -2.37 -7.53 14.29
CA LYS A 17 -1.63 -6.81 13.27
C LYS A 17 -1.47 -5.35 13.71
N ASP A 18 -0.68 -4.62 12.94
CA ASP A 18 -0.44 -3.22 13.23
C ASP A 18 -0.62 -2.40 11.95
N VAL A 19 -1.86 -2.02 11.71
CA VAL A 19 -2.19 -1.23 10.53
C VAL A 19 -1.83 0.24 10.79
N ARG A 20 -1.34 0.89 9.74
CA ARG A 20 -0.96 2.29 9.85
C ARG A 20 -1.45 3.05 8.61
N LEU A 21 -2.11 4.17 8.89
CA LEU A 21 -2.64 5.01 7.82
C LEU A 21 -1.59 6.06 7.44
N LEU A 22 -1.10 5.96 6.22
CA LEU A 22 -0.09 6.89 5.72
C LEU A 22 -0.71 7.74 4.63
N ARG A 23 -1.01 8.98 4.98
CA ARG A 23 -1.60 9.92 4.03
C ARG A 23 -0.52 10.58 3.19
N ILE A 24 -0.58 10.33 1.89
CA ILE A 24 0.40 10.90 0.98
C ILE A 24 -0.17 12.19 0.38
N LYS A 25 0.74 13.06 -0.05
CA LYS A 25 0.35 14.32 -0.63
C LYS A 25 0.25 14.17 -2.16
N LYS A 26 -0.65 14.93 -2.74
CA LYS A 26 -0.86 14.88 -4.18
C LYS A 26 -0.11 16.04 -4.83
N GLU A 27 1.17 15.81 -5.08
CA GLU A 27 2.02 16.82 -5.70
C GLU A 27 2.73 16.25 -6.92
N GLY A 28 2.46 16.86 -8.06
CA GLY A 28 3.07 16.42 -9.31
C GLY A 28 2.34 15.19 -9.86
N SER A 29 2.48 14.09 -9.14
CA SER A 29 1.83 12.86 -9.55
C SER A 29 2.08 11.76 -8.50
N LEU A 30 1.62 10.57 -8.83
CA LEU A 30 1.79 9.43 -7.93
C LEU A 30 3.11 8.73 -8.25
N ASP A 31 3.07 7.91 -9.29
CA ASP A 31 4.25 7.17 -9.71
C ASP A 31 4.58 6.11 -8.67
N LEU A 32 3.66 5.16 -8.53
CA LEU A 32 3.83 4.08 -7.58
C LEU A 32 3.56 2.74 -8.27
N ALA A 33 4.49 1.81 -8.08
CA ALA A 33 4.37 0.50 -8.68
C ALA A 33 3.87 -0.49 -7.62
N LEU A 34 3.20 -1.53 -8.09
CA LEU A 34 2.69 -2.55 -7.19
C LEU A 34 3.05 -3.94 -7.73
N GLU A 35 2.99 -4.92 -6.85
CA GLU A 35 3.32 -6.27 -7.22
C GLU A 35 2.58 -7.27 -6.31
N GLY A 36 2.09 -8.34 -6.93
CA GLY A 36 1.36 -9.36 -6.20
C GLY A 36 -0.14 -9.09 -6.22
N GLY A 37 -0.78 -9.39 -5.10
CA GLY A 37 -2.22 -9.19 -4.98
C GLY A 37 -2.99 -10.39 -5.52
N VAL A 38 -2.97 -10.53 -6.83
CA VAL A 38 -3.65 -11.63 -7.48
C VAL A 38 -3.09 -12.96 -6.98
N ASP A 39 -3.13 -13.95 -7.84
CA ASP A 39 -2.63 -15.27 -7.50
C ASP A 39 -1.10 -15.28 -7.62
N SER A 40 -0.48 -14.29 -6.99
CA SER A 40 0.97 -14.17 -7.03
C SER A 40 1.58 -14.95 -5.86
N PRO A 41 2.94 -14.91 -5.81
CA PRO A 41 3.67 -15.61 -4.75
C PRO A 41 3.55 -14.86 -3.42
N VAL A 42 2.92 -13.70 -3.48
CA VAL A 42 2.73 -12.89 -2.29
C VAL A 42 1.30 -13.07 -1.77
N GLY A 43 0.35 -12.75 -2.63
CA GLY A 43 -1.06 -12.87 -2.28
C GLY A 43 -1.58 -11.59 -1.63
N LYS A 44 -0.77 -10.54 -1.73
CA LYS A 44 -1.12 -9.26 -1.15
C LYS A 44 -0.58 -8.14 -2.04
N VAL A 45 -0.95 -6.91 -1.68
CA VAL A 45 -0.51 -5.75 -2.44
C VAL A 45 0.68 -5.11 -1.72
N VAL A 46 1.83 -5.15 -2.39
CA VAL A 46 3.04 -4.58 -1.84
C VAL A 46 3.65 -3.62 -2.85
N VAL A 47 4.06 -2.46 -2.35
CA VAL A 47 4.67 -1.45 -3.20
C VAL A 47 5.90 -2.04 -3.89
N SER A 48 5.80 -2.12 -5.21
CA SER A 48 6.90 -2.67 -6.01
C SER A 48 8.10 -1.72 -5.94
N ALA A 49 7.81 -0.44 -6.11
CA ALA A 49 8.86 0.58 -6.08
C ALA A 49 8.23 1.96 -5.95
N VAL A 50 8.93 2.84 -5.27
CA VAL A 50 8.44 4.20 -5.07
C VAL A 50 9.31 5.16 -5.88
N TYR A 51 8.89 5.40 -7.11
CA TYR A 51 9.61 6.30 -7.99
C TYR A 51 10.11 7.52 -7.23
N GLU A 52 11.42 7.74 -7.31
CA GLU A 52 12.03 8.86 -6.64
C GLU A 52 11.81 10.15 -7.44
N GLY A 53 10.55 10.41 -7.75
CA GLY A 53 10.19 11.59 -8.51
C GLY A 53 8.74 11.98 -8.28
N GLY A 54 7.90 10.95 -8.20
CA GLY A 54 6.48 11.17 -7.98
C GLY A 54 6.22 11.80 -6.61
N ALA A 55 4.98 11.68 -6.17
CA ALA A 55 4.59 12.23 -4.87
C ALA A 55 4.90 11.21 -3.78
N ALA A 56 4.75 9.94 -4.13
CA ALA A 56 5.00 8.87 -3.18
C ALA A 56 6.31 9.15 -2.45
N GLU A 57 7.38 9.24 -3.22
CA GLU A 57 8.70 9.50 -2.67
C GLU A 57 8.65 10.73 -1.76
N ARG A 58 8.14 11.82 -2.32
CA ARG A 58 8.05 13.07 -1.58
C ARG A 58 7.62 12.79 -0.13
N HIS A 59 6.47 12.14 0.00
CA HIS A 59 5.95 11.80 1.31
C HIS A 59 7.08 11.32 2.22
N GLY A 60 7.85 10.37 1.69
CA GLY A 60 8.97 9.81 2.42
C GLY A 60 8.49 9.11 3.69
N GLY A 61 7.76 8.02 3.49
CA GLY A 61 7.23 7.24 4.60
C GLY A 61 7.37 5.75 4.34
N VAL A 62 6.44 5.23 3.55
CA VAL A 62 6.45 3.81 3.22
C VAL A 62 7.33 3.59 1.99
N VAL A 63 8.07 2.49 2.02
CA VAL A 63 8.95 2.16 0.91
C VAL A 63 8.45 0.86 0.26
N LYS A 64 9.26 0.38 -0.68
CA LYS A 64 8.92 -0.85 -1.38
C LYS A 64 9.05 -2.04 -0.43
N GLY A 65 8.15 -3.00 -0.61
CA GLY A 65 8.16 -4.19 0.23
C GLY A 65 7.15 -4.05 1.39
N ASP A 66 6.54 -2.89 1.46
CA ASP A 66 5.56 -2.61 2.49
C ASP A 66 4.45 -3.67 2.43
N GLU A 67 3.36 -3.38 3.12
CA GLU A 67 2.23 -4.29 3.16
C GLU A 67 0.92 -3.52 2.95
N ILE A 68 0.68 -3.17 1.69
CA ILE A 68 -0.53 -2.44 1.35
C ILE A 68 -1.74 -3.35 1.49
N MET A 69 -2.54 -3.07 2.51
CA MET A 69 -3.73 -3.87 2.76
C MET A 69 -4.97 -3.22 2.13
N ALA A 70 -4.97 -1.90 2.13
CA ALA A 70 -6.08 -1.15 1.57
C ALA A 70 -5.53 0.03 0.76
N ILE A 71 -6.45 0.74 0.11
CA ILE A 71 -6.07 1.89 -0.69
C ILE A 71 -7.15 2.97 -0.57
N ASN A 72 -6.81 4.02 0.15
CA ASN A 72 -7.74 5.13 0.35
C ASN A 72 -9.07 4.58 0.89
N GLY A 73 -8.98 3.41 1.50
CA GLY A 73 -10.16 2.77 2.07
C GLY A 73 -10.48 1.48 1.32
N LYS A 74 -10.73 1.61 0.03
CA LYS A 74 -11.05 0.46 -0.80
C LYS A 74 -10.08 -0.68 -0.49
N ILE A 75 -10.65 -1.73 0.09
CA ILE A 75 -9.86 -2.89 0.46
C ILE A 75 -9.22 -3.49 -0.80
N VAL A 76 -7.94 -3.78 -0.70
CA VAL A 76 -7.21 -4.36 -1.82
C VAL A 76 -6.57 -5.68 -1.38
N THR A 77 -7.14 -6.26 -0.34
CA THR A 77 -6.64 -7.52 0.19
C THR A 77 -6.82 -8.63 -0.85
N ASP A 78 -7.74 -8.41 -1.77
CA ASP A 78 -8.01 -9.37 -2.82
C ASP A 78 -8.06 -8.66 -4.17
N TYR A 79 -7.31 -7.58 -4.26
CA TYR A 79 -7.26 -6.80 -5.48
C TYR A 79 -6.06 -7.21 -6.34
N THR A 80 -6.29 -7.24 -7.65
CA THR A 80 -5.23 -7.60 -8.58
C THR A 80 -4.38 -6.38 -8.93
N LEU A 81 -3.16 -6.66 -9.36
CA LEU A 81 -2.23 -5.61 -9.73
C LEU A 81 -2.99 -4.51 -10.47
N ALA A 82 -3.53 -4.87 -11.62
CA ALA A 82 -4.28 -3.92 -12.43
C ALA A 82 -5.30 -3.21 -11.55
N GLU A 83 -6.18 -4.00 -10.96
CA GLU A 83 -7.21 -3.46 -10.09
C GLU A 83 -6.63 -2.38 -9.17
N ALA A 84 -5.78 -2.82 -8.26
CA ALA A 84 -5.15 -1.90 -7.32
C ALA A 84 -4.44 -0.79 -8.10
N GLU A 85 -3.42 -1.20 -8.85
CA GLU A 85 -2.67 -0.24 -9.65
C GLU A 85 -3.59 0.83 -10.23
N ALA A 86 -4.70 0.36 -10.79
CA ALA A 86 -5.67 1.27 -11.38
C ALA A 86 -6.38 2.04 -10.27
N ALA A 87 -7.00 1.29 -9.37
CA ALA A 87 -7.72 1.89 -8.26
C ALA A 87 -6.89 3.04 -7.68
N LEU A 88 -5.75 2.68 -7.12
CA LEU A 88 -4.87 3.67 -6.53
C LEU A 88 -4.83 4.91 -7.43
N GLN A 89 -4.42 4.69 -8.67
CA GLN A 89 -4.34 5.77 -9.63
C GLN A 89 -5.64 6.58 -9.64
N LYS A 90 -6.73 5.90 -9.92
CA LYS A 90 -8.03 6.54 -9.95
C LYS A 90 -8.13 7.54 -8.80
N ALA A 91 -7.94 7.03 -7.60
CA ALA A 91 -8.01 7.87 -6.42
C ALA A 91 -7.18 9.14 -6.64
N TRP A 92 -6.00 8.92 -7.21
CA TRP A 92 -5.10 10.04 -7.49
C TRP A 92 -5.72 10.89 -8.60
N ASN A 93 -6.19 10.20 -9.63
CA ASN A 93 -6.81 10.88 -10.76
C ASN A 93 -7.98 11.73 -10.25
N GLN A 94 -8.77 11.14 -9.38
CA GLN A 94 -9.92 11.82 -8.82
C GLN A 94 -9.59 13.29 -8.56
N GLY A 95 -8.59 13.50 -7.72
CA GLY A 95 -8.15 14.85 -7.38
C GLY A 95 -7.73 14.93 -5.91
N GLY A 96 -8.60 15.52 -5.11
CA GLY A 96 -8.33 15.68 -3.70
C GLY A 96 -6.99 16.39 -3.47
N ASP A 97 -6.74 16.72 -2.21
CA ASP A 97 -5.51 17.40 -1.84
C ASP A 97 -4.44 16.35 -1.50
N TRP A 98 -4.87 15.35 -0.73
CA TRP A 98 -3.96 14.29 -0.34
C TRP A 98 -4.70 12.96 -0.49
N ILE A 99 -3.96 11.89 -0.25
CA ILE A 99 -4.53 10.55 -0.37
C ILE A 99 -4.19 9.75 0.89
N ASP A 100 -5.04 8.76 1.18
CA ASP A 100 -4.84 7.92 2.34
C ASP A 100 -4.44 6.52 1.89
N LEU A 101 -3.41 6.00 2.53
CA LEU A 101 -2.91 4.66 2.21
C LEU A 101 -2.86 3.81 3.48
N VAL A 102 -3.38 2.59 3.36
CA VAL A 102 -3.40 1.68 4.49
C VAL A 102 -2.35 0.59 4.27
N VAL A 103 -1.42 0.51 5.21
CA VAL A 103 -0.36 -0.48 5.13
C VAL A 103 0.09 -0.85 6.56
N ALA A 104 0.51 -2.10 6.71
CA ALA A 104 0.97 -2.58 8.00
C ALA A 104 2.31 -1.93 8.33
N VAL A 105 2.78 -2.20 9.54
CA VAL A 105 4.05 -1.66 9.99
C VAL A 105 5.19 -2.31 9.19
N CYS A 106 6.31 -1.60 9.15
CA CYS A 106 7.47 -2.10 8.43
C CYS A 106 8.63 -1.13 8.68
N PRO A 107 8.43 0.14 8.24
CA PRO A 107 9.45 1.16 8.41
C PRO A 107 9.52 1.64 9.86
N PRO A 108 10.76 1.96 10.32
CA PRO A 108 10.96 2.42 11.67
C PRO A 108 10.50 3.87 11.83
N LYS A 109 10.63 4.37 13.06
CA LYS A 109 10.22 5.74 13.35
C LYS A 109 10.43 6.02 14.84
N GLU A 110 10.13 5.01 15.65
CA GLU A 110 10.28 5.13 17.08
C GLU A 110 10.96 3.88 17.66
N TYR A 111 10.48 3.46 18.82
CA TYR A 111 11.03 2.29 19.47
C TYR A 111 12.53 2.46 19.72
N ASP A 112 13.11 1.44 20.34
CA ASP A 112 14.53 1.46 20.63
C ASP A 112 14.79 2.38 21.83
N ASP A 113 14.57 3.67 21.60
CA ASP A 113 14.78 4.66 22.63
C ASP A 113 13.48 5.44 22.85
N GLU A 114 12.97 5.36 24.07
CA GLU A 114 11.75 6.05 24.42
C GLU A 114 12.05 7.24 25.33
N LEU A 115 13.13 7.93 25.01
CA LEU A 115 13.54 9.09 25.79
C LEU A 115 12.93 10.35 25.17
N THR A 116 12.41 10.19 23.97
CA THR A 116 11.81 11.30 23.26
C THR A 116 11.17 10.82 21.95
N PHE A 117 10.03 11.41 21.63
CA PHE A 117 9.32 11.06 20.41
C PHE A 117 10.28 10.90 19.24
N PHE A 118 11.25 11.81 19.18
CA PHE A 118 12.24 11.78 18.12
C PHE A 118 13.44 12.67 18.46
N GLY A 1 -0.45 13.95 11.60
CA GLY A 1 -1.05 13.23 12.70
C GLY A 1 -1.22 11.74 12.36
N SER A 2 -2.28 11.16 12.91
CA SER A 2 -2.56 9.76 12.67
C SER A 2 -3.98 9.42 13.14
N GLU A 3 -4.52 8.35 12.57
CA GLU A 3 -5.86 7.92 12.92
C GLU A 3 -5.90 6.41 13.09
N GLY A 4 -5.82 5.72 11.97
CA GLY A 4 -5.85 4.26 11.98
C GLY A 4 -7.04 3.72 11.19
N ALA A 5 -6.87 2.53 10.66
CA ALA A 5 -7.93 1.89 9.88
C ALA A 5 -7.93 0.39 10.17
N ALA A 6 -8.42 0.04 11.35
CA ALA A 6 -8.48 -1.35 11.75
C ALA A 6 -9.95 -1.79 11.82
N THR A 7 -10.83 -0.86 11.51
CA THR A 7 -12.26 -1.13 11.53
C THR A 7 -12.73 -1.58 10.16
N MET A 8 -11.77 -1.86 9.29
CA MET A 8 -12.08 -2.30 7.94
C MET A 8 -11.69 -3.77 7.74
N PHE A 9 -10.65 -4.18 8.45
CA PHE A 9 -10.17 -5.54 8.37
C PHE A 9 -10.69 -6.38 9.53
N SER A 10 -11.21 -7.56 9.18
CA SER A 10 -11.75 -8.47 10.18
C SER A 10 -10.74 -8.66 11.31
N PRO A 11 -11.26 -9.14 12.47
CA PRO A 11 -10.42 -9.37 13.63
C PRO A 11 -9.58 -10.63 13.45
N GLU A 12 -10.02 -11.48 12.53
CA GLU A 12 -9.32 -12.72 12.25
C GLU A 12 -8.44 -12.57 11.01
N GLN A 13 -8.24 -11.32 10.62
CA GLN A 13 -7.42 -11.02 9.46
C GLN A 13 -6.13 -10.32 9.88
N ILE A 14 -6.30 -9.21 10.60
CA ILE A 14 -5.17 -8.44 11.06
C ILE A 14 -4.36 -9.28 12.06
N ALA A 15 -5.05 -9.72 13.10
CA ALA A 15 -4.41 -10.53 14.12
C ALA A 15 -3.02 -9.97 14.43
N GLY A 16 -3.02 -8.89 15.19
CA GLY A 16 -1.76 -8.24 15.56
C GLY A 16 -1.34 -7.22 14.50
N LYS A 17 -1.51 -7.62 13.24
CA LYS A 17 -1.15 -6.76 12.13
C LYS A 17 -1.57 -5.32 12.45
N ASP A 18 -0.57 -4.50 12.73
CA ASP A 18 -0.83 -3.10 13.05
C ASP A 18 -0.97 -2.30 11.75
N VAL A 19 -2.21 -2.01 11.41
CA VAL A 19 -2.50 -1.26 10.20
C VAL A 19 -2.24 0.23 10.46
N ARG A 20 -1.55 0.85 9.51
CA ARG A 20 -1.24 2.27 9.62
C ARG A 20 -1.71 3.01 8.38
N LEU A 21 -2.54 4.03 8.61
CA LEU A 21 -3.07 4.83 7.53
C LEU A 21 -2.16 6.03 7.29
N LEU A 22 -1.36 5.94 6.23
CA LEU A 22 -0.44 7.01 5.89
C LEU A 22 -1.10 7.93 4.86
N ARG A 23 -0.92 9.23 5.07
CA ARG A 23 -1.48 10.22 4.18
C ARG A 23 -0.39 10.84 3.32
N ILE A 24 -0.51 10.63 2.01
CA ILE A 24 0.47 11.16 1.08
C ILE A 24 -0.10 12.42 0.43
N LYS A 25 0.80 13.30 0.01
CA LYS A 25 0.41 14.55 -0.62
C LYS A 25 0.11 14.28 -2.10
N LYS A 26 -0.95 14.92 -2.58
CA LYS A 26 -1.35 14.76 -3.96
C LYS A 26 -0.66 15.82 -4.81
N GLU A 27 0.59 15.53 -5.18
CA GLU A 27 1.37 16.45 -5.98
C GLU A 27 1.99 15.72 -7.18
N GLY A 28 1.89 16.35 -8.33
CA GLY A 28 2.43 15.78 -9.55
C GLY A 28 2.09 14.29 -9.65
N SER A 29 0.80 14.01 -9.74
CA SER A 29 0.33 12.64 -9.84
C SER A 29 0.90 11.81 -8.70
N LEU A 30 0.88 10.50 -8.89
CA LEU A 30 1.40 9.58 -7.89
C LEU A 30 2.79 9.12 -8.30
N ASP A 31 2.84 8.33 -9.35
CA ASP A 31 4.10 7.82 -9.86
C ASP A 31 4.66 6.80 -8.86
N LEU A 32 4.05 5.62 -8.87
CA LEU A 32 4.48 4.55 -7.97
C LEU A 32 4.26 3.20 -8.67
N ALA A 33 5.25 2.34 -8.53
CA ALA A 33 5.18 1.02 -9.13
C ALA A 33 4.66 0.02 -8.10
N LEU A 34 3.91 -0.96 -8.58
CA LEU A 34 3.36 -1.98 -7.71
C LEU A 34 3.71 -3.36 -8.26
N GLU A 35 3.71 -4.33 -7.36
CA GLU A 35 4.02 -5.71 -7.75
C GLU A 35 3.41 -6.69 -6.76
N GLY A 36 3.07 -7.86 -7.26
CA GLY A 36 2.47 -8.90 -6.44
C GLY A 36 0.97 -9.03 -6.72
N GLY A 37 0.24 -9.37 -5.67
CA GLY A 37 -1.20 -9.53 -5.79
C GLY A 37 -1.55 -10.74 -6.67
N VAL A 38 -2.83 -10.84 -7.01
CA VAL A 38 -3.30 -11.93 -7.84
C VAL A 38 -2.54 -13.20 -7.48
N ASP A 39 -2.38 -14.07 -8.47
CA ASP A 39 -1.68 -15.33 -8.27
C ASP A 39 -0.17 -15.06 -8.25
N SER A 40 0.24 -14.15 -7.38
CA SER A 40 1.64 -13.80 -7.25
C SER A 40 2.30 -14.68 -6.19
N PRO A 41 3.65 -14.76 -6.27
CA PRO A 41 4.42 -15.56 -5.34
C PRO A 41 4.51 -14.87 -3.97
N VAL A 42 3.92 -13.67 -3.91
CA VAL A 42 3.93 -12.90 -2.68
C VAL A 42 2.64 -13.19 -1.90
N GLY A 43 1.55 -13.26 -2.64
CA GLY A 43 0.25 -13.51 -2.03
C GLY A 43 -0.37 -12.23 -1.47
N LYS A 44 0.38 -11.14 -1.63
CA LYS A 44 -0.08 -9.86 -1.14
C LYS A 44 0.49 -8.75 -2.03
N VAL A 45 -0.01 -7.54 -1.82
CA VAL A 45 0.44 -6.39 -2.60
C VAL A 45 1.65 -5.77 -1.90
N VAL A 46 2.63 -5.39 -2.72
CA VAL A 46 3.84 -4.77 -2.20
C VAL A 46 4.36 -3.75 -3.21
N VAL A 47 4.72 -2.59 -2.69
CA VAL A 47 5.23 -1.52 -3.54
C VAL A 47 6.54 -1.98 -4.18
N SER A 48 6.54 -1.99 -5.51
CA SER A 48 7.71 -2.40 -6.26
C SER A 48 8.82 -1.36 -6.11
N ALA A 49 8.44 -0.10 -6.34
CA ALA A 49 9.38 1.00 -6.24
C ALA A 49 8.62 2.31 -6.24
N VAL A 50 9.20 3.30 -5.56
CA VAL A 50 8.59 4.61 -5.47
C VAL A 50 9.39 5.61 -6.31
N TYR A 51 8.88 5.87 -7.50
CA TYR A 51 9.53 6.79 -8.42
C TYR A 51 9.87 8.10 -7.71
N GLU A 52 11.17 8.29 -7.48
CA GLU A 52 11.64 9.48 -6.83
C GLU A 52 11.01 10.73 -7.45
N GLY A 53 10.60 10.58 -8.70
CA GLY A 53 9.97 11.68 -9.42
C GLY A 53 8.45 11.61 -9.30
N GLY A 54 7.98 11.78 -8.08
CA GLY A 54 6.54 11.74 -7.81
C GLY A 54 6.23 12.30 -6.43
N ALA A 55 4.95 12.22 -6.07
CA ALA A 55 4.51 12.72 -4.78
C ALA A 55 4.76 11.65 -3.72
N ALA A 56 4.71 10.40 -4.16
CA ALA A 56 4.94 9.28 -3.26
C ALA A 56 6.27 9.47 -2.54
N GLU A 57 7.30 9.72 -3.32
CA GLU A 57 8.64 9.92 -2.77
C GLU A 57 8.62 11.06 -1.76
N ARG A 58 8.12 12.20 -2.21
CA ARG A 58 8.04 13.38 -1.36
C ARG A 58 7.70 12.97 0.08
N HIS A 59 6.63 12.21 0.20
CA HIS A 59 6.19 11.74 1.50
C HIS A 59 7.33 11.00 2.20
N GLY A 60 7.71 9.88 1.61
CA GLY A 60 8.79 9.08 2.15
C GLY A 60 8.24 8.02 3.11
N GLY A 61 7.19 8.38 3.81
CA GLY A 61 6.56 7.48 4.75
C GLY A 61 6.51 6.05 4.20
N VAL A 62 5.79 5.91 3.10
CA VAL A 62 5.64 4.61 2.47
C VAL A 62 6.77 4.43 1.44
N VAL A 63 7.33 3.24 1.43
CA VAL A 63 8.41 2.92 0.50
C VAL A 63 8.07 1.65 -0.27
N LYS A 64 9.10 0.99 -0.77
CA LYS A 64 8.92 -0.24 -1.52
C LYS A 64 8.92 -1.42 -0.56
N GLY A 65 7.96 -2.31 -0.79
CA GLY A 65 7.83 -3.50 0.04
C GLY A 65 6.67 -3.35 1.03
N ASP A 66 6.32 -2.10 1.30
CA ASP A 66 5.23 -1.81 2.22
C ASP A 66 4.07 -2.77 1.95
N GLU A 67 3.52 -3.29 3.04
CA GLU A 67 2.41 -4.22 2.94
C GLU A 67 1.11 -3.46 2.65
N ILE A 68 0.75 -3.42 1.37
CA ILE A 68 -0.46 -2.75 0.95
C ILE A 68 -1.66 -3.63 1.24
N MET A 69 -2.73 -3.01 1.70
CA MET A 69 -3.96 -3.73 2.02
C MET A 69 -5.19 -2.91 1.65
N ALA A 70 -5.18 -1.66 2.09
CA ALA A 70 -6.30 -0.76 1.81
C ALA A 70 -5.76 0.52 1.16
N ILE A 71 -6.53 1.02 0.22
CA ILE A 71 -6.15 2.24 -0.48
C ILE A 71 -7.31 3.24 -0.42
N ASN A 72 -7.05 4.36 0.25
CA ASN A 72 -8.06 5.40 0.39
C ASN A 72 -9.28 4.82 1.10
N GLY A 73 -9.08 3.67 1.72
CA GLY A 73 -10.16 3.00 2.44
C GLY A 73 -10.59 1.74 1.71
N LYS A 74 -10.50 1.78 0.39
CA LYS A 74 -10.87 0.64 -0.43
C LYS A 74 -10.02 -0.57 -0.04
N ILE A 75 -10.68 -1.71 0.02
CA ILE A 75 -9.99 -2.95 0.38
C ILE A 75 -9.25 -3.49 -0.84
N VAL A 76 -7.93 -3.58 -0.70
CA VAL A 76 -7.10 -4.08 -1.79
C VAL A 76 -6.28 -5.27 -1.29
N THR A 77 -6.79 -5.90 -0.23
CA THR A 77 -6.12 -7.05 0.35
C THR A 77 -5.90 -8.13 -0.72
N ASP A 78 -7.00 -8.58 -1.30
CA ASP A 78 -6.95 -9.60 -2.32
C ASP A 78 -7.20 -8.97 -3.68
N TYR A 79 -6.58 -7.81 -3.89
CA TYR A 79 -6.72 -7.09 -5.14
C TYR A 79 -5.57 -7.43 -6.09
N THR A 80 -5.90 -7.48 -7.37
CA THR A 80 -4.91 -7.78 -8.40
C THR A 80 -4.14 -6.52 -8.78
N LEU A 81 -2.93 -6.74 -9.30
CA LEU A 81 -2.08 -5.63 -9.70
C LEU A 81 -2.94 -4.55 -10.38
N ALA A 82 -3.54 -4.93 -11.49
CA ALA A 82 -4.38 -4.01 -12.23
C ALA A 82 -5.32 -3.30 -11.26
N GLU A 83 -6.21 -4.07 -10.65
CA GLU A 83 -7.16 -3.52 -9.70
C GLU A 83 -6.50 -2.45 -8.84
N ALA A 84 -5.59 -2.91 -7.97
CA ALA A 84 -4.88 -2.00 -7.09
C ALA A 84 -4.27 -0.87 -7.91
N GLU A 85 -3.31 -1.24 -8.76
CA GLU A 85 -2.64 -0.28 -9.60
C GLU A 85 -3.63 0.79 -10.07
N ALA A 86 -4.67 0.33 -10.75
CA ALA A 86 -5.69 1.23 -11.26
C ALA A 86 -6.35 1.96 -10.09
N ALA A 87 -7.03 1.19 -9.26
CA ALA A 87 -7.71 1.75 -8.10
C ALA A 87 -6.83 2.84 -7.48
N LEU A 88 -5.69 2.41 -6.96
CA LEU A 88 -4.76 3.34 -6.34
C LEU A 88 -4.69 4.62 -7.17
N GLN A 89 -4.42 4.44 -8.46
CA GLN A 89 -4.32 5.57 -9.36
C GLN A 89 -5.63 6.36 -9.37
N LYS A 90 -6.70 5.67 -9.72
CA LYS A 90 -8.01 6.29 -9.78
C LYS A 90 -8.17 7.24 -8.58
N ALA A 91 -7.96 6.68 -7.40
CA ALA A 91 -8.07 7.46 -6.18
C ALA A 91 -7.27 8.76 -6.33
N TRP A 92 -6.06 8.61 -6.85
CA TRP A 92 -5.18 9.75 -7.05
C TRP A 92 -5.78 10.62 -8.16
N ASN A 93 -6.14 9.97 -9.26
CA ASN A 93 -6.71 10.66 -10.39
C ASN A 93 -7.79 11.63 -9.89
N GLN A 94 -8.57 11.16 -8.93
CA GLN A 94 -9.64 11.97 -8.36
C GLN A 94 -9.20 13.43 -8.28
N GLY A 95 -8.01 13.63 -7.76
CA GLY A 95 -7.46 14.97 -7.62
C GLY A 95 -7.83 15.58 -6.27
N GLY A 96 -6.85 15.60 -5.37
CA GLY A 96 -7.05 16.15 -4.05
C GLY A 96 -5.78 16.80 -3.51
N ASP A 97 -5.75 17.01 -2.20
CA ASP A 97 -4.61 17.62 -1.55
C ASP A 97 -3.70 16.52 -1.01
N TRP A 98 -4.32 15.54 -0.38
CA TRP A 98 -3.58 14.43 0.20
C TRP A 98 -4.39 13.15 -0.03
N ILE A 99 -3.68 12.06 -0.24
CA ILE A 99 -4.31 10.77 -0.47
C ILE A 99 -4.06 9.85 0.73
N ASP A 100 -4.98 8.94 0.93
CA ASP A 100 -4.87 8.00 2.04
C ASP A 100 -4.33 6.66 1.52
N LEU A 101 -3.43 6.07 2.29
CA LEU A 101 -2.84 4.79 1.91
C LEU A 101 -2.63 3.95 3.17
N VAL A 102 -3.31 2.80 3.20
CA VAL A 102 -3.21 1.90 4.33
C VAL A 102 -2.16 0.83 4.02
N VAL A 103 -1.26 0.65 4.97
CA VAL A 103 -0.21 -0.34 4.82
C VAL A 103 0.20 -0.86 6.20
N ALA A 104 0.60 -2.12 6.22
CA ALA A 104 1.01 -2.75 7.47
C ALA A 104 2.48 -2.45 7.72
N VAL A 105 2.85 -2.42 9.00
CA VAL A 105 4.22 -2.15 9.38
C VAL A 105 5.08 -3.37 9.03
N CYS A 106 6.36 -3.10 8.78
CA CYS A 106 7.30 -4.14 8.44
C CYS A 106 8.65 -3.82 9.11
N PRO A 107 9.11 -4.77 9.97
CA PRO A 107 10.37 -4.60 10.67
C PRO A 107 11.55 -4.82 9.73
N PRO A 108 12.77 -4.51 10.25
CA PRO A 108 13.98 -4.69 9.47
C PRO A 108 14.36 -6.16 9.36
N LYS A 109 14.39 -6.64 8.13
CA LYS A 109 14.74 -8.03 7.88
C LYS A 109 14.59 -8.32 6.39
N GLU A 110 13.46 -7.92 5.85
CA GLU A 110 13.18 -8.13 4.43
C GLU A 110 13.70 -9.50 3.99
N TYR A 111 13.30 -10.52 4.75
CA TYR A 111 13.72 -11.89 4.44
C TYR A 111 12.53 -12.74 4.00
N ASP A 112 12.78 -13.58 3.01
CA ASP A 112 11.75 -14.45 2.49
C ASP A 112 11.58 -15.65 3.42
N ASP A 113 10.35 -16.12 3.52
CA ASP A 113 10.03 -17.26 4.37
C ASP A 113 8.54 -17.56 4.29
N GLU A 114 8.23 -18.73 3.76
CA GLU A 114 6.85 -19.16 3.62
C GLU A 114 6.55 -20.31 4.58
N LEU A 115 7.59 -21.09 4.86
CA LEU A 115 7.44 -22.22 5.76
C LEU A 115 8.69 -22.33 6.64
N THR A 116 9.12 -23.57 6.86
CA THR A 116 10.29 -23.83 7.68
C THR A 116 10.89 -25.18 7.32
N PHE A 117 10.02 -26.18 7.21
CA PHE A 117 10.46 -27.52 6.88
C PHE A 117 11.02 -27.59 5.45
N PHE A 118 10.14 -27.33 4.50
CA PHE A 118 10.53 -27.36 3.10
C PHE A 118 11.22 -26.05 2.70
N GLY A 1 -19.43 1.12 8.71
CA GLY A 1 -20.14 2.13 7.94
C GLY A 1 -19.40 2.45 6.65
N SER A 2 -18.28 3.14 6.80
CA SER A 2 -17.48 3.52 5.65
C SER A 2 -16.19 4.21 6.11
N GLU A 3 -16.38 5.30 6.84
CA GLU A 3 -15.24 6.07 7.35
C GLU A 3 -14.55 5.29 8.47
N GLY A 4 -13.29 4.97 8.24
CA GLY A 4 -12.51 4.23 9.21
C GLY A 4 -11.68 3.13 8.55
N ALA A 5 -10.45 2.99 9.03
CA ALA A 5 -9.56 1.98 8.50
C ALA A 5 -9.79 0.65 9.20
N ALA A 6 -9.56 0.66 10.51
CA ALA A 6 -9.74 -0.54 11.32
C ALA A 6 -11.10 -1.16 10.99
N THR A 7 -12.14 -0.35 11.17
CA THR A 7 -13.49 -0.81 10.90
C THR A 7 -13.52 -1.68 9.65
N MET A 8 -13.03 -1.11 8.55
CA MET A 8 -12.99 -1.84 7.29
C MET A 8 -12.59 -3.30 7.50
N PHE A 9 -11.60 -3.48 8.36
CA PHE A 9 -11.12 -4.81 8.66
C PHE A 9 -11.82 -5.40 9.88
N SER A 10 -11.49 -6.65 10.17
CA SER A 10 -12.09 -7.33 11.31
C SER A 10 -11.24 -7.09 12.56
N PRO A 11 -11.91 -7.25 13.74
CA PRO A 11 -11.24 -7.05 15.01
C PRO A 11 -10.31 -8.24 15.33
N GLU A 12 -10.48 -9.31 14.58
CA GLU A 12 -9.68 -10.50 14.77
C GLU A 12 -8.65 -10.62 13.65
N GLN A 13 -8.47 -9.53 12.92
CA GLN A 13 -7.52 -9.51 11.82
C GLN A 13 -6.40 -8.51 12.11
N ILE A 14 -6.81 -7.29 12.40
CA ILE A 14 -5.86 -6.23 12.69
C ILE A 14 -5.12 -6.55 14.00
N ALA A 15 -5.86 -7.15 14.91
CA ALA A 15 -5.30 -7.52 16.20
C ALA A 15 -3.97 -8.24 15.98
N GLY A 16 -2.94 -7.70 16.62
CA GLY A 16 -1.61 -8.28 16.51
C GLY A 16 -0.86 -7.69 15.31
N LYS A 17 -1.60 -7.46 14.24
CA LYS A 17 -1.01 -6.90 13.03
C LYS A 17 -0.63 -5.44 13.28
N ASP A 18 0.11 -4.88 12.34
CA ASP A 18 0.56 -3.50 12.44
C ASP A 18 0.13 -2.74 11.19
N VAL A 19 -1.05 -2.15 11.26
CA VAL A 19 -1.58 -1.39 10.14
C VAL A 19 -1.64 0.09 10.52
N ARG A 20 -0.96 0.90 9.72
CA ARG A 20 -0.93 2.33 9.96
C ARG A 20 -1.61 3.08 8.81
N LEU A 21 -2.02 4.31 9.10
CA LEU A 21 -2.68 5.14 8.10
C LEU A 21 -1.87 6.41 7.89
N LEU A 22 -1.19 6.46 6.75
CA LEU A 22 -0.37 7.60 6.41
C LEU A 22 -1.12 8.47 5.39
N ARG A 23 -1.14 9.77 5.67
CA ARG A 23 -1.81 10.71 4.78
C ARG A 23 -0.80 11.37 3.85
N ILE A 24 -0.78 10.89 2.61
CA ILE A 24 0.14 11.43 1.61
C ILE A 24 -0.50 12.64 0.95
N LYS A 25 0.35 13.52 0.44
CA LYS A 25 -0.11 14.72 -0.22
C LYS A 25 -0.18 14.48 -1.74
N LYS A 26 -1.21 15.03 -2.35
CA LYS A 26 -1.39 14.89 -3.78
C LYS A 26 -0.66 16.01 -4.51
N GLU A 27 0.66 15.88 -4.55
CA GLU A 27 1.49 16.88 -5.21
C GLU A 27 2.38 16.21 -6.26
N GLY A 28 2.68 16.98 -7.31
CA GLY A 28 3.52 16.48 -8.38
C GLY A 28 2.89 15.26 -9.04
N SER A 29 3.07 14.11 -8.40
CA SER A 29 2.53 12.87 -8.91
C SER A 29 2.90 11.71 -7.98
N LEU A 30 2.16 10.62 -8.12
CA LEU A 30 2.39 9.44 -7.31
C LEU A 30 3.68 8.76 -7.77
N ASP A 31 3.56 8.03 -8.87
CA ASP A 31 4.70 7.32 -9.43
C ASP A 31 5.10 6.18 -8.49
N LEU A 32 4.14 5.28 -8.27
CA LEU A 32 4.38 4.15 -7.39
C LEU A 32 4.07 2.86 -8.15
N ALA A 33 5.04 1.95 -8.11
CA ALA A 33 4.89 0.67 -8.79
C ALA A 33 4.32 -0.36 -7.81
N LEU A 34 3.61 -1.33 -8.37
CA LEU A 34 3.01 -2.38 -7.56
C LEU A 34 3.34 -3.74 -8.17
N GLU A 35 3.29 -4.76 -7.32
CA GLU A 35 3.58 -6.12 -7.77
C GLU A 35 2.86 -7.13 -6.88
N GLY A 36 2.74 -8.35 -7.40
CA GLY A 36 2.08 -9.41 -6.67
C GLY A 36 0.59 -9.49 -7.03
N GLY A 37 -0.24 -9.53 -6.00
CA GLY A 37 -1.67 -9.60 -6.20
C GLY A 37 -2.04 -10.75 -7.14
N VAL A 38 -3.34 -10.97 -7.29
CA VAL A 38 -3.83 -12.02 -8.15
C VAL A 38 -3.09 -13.32 -7.84
N ASP A 39 -3.03 -14.18 -8.84
CA ASP A 39 -2.35 -15.46 -8.68
C ASP A 39 -0.84 -15.22 -8.59
N SER A 40 -0.47 -14.40 -7.61
CA SER A 40 0.94 -14.09 -7.41
C SER A 40 1.53 -14.98 -6.32
N PRO A 41 2.88 -15.09 -6.32
CA PRO A 41 3.57 -15.91 -5.34
C PRO A 41 3.59 -15.23 -3.97
N VAL A 42 3.07 -14.02 -3.95
CA VAL A 42 3.02 -13.25 -2.71
C VAL A 42 1.71 -13.53 -1.99
N GLY A 43 0.65 -13.63 -2.78
CA GLY A 43 -0.67 -13.91 -2.24
C GLY A 43 -1.31 -12.62 -1.71
N LYS A 44 -0.57 -11.53 -1.83
CA LYS A 44 -1.05 -10.23 -1.38
C LYS A 44 -0.43 -9.13 -2.24
N VAL A 45 -0.72 -7.90 -1.86
CA VAL A 45 -0.20 -6.75 -2.58
C VAL A 45 1.03 -6.21 -1.85
N VAL A 46 2.03 -5.87 -2.65
CA VAL A 46 3.27 -5.33 -2.10
C VAL A 46 3.86 -4.30 -3.07
N VAL A 47 4.24 -3.16 -2.51
CA VAL A 47 4.81 -2.09 -3.31
C VAL A 47 6.07 -2.60 -4.01
N SER A 48 6.04 -2.55 -5.33
CA SER A 48 7.18 -3.01 -6.12
C SER A 48 8.34 -2.03 -5.97
N ALA A 49 8.04 -0.75 -6.16
CA ALA A 49 9.04 0.29 -6.05
C ALA A 49 8.35 1.66 -6.00
N VAL A 50 8.98 2.57 -5.29
CA VAL A 50 8.43 3.91 -5.15
C VAL A 50 9.47 4.93 -5.65
N TYR A 51 9.38 5.22 -6.94
CA TYR A 51 10.30 6.17 -7.56
C TYR A 51 10.45 7.41 -6.69
N GLU A 52 11.67 7.60 -6.19
CA GLU A 52 11.97 8.75 -5.35
C GLU A 52 11.41 10.03 -5.98
N GLY A 53 11.27 9.98 -7.29
CA GLY A 53 10.75 11.13 -8.03
C GLY A 53 9.23 11.10 -8.08
N GLY A 54 8.63 10.80 -6.93
CA GLY A 54 7.19 10.74 -6.83
C GLY A 54 6.69 11.45 -5.57
N ALA A 55 5.40 11.29 -5.30
CA ALA A 55 4.80 11.91 -4.13
C ALA A 55 4.89 10.95 -2.95
N ALA A 56 4.94 9.67 -3.26
CA ALA A 56 5.03 8.65 -2.24
C ALA A 56 6.28 8.88 -1.39
N GLU A 57 7.41 9.02 -2.08
CA GLU A 57 8.68 9.24 -1.41
C GLU A 57 8.66 10.59 -0.68
N ARG A 58 8.15 11.60 -1.39
CA ARG A 58 8.06 12.94 -0.82
C ARG A 58 7.48 12.88 0.59
N HIS A 59 6.60 11.91 0.80
CA HIS A 59 5.97 11.74 2.08
C HIS A 59 6.92 11.04 3.05
N GLY A 60 7.32 9.83 2.67
CA GLY A 60 8.24 9.06 3.48
C GLY A 60 7.48 8.15 4.45
N GLY A 61 7.94 6.91 4.54
CA GLY A 61 7.32 5.95 5.43
C GLY A 61 6.92 4.68 4.66
N VAL A 62 6.31 4.90 3.51
CA VAL A 62 5.88 3.78 2.67
C VAL A 62 6.90 3.57 1.55
N VAL A 63 7.47 2.38 1.53
CA VAL A 63 8.47 2.04 0.52
C VAL A 63 8.06 0.72 -0.16
N LYS A 64 9.06 0.07 -0.74
CA LYS A 64 8.83 -1.19 -1.41
C LYS A 64 8.81 -2.33 -0.38
N GLY A 65 8.03 -3.35 -0.68
CA GLY A 65 7.91 -4.50 0.20
C GLY A 65 6.77 -4.30 1.20
N ASP A 66 6.32 -3.06 1.30
CA ASP A 66 5.24 -2.73 2.22
C ASP A 66 4.10 -3.74 2.04
N GLU A 67 3.16 -3.67 2.96
CA GLU A 67 2.02 -4.58 2.93
C GLU A 67 0.73 -3.80 2.69
N ILE A 68 0.55 -3.40 1.43
CA ILE A 68 -0.63 -2.64 1.05
C ILE A 68 -1.87 -3.51 1.28
N MET A 69 -2.88 -2.89 1.87
CA MET A 69 -4.13 -3.58 2.16
C MET A 69 -5.32 -2.76 1.68
N ALA A 70 -5.28 -1.47 1.95
CA ALA A 70 -6.35 -0.58 1.55
C ALA A 70 -5.75 0.71 0.98
N ILE A 71 -6.24 1.09 -0.19
CA ILE A 71 -5.77 2.29 -0.85
C ILE A 71 -6.89 3.34 -0.87
N ASN A 72 -6.72 4.35 -0.04
CA ASN A 72 -7.69 5.42 0.04
C ASN A 72 -8.85 4.98 0.95
N GLY A 73 -9.44 3.84 0.58
CA GLY A 73 -10.55 3.30 1.35
C GLY A 73 -11.21 2.13 0.61
N LYS A 74 -10.37 1.31 -0.01
CA LYS A 74 -10.85 0.17 -0.75
C LYS A 74 -9.93 -1.03 -0.50
N ILE A 75 -10.47 -2.02 0.18
CA ILE A 75 -9.71 -3.22 0.49
C ILE A 75 -9.12 -3.78 -0.79
N VAL A 76 -7.81 -3.98 -0.76
CA VAL A 76 -7.09 -4.51 -1.91
C VAL A 76 -6.32 -5.77 -1.49
N THR A 77 -6.72 -6.31 -0.36
CA THR A 77 -6.07 -7.50 0.16
C THR A 77 -6.20 -8.65 -0.84
N ASP A 78 -7.37 -8.75 -1.44
CA ASP A 78 -7.64 -9.79 -2.41
C ASP A 78 -7.86 -9.16 -3.79
N TYR A 79 -7.08 -8.12 -4.05
CA TYR A 79 -7.17 -7.42 -5.32
C TYR A 79 -6.04 -7.83 -6.26
N THR A 80 -6.28 -7.62 -7.55
CA THR A 80 -5.28 -7.96 -8.56
C THR A 80 -4.46 -6.73 -8.93
N LEU A 81 -3.26 -6.99 -9.45
CA LEU A 81 -2.37 -5.92 -9.85
C LEU A 81 -3.18 -4.81 -10.53
N ALA A 82 -3.80 -5.17 -11.64
CA ALA A 82 -4.61 -4.22 -12.39
C ALA A 82 -5.53 -3.48 -11.43
N GLU A 83 -6.45 -4.23 -10.85
CA GLU A 83 -7.41 -3.66 -9.91
C GLU A 83 -6.71 -2.61 -9.02
N ALA A 84 -5.85 -3.11 -8.15
CA ALA A 84 -5.13 -2.25 -7.24
C ALA A 84 -4.46 -1.13 -8.04
N GLU A 85 -3.51 -1.53 -8.88
CA GLU A 85 -2.78 -0.57 -9.71
C GLU A 85 -3.73 0.54 -10.17
N ALA A 86 -4.85 0.13 -10.75
CA ALA A 86 -5.83 1.08 -11.25
C ALA A 86 -6.44 1.83 -10.06
N ALA A 87 -7.08 1.07 -9.18
CA ALA A 87 -7.71 1.65 -8.01
C ALA A 87 -6.79 2.73 -7.43
N LEU A 88 -5.53 2.36 -7.27
CA LEU A 88 -4.53 3.29 -6.73
C LEU A 88 -4.50 4.55 -7.59
N GLN A 89 -4.29 4.34 -8.88
CA GLN A 89 -4.23 5.45 -9.82
C GLN A 89 -5.52 6.26 -9.77
N LYS A 90 -6.62 5.60 -10.08
CA LYS A 90 -7.92 6.24 -10.07
C LYS A 90 -7.99 7.23 -8.89
N ALA A 91 -7.42 6.80 -7.78
CA ALA A 91 -7.41 7.63 -6.59
C ALA A 91 -6.64 8.92 -6.88
N TRP A 92 -5.35 8.77 -7.09
CA TRP A 92 -4.49 9.92 -7.39
C TRP A 92 -5.09 10.66 -8.58
N ASN A 93 -5.54 9.89 -9.56
CA ASN A 93 -6.14 10.46 -10.75
C ASN A 93 -7.20 11.48 -10.35
N GLN A 94 -8.04 11.07 -9.41
CA GLN A 94 -9.11 11.94 -8.93
C GLN A 94 -8.66 13.41 -8.97
N GLY A 95 -7.58 13.68 -8.25
CA GLY A 95 -7.04 15.02 -8.20
C GLY A 95 -7.48 15.75 -6.93
N GLY A 96 -7.11 15.17 -5.79
CA GLY A 96 -7.46 15.74 -4.51
C GLY A 96 -6.29 16.55 -3.93
N ASP A 97 -6.37 16.77 -2.63
CA ASP A 97 -5.33 17.52 -1.94
C ASP A 97 -4.36 16.54 -1.27
N TRP A 98 -4.93 15.55 -0.61
CA TRP A 98 -4.13 14.55 0.07
C TRP A 98 -4.76 13.18 -0.20
N ILE A 99 -4.00 12.14 0.12
CA ILE A 99 -4.47 10.78 -0.08
C ILE A 99 -4.12 9.94 1.15
N ASP A 100 -4.75 8.77 1.23
CA ASP A 100 -4.50 7.86 2.34
C ASP A 100 -4.13 6.49 1.80
N LEU A 101 -3.14 5.87 2.45
CA LEU A 101 -2.67 4.56 2.04
C LEU A 101 -2.61 3.65 3.26
N VAL A 102 -3.47 2.65 3.27
CA VAL A 102 -3.51 1.71 4.38
C VAL A 102 -2.58 0.53 4.07
N VAL A 103 -1.43 0.54 4.72
CA VAL A 103 -0.44 -0.50 4.53
C VAL A 103 0.20 -0.84 5.88
N ALA A 104 0.44 -2.14 6.07
CA ALA A 104 1.05 -2.60 7.31
C ALA A 104 2.55 -2.34 7.26
N VAL A 105 3.11 -2.14 8.44
CA VAL A 105 4.54 -1.87 8.55
C VAL A 105 5.32 -3.16 8.27
N CYS A 106 6.44 -3.00 7.59
CA CYS A 106 7.28 -4.13 7.26
C CYS A 106 8.56 -3.61 6.60
N PRO A 107 9.72 -4.03 7.17
CA PRO A 107 11.00 -3.61 6.64
C PRO A 107 11.34 -4.35 5.35
N PRO A 108 12.30 -3.76 4.58
CA PRO A 108 12.71 -4.35 3.32
C PRO A 108 13.60 -5.57 3.55
N LYS A 109 13.86 -6.29 2.48
CA LYS A 109 14.69 -7.48 2.55
C LYS A 109 14.75 -8.14 1.17
N GLU A 110 13.58 -8.28 0.57
CA GLU A 110 13.49 -8.90 -0.75
C GLU A 110 13.85 -10.37 -0.67
N TYR A 111 12.86 -11.21 -0.96
CA TYR A 111 13.06 -12.65 -0.92
C TYR A 111 12.22 -13.34 -1.98
N ASP A 112 12.89 -14.15 -2.80
CA ASP A 112 12.21 -14.88 -3.85
C ASP A 112 13.20 -15.81 -4.54
N ASP A 113 12.66 -16.73 -5.33
CA ASP A 113 13.48 -17.69 -6.05
C ASP A 113 12.94 -17.86 -7.47
N GLU A 114 13.85 -18.04 -8.41
CA GLU A 114 13.49 -18.21 -9.80
C GLU A 114 14.71 -18.63 -10.62
N LEU A 115 14.95 -19.92 -10.67
CA LEU A 115 16.07 -20.46 -11.41
C LEU A 115 15.58 -21.55 -12.37
N THR A 116 16.29 -22.65 -12.38
CA THR A 116 15.94 -23.77 -13.24
C THR A 116 15.44 -23.27 -14.59
N PHE A 117 16.34 -22.64 -15.33
CA PHE A 117 16.00 -22.10 -16.64
C PHE A 117 17.25 -21.86 -17.48
N PHE A 118 18.25 -21.28 -16.83
CA PHE A 118 19.51 -20.98 -17.51
C PHE A 118 20.65 -21.82 -16.92
N GLY A 1 -2.81 11.77 12.67
CA GLY A 1 -2.14 11.12 13.78
C GLY A 1 -2.00 9.62 13.54
N SER A 2 -0.88 9.08 13.97
CA SER A 2 -0.61 7.66 13.81
C SER A 2 -1.64 6.85 14.61
N GLU A 3 -2.02 5.73 14.03
CA GLU A 3 -2.99 4.85 14.66
C GLU A 3 -3.27 3.63 13.78
N GLY A 4 -3.75 3.91 12.57
CA GLY A 4 -4.05 2.85 11.63
C GLY A 4 -5.57 2.70 11.46
N ALA A 5 -5.95 2.31 10.25
CA ALA A 5 -7.36 2.12 9.94
C ALA A 5 -7.73 0.64 10.09
N ALA A 6 -8.75 0.39 10.89
CA ALA A 6 -9.20 -0.97 11.12
C ALA A 6 -10.68 -1.09 10.75
N THR A 7 -11.40 -1.82 11.57
CA THR A 7 -12.82 -2.02 11.34
C THR A 7 -13.05 -2.88 10.09
N MET A 8 -12.57 -2.37 8.97
CA MET A 8 -12.71 -3.07 7.70
C MET A 8 -12.12 -4.48 7.79
N PHE A 9 -10.98 -4.56 8.46
CA PHE A 9 -10.31 -5.85 8.62
C PHE A 9 -10.83 -6.58 9.86
N SER A 10 -10.72 -7.91 9.82
CA SER A 10 -11.18 -8.73 10.93
C SER A 10 -10.28 -8.51 12.15
N PRO A 11 -10.83 -8.86 13.33
CA PRO A 11 -10.09 -8.70 14.58
C PRO A 11 -9.02 -9.78 14.72
N GLU A 12 -9.15 -10.80 13.89
CA GLU A 12 -8.21 -11.91 13.91
C GLU A 12 -7.26 -11.83 12.71
N GLN A 13 -7.31 -10.69 12.03
CA GLN A 13 -6.48 -10.46 10.87
C GLN A 13 -5.43 -9.39 11.15
N ILE A 14 -5.89 -8.34 11.84
CA ILE A 14 -5.01 -7.24 12.19
C ILE A 14 -4.20 -7.61 13.44
N ALA A 15 -4.84 -8.39 14.30
CA ALA A 15 -4.19 -8.82 15.53
C ALA A 15 -2.76 -9.24 15.23
N GLY A 16 -1.83 -8.54 15.86
CA GLY A 16 -0.42 -8.83 15.67
C GLY A 16 0.17 -7.95 14.57
N LYS A 17 -0.55 -7.87 13.46
CA LYS A 17 -0.11 -7.08 12.33
C LYS A 17 -0.02 -5.61 12.75
N ASP A 18 0.92 -4.91 12.12
CA ASP A 18 1.11 -3.50 12.42
C ASP A 18 0.53 -2.67 11.28
N VAL A 19 -0.77 -2.40 11.39
CA VAL A 19 -1.46 -1.62 10.38
C VAL A 19 -1.37 -0.13 10.75
N ARG A 20 -0.72 0.61 9.86
CA ARG A 20 -0.55 2.04 10.08
C ARG A 20 -1.12 2.83 8.89
N LEU A 21 -1.87 3.88 9.23
CA LEU A 21 -2.47 4.72 8.21
C LEU A 21 -1.57 5.92 7.94
N LEU A 22 -1.36 6.19 6.66
CA LEU A 22 -0.52 7.32 6.26
C LEU A 22 -1.27 8.14 5.20
N ARG A 23 -1.10 9.46 5.31
CA ARG A 23 -1.74 10.37 4.38
C ARG A 23 -0.68 11.08 3.53
N ILE A 24 -0.79 10.89 2.22
CA ILE A 24 0.13 11.51 1.29
C ILE A 24 -0.54 12.70 0.62
N LYS A 25 0.28 13.66 0.22
CA LYS A 25 -0.23 14.85 -0.44
C LYS A 25 -0.19 14.65 -1.95
N LYS A 26 -1.19 15.19 -2.62
CA LYS A 26 -1.28 15.09 -4.07
C LYS A 26 -0.54 16.25 -4.71
N GLU A 27 0.78 16.12 -4.77
CA GLU A 27 1.61 17.15 -5.36
C GLU A 27 2.59 16.54 -6.36
N GLY A 28 2.56 17.06 -7.57
CA GLY A 28 3.43 16.58 -8.62
C GLY A 28 2.82 15.36 -9.33
N SER A 29 2.93 14.22 -8.67
CA SER A 29 2.40 12.98 -9.21
C SER A 29 2.67 11.83 -8.25
N LEU A 30 2.11 10.67 -8.57
CA LEU A 30 2.27 9.49 -7.75
C LEU A 30 3.53 8.75 -8.19
N ASP A 31 3.41 8.03 -9.29
CA ASP A 31 4.52 7.27 -9.83
C ASP A 31 4.92 6.19 -8.82
N LEU A 32 3.95 5.37 -8.46
CA LEU A 32 4.19 4.30 -7.51
C LEU A 32 3.94 2.96 -8.20
N ALA A 33 4.89 2.06 -8.04
CA ALA A 33 4.79 0.73 -8.63
C ALA A 33 4.21 -0.23 -7.61
N LEU A 34 3.42 -1.18 -8.11
CA LEU A 34 2.79 -2.17 -7.25
C LEU A 34 3.06 -3.56 -7.81
N GLU A 35 2.93 -4.56 -6.94
CA GLU A 35 3.15 -5.94 -7.33
C GLU A 35 2.38 -6.88 -6.41
N GLY A 36 2.08 -8.07 -6.93
CA GLY A 36 1.36 -9.07 -6.18
C GLY A 36 -0.09 -9.17 -6.65
N GLY A 37 -0.99 -9.25 -5.68
CA GLY A 37 -2.41 -9.34 -5.99
C GLY A 37 -2.70 -10.59 -6.82
N VAL A 38 -3.96 -10.71 -7.23
CA VAL A 38 -4.38 -11.84 -8.04
C VAL A 38 -3.73 -13.12 -7.49
N ASP A 39 -3.63 -14.12 -8.37
CA ASP A 39 -3.04 -15.39 -7.98
C ASP A 39 -1.54 -15.21 -7.79
N SER A 40 -1.19 -14.30 -6.89
CA SER A 40 0.21 -14.02 -6.60
C SER A 40 0.66 -14.83 -5.39
N PRO A 41 2.01 -14.99 -5.28
CA PRO A 41 2.59 -15.74 -4.17
C PRO A 41 2.54 -14.93 -2.88
N VAL A 42 2.08 -13.69 -3.00
CA VAL A 42 1.98 -12.82 -1.85
C VAL A 42 0.60 -12.98 -1.20
N GLY A 43 -0.40 -13.12 -2.06
CA GLY A 43 -1.77 -13.29 -1.59
C GLY A 43 -2.38 -11.95 -1.16
N LYS A 44 -1.62 -10.89 -1.39
CA LYS A 44 -2.06 -9.56 -1.04
C LYS A 44 -1.34 -8.53 -1.92
N VAL A 45 -1.78 -7.29 -1.80
CA VAL A 45 -1.18 -6.21 -2.58
C VAL A 45 -0.10 -5.53 -1.73
N VAL A 46 0.97 -5.14 -2.42
CA VAL A 46 2.09 -4.48 -1.76
C VAL A 46 2.70 -3.44 -2.71
N VAL A 47 3.87 -2.97 -2.33
CA VAL A 47 4.58 -1.99 -3.13
C VAL A 47 5.76 -2.66 -3.83
N SER A 48 5.91 -2.33 -5.11
CA SER A 48 6.99 -2.90 -5.90
C SER A 48 8.19 -1.95 -5.90
N ALA A 49 7.90 -0.67 -6.11
CA ALA A 49 8.93 0.34 -6.14
C ALA A 49 8.29 1.72 -6.07
N VAL A 50 9.02 2.65 -5.47
CA VAL A 50 8.53 4.01 -5.34
C VAL A 50 9.51 4.97 -6.01
N TYR A 51 9.27 5.23 -7.28
CA TYR A 51 10.11 6.12 -8.05
C TYR A 51 10.36 7.43 -7.30
N GLU A 52 11.62 7.66 -6.95
CA GLU A 52 11.99 8.86 -6.24
C GLU A 52 11.26 10.07 -6.81
N GLY A 53 10.99 10.00 -8.10
CA GLY A 53 10.29 11.08 -8.78
C GLY A 53 8.77 10.90 -8.70
N GLY A 54 8.30 10.77 -7.46
CA GLY A 54 6.88 10.59 -7.23
C GLY A 54 6.45 11.23 -5.91
N ALA A 55 5.25 10.87 -5.47
CA ALA A 55 4.72 11.41 -4.22
C ALA A 55 5.13 10.49 -3.07
N ALA A 56 4.90 9.19 -3.27
CA ALA A 56 5.23 8.21 -2.25
C ALA A 56 6.60 8.56 -1.65
N GLU A 57 7.53 8.86 -2.52
CA GLU A 57 8.88 9.21 -2.08
C GLU A 57 8.82 10.33 -1.04
N ARG A 58 8.21 11.44 -1.43
CA ARG A 58 8.08 12.58 -0.54
C ARG A 58 7.69 12.12 0.87
N HIS A 59 6.78 11.17 0.91
CA HIS A 59 6.31 10.63 2.18
C HIS A 59 7.48 9.98 2.92
N GLY A 60 7.99 8.90 2.33
CA GLY A 60 9.10 8.19 2.92
C GLY A 60 8.62 6.98 3.73
N GLY A 61 7.69 7.26 4.64
CA GLY A 61 7.13 6.21 5.49
C GLY A 61 6.81 4.96 4.66
N VAL A 62 6.14 5.18 3.55
CA VAL A 62 5.76 4.10 2.66
C VAL A 62 6.88 3.84 1.66
N VAL A 63 7.29 2.59 1.58
CA VAL A 63 8.35 2.20 0.66
C VAL A 63 7.96 0.91 -0.05
N LYS A 64 8.93 0.32 -0.72
CA LYS A 64 8.70 -0.92 -1.46
C LYS A 64 8.62 -2.08 -0.47
N GLY A 65 7.90 -3.11 -0.88
CA GLY A 65 7.73 -4.28 -0.04
C GLY A 65 6.94 -3.95 1.22
N ASP A 66 5.92 -3.11 1.06
CA ASP A 66 5.09 -2.70 2.17
C ASP A 66 3.95 -3.70 2.34
N GLU A 67 3.20 -3.52 3.43
CA GLU A 67 2.09 -4.39 3.71
C GLU A 67 0.77 -3.72 3.32
N ILE A 68 0.67 -3.38 2.05
CA ILE A 68 -0.52 -2.73 1.53
C ILE A 68 -1.71 -3.66 1.70
N MET A 69 -2.85 -3.06 2.02
CA MET A 69 -4.07 -3.84 2.20
C MET A 69 -5.28 -3.08 1.66
N ALA A 70 -5.34 -1.80 1.99
CA ALA A 70 -6.44 -0.95 1.55
C ALA A 70 -5.87 0.34 0.96
N ILE A 71 -6.56 0.83 -0.07
CA ILE A 71 -6.14 2.06 -0.72
C ILE A 71 -7.24 3.11 -0.59
N ASN A 72 -6.98 4.10 0.27
CA ASN A 72 -7.94 5.16 0.49
C ASN A 72 -9.17 4.59 1.20
N GLY A 73 -8.98 3.42 1.79
CA GLY A 73 -10.08 2.76 2.50
C GLY A 73 -10.49 1.47 1.77
N LYS A 74 -10.58 1.58 0.46
CA LYS A 74 -10.97 0.44 -0.36
C LYS A 74 -10.06 -0.76 -0.02
N ILE A 75 -10.69 -1.89 0.22
CA ILE A 75 -9.96 -3.10 0.55
C ILE A 75 -9.32 -3.66 -0.72
N VAL A 76 -8.02 -3.88 -0.65
CA VAL A 76 -7.28 -4.42 -1.78
C VAL A 76 -6.55 -5.69 -1.35
N THR A 77 -6.97 -6.22 -0.22
CA THR A 77 -6.38 -7.44 0.31
C THR A 77 -6.55 -8.59 -0.68
N ASP A 78 -7.54 -8.44 -1.54
CA ASP A 78 -7.82 -9.46 -2.54
C ASP A 78 -7.97 -8.80 -3.91
N TYR A 79 -7.25 -7.69 -4.09
CA TYR A 79 -7.30 -6.96 -5.34
C TYR A 79 -6.16 -7.39 -6.27
N THR A 80 -6.45 -7.32 -7.57
CA THR A 80 -5.46 -7.70 -8.57
C THR A 80 -4.61 -6.49 -8.95
N LEU A 81 -3.42 -6.78 -9.46
CA LEU A 81 -2.50 -5.73 -9.88
C LEU A 81 -3.29 -4.61 -10.56
N ALA A 82 -3.88 -4.97 -11.70
CA ALA A 82 -4.66 -4.01 -12.46
C ALA A 82 -5.61 -3.27 -11.52
N GLU A 83 -6.47 -4.04 -10.86
CA GLU A 83 -7.44 -3.47 -9.94
C GLU A 83 -6.77 -2.41 -9.06
N ALA A 84 -5.89 -2.89 -8.18
CA ALA A 84 -5.18 -2.00 -7.28
C ALA A 84 -4.50 -0.90 -8.09
N GLU A 85 -3.54 -1.30 -8.91
CA GLU A 85 -2.82 -0.37 -9.73
C GLU A 85 -3.74 0.74 -10.24
N ALA A 86 -4.87 0.31 -10.79
CA ALA A 86 -5.85 1.25 -11.31
C ALA A 86 -6.48 2.02 -10.15
N ALA A 87 -6.97 1.26 -9.18
CA ALA A 87 -7.59 1.86 -8.01
C ALA A 87 -6.73 3.02 -7.51
N LEU A 88 -5.56 2.67 -6.99
CA LEU A 88 -4.64 3.67 -6.48
C LEU A 88 -4.59 4.85 -7.44
N GLN A 89 -4.13 4.57 -8.65
CA GLN A 89 -4.03 5.59 -9.68
C GLN A 89 -5.32 6.40 -9.75
N LYS A 90 -6.38 5.73 -10.17
CA LYS A 90 -7.68 6.37 -10.29
C LYS A 90 -7.86 7.37 -9.14
N ALA A 91 -7.44 6.95 -7.96
CA ALA A 91 -7.54 7.79 -6.77
C ALA A 91 -6.74 9.08 -7.01
N TRP A 92 -5.46 8.90 -7.29
CA TRP A 92 -4.58 10.04 -7.53
C TRP A 92 -5.12 10.80 -8.74
N ASN A 93 -5.49 10.05 -9.76
CA ASN A 93 -6.03 10.65 -10.97
C ASN A 93 -7.09 11.68 -10.60
N GLN A 94 -7.94 11.30 -9.67
CA GLN A 94 -9.01 12.18 -9.22
C GLN A 94 -8.51 13.63 -9.19
N GLY A 95 -7.39 13.82 -8.53
CA GLY A 95 -6.80 15.14 -8.42
C GLY A 95 -7.05 15.74 -7.02
N GLY A 96 -7.29 14.85 -6.07
CA GLY A 96 -7.54 15.28 -4.70
C GLY A 96 -6.35 16.06 -4.15
N ASP A 97 -6.46 16.40 -2.87
CA ASP A 97 -5.41 17.16 -2.21
C ASP A 97 -4.39 16.18 -1.60
N TRP A 98 -4.92 15.14 -0.98
CA TRP A 98 -4.07 14.14 -0.35
C TRP A 98 -4.72 12.77 -0.57
N ILE A 99 -3.96 11.73 -0.28
CA ILE A 99 -4.45 10.37 -0.43
C ILE A 99 -4.01 9.53 0.77
N ASP A 100 -4.90 8.64 1.18
CA ASP A 100 -4.62 7.78 2.31
C ASP A 100 -4.33 6.36 1.81
N LEU A 101 -3.22 5.81 2.29
CA LEU A 101 -2.83 4.47 1.90
C LEU A 101 -2.74 3.58 3.15
N VAL A 102 -3.63 2.61 3.20
CA VAL A 102 -3.67 1.69 4.33
C VAL A 102 -2.62 0.60 4.12
N VAL A 103 -1.54 0.71 4.88
CA VAL A 103 -0.46 -0.26 4.79
C VAL A 103 0.16 -0.45 6.17
N ALA A 104 0.48 -1.70 6.48
CA ALA A 104 1.08 -2.04 7.76
C ALA A 104 2.60 -1.82 7.68
N VAL A 105 3.16 -1.44 8.82
CA VAL A 105 4.59 -1.21 8.90
C VAL A 105 5.33 -2.54 8.96
N CYS A 106 6.53 -2.56 8.39
CA CYS A 106 7.34 -3.76 8.38
C CYS A 106 8.75 -3.39 8.82
N PRO A 107 9.29 -4.20 9.78
CA PRO A 107 10.63 -3.95 10.29
C PRO A 107 11.68 -4.40 9.28
N PRO A 108 12.89 -3.77 9.41
CA PRO A 108 13.99 -4.10 8.51
C PRO A 108 14.61 -5.45 8.87
N LYS A 109 14.38 -6.42 7.99
CA LYS A 109 14.92 -7.76 8.21
C LYS A 109 15.47 -8.30 6.89
N GLU A 110 14.63 -8.25 5.87
CA GLU A 110 15.02 -8.72 4.55
C GLU A 110 15.18 -10.25 4.56
N TYR A 111 14.25 -10.90 3.89
CA TYR A 111 14.27 -12.36 3.81
C TYR A 111 14.37 -12.83 2.35
N ASP A 112 14.35 -14.15 2.20
CA ASP A 112 14.43 -14.74 0.87
C ASP A 112 13.04 -15.21 0.44
N ASP A 113 12.44 -16.03 1.29
CA ASP A 113 11.12 -16.56 1.01
C ASP A 113 11.16 -17.40 -0.26
N GLU A 114 10.77 -18.66 -0.11
CA GLU A 114 10.77 -19.58 -1.24
C GLU A 114 9.34 -19.93 -1.63
N LEU A 115 8.52 -20.16 -0.61
CA LEU A 115 7.13 -20.50 -0.85
C LEU A 115 6.24 -19.63 0.05
N THR A 116 5.83 -20.22 1.17
CA THR A 116 4.99 -19.53 2.13
C THR A 116 4.75 -20.40 3.36
N PHE A 117 4.78 -19.75 4.52
CA PHE A 117 4.56 -20.45 5.77
C PHE A 117 3.14 -21.00 5.86
N PHE A 118 2.93 -22.10 5.14
CA PHE A 118 1.62 -22.74 5.13
C PHE A 118 1.73 -24.20 5.54
N GLY A 1 -13.04 12.08 9.35
CA GLY A 1 -11.81 12.26 10.10
C GLY A 1 -11.26 10.91 10.59
N SER A 2 -10.93 10.87 11.87
CA SER A 2 -10.40 9.66 12.47
C SER A 2 -9.14 9.23 11.74
N GLU A 3 -8.02 9.84 12.14
CA GLU A 3 -6.74 9.52 11.53
C GLU A 3 -6.27 8.14 11.97
N GLY A 4 -6.74 7.13 11.25
CA GLY A 4 -6.37 5.75 11.56
C GLY A 4 -7.45 4.78 11.08
N ALA A 5 -7.36 4.41 9.81
CA ALA A 5 -8.31 3.50 9.23
C ALA A 5 -8.19 2.14 9.92
N ALA A 6 -9.34 1.55 10.23
CA ALA A 6 -9.38 0.26 10.89
C ALA A 6 -10.83 -0.11 11.19
N THR A 7 -11.65 -0.06 10.15
CA THR A 7 -13.06 -0.39 10.30
C THR A 7 -13.47 -1.43 9.25
N MET A 8 -13.09 -1.16 8.01
CA MET A 8 -13.42 -2.05 6.92
C MET A 8 -13.04 -3.49 7.26
N PHE A 9 -11.80 -3.67 7.69
CA PHE A 9 -11.32 -4.99 8.05
C PHE A 9 -12.07 -5.54 9.27
N SER A 10 -11.89 -6.83 9.50
CA SER A 10 -12.54 -7.49 10.62
C SER A 10 -11.78 -7.21 11.92
N PRO A 11 -12.49 -7.42 13.06
CA PRO A 11 -11.90 -7.19 14.36
C PRO A 11 -10.92 -8.31 14.71
N GLU A 12 -11.08 -9.44 14.03
CA GLU A 12 -10.22 -10.59 14.26
C GLU A 12 -9.14 -10.67 13.19
N GLN A 13 -8.94 -9.55 12.50
CA GLN A 13 -7.94 -9.49 11.46
C GLN A 13 -6.86 -8.46 11.81
N ILE A 14 -7.31 -7.25 12.10
CA ILE A 14 -6.40 -6.18 12.45
C ILE A 14 -5.72 -6.51 13.78
N ALA A 15 -6.52 -7.05 14.69
CA ALA A 15 -6.01 -7.41 16.00
C ALA A 15 -4.71 -8.21 15.84
N GLY A 16 -3.67 -7.72 16.50
CA GLY A 16 -2.38 -8.38 16.43
C GLY A 16 -1.47 -7.70 15.41
N LYS A 17 -2.03 -7.47 14.23
CA LYS A 17 -1.28 -6.83 13.16
C LYS A 17 -0.97 -5.39 13.55
N ASP A 18 -0.30 -4.69 12.65
CA ASP A 18 0.07 -3.30 12.89
C ASP A 18 -0.26 -2.48 11.64
N VAL A 19 -1.51 -2.03 11.58
CA VAL A 19 -1.95 -1.23 10.45
C VAL A 19 -1.69 0.25 10.75
N ARG A 20 -1.25 0.96 9.71
CA ARG A 20 -0.96 2.38 9.85
C ARG A 20 -1.49 3.15 8.63
N LEU A 21 -2.17 4.24 8.92
CA LEU A 21 -2.74 5.07 7.86
C LEU A 21 -1.79 6.25 7.59
N LEU A 22 -1.36 6.34 6.34
CA LEU A 22 -0.46 7.40 5.94
C LEU A 22 -1.19 8.37 5.00
N ARG A 23 -0.79 9.63 5.05
CA ARG A 23 -1.41 10.64 4.22
C ARG A 23 -0.37 11.22 3.24
N ILE A 24 -0.53 10.88 1.97
CA ILE A 24 0.38 11.35 0.94
C ILE A 24 -0.28 12.51 0.19
N LYS A 25 0.53 13.53 -0.07
CA LYS A 25 0.05 14.70 -0.78
C LYS A 25 -0.15 14.35 -2.26
N LYS A 26 -1.19 14.92 -2.84
CA LYS A 26 -1.51 14.68 -4.24
C LYS A 26 -0.81 15.74 -5.10
N GLU A 27 0.48 15.53 -5.32
CA GLU A 27 1.26 16.46 -6.11
C GLU A 27 2.16 15.69 -7.09
N GLY A 28 2.21 16.19 -8.32
CA GLY A 28 3.03 15.57 -9.35
C GLY A 28 2.70 14.08 -9.47
N SER A 29 1.48 13.81 -9.91
CA SER A 29 1.04 12.43 -10.08
C SER A 29 1.45 11.60 -8.86
N LEU A 30 1.33 10.28 -9.02
CA LEU A 30 1.68 9.37 -7.95
C LEU A 30 3.02 8.70 -8.27
N ASP A 31 3.02 7.95 -9.35
CA ASP A 31 4.22 7.25 -9.78
C ASP A 31 4.67 6.29 -8.68
N LEU A 32 4.02 5.13 -8.65
CA LEU A 32 4.34 4.12 -7.66
C LEU A 32 4.26 2.73 -8.30
N ALA A 33 5.27 1.92 -8.01
CA ALA A 33 5.32 0.58 -8.56
C ALA A 33 4.74 -0.40 -7.54
N LEU A 34 3.86 -1.26 -8.04
CA LEU A 34 3.21 -2.26 -7.18
C LEU A 34 3.54 -3.66 -7.71
N GLU A 35 3.45 -4.63 -6.81
CA GLU A 35 3.72 -6.00 -7.17
C GLU A 35 3.02 -6.95 -6.20
N GLY A 36 2.55 -8.07 -6.75
CA GLY A 36 1.86 -9.06 -5.94
C GLY A 36 0.40 -9.18 -6.34
N GLY A 37 -0.42 -9.66 -5.41
CA GLY A 37 -1.83 -9.83 -5.66
C GLY A 37 -2.09 -10.97 -6.65
N VAL A 38 -3.33 -11.04 -7.11
CA VAL A 38 -3.71 -12.07 -8.07
C VAL A 38 -2.93 -13.35 -7.77
N ASP A 39 -2.62 -14.08 -8.82
CA ASP A 39 -1.87 -15.32 -8.69
C ASP A 39 -0.39 -15.00 -8.54
N SER A 40 -0.10 -14.10 -7.62
CA SER A 40 1.28 -13.69 -7.37
C SER A 40 1.91 -14.63 -6.33
N PRO A 41 3.27 -14.64 -6.33
CA PRO A 41 4.01 -15.47 -5.39
C PRO A 41 3.97 -14.88 -3.98
N VAL A 42 3.21 -13.81 -3.84
CA VAL A 42 3.07 -13.14 -2.56
C VAL A 42 1.68 -13.40 -1.99
N GLY A 43 0.68 -13.18 -2.84
CA GLY A 43 -0.70 -13.39 -2.43
C GLY A 43 -1.32 -12.09 -1.90
N LYS A 44 -0.51 -11.03 -1.95
CA LYS A 44 -0.98 -9.74 -1.48
C LYS A 44 -0.33 -8.64 -2.33
N VAL A 45 -0.70 -7.40 -2.04
CA VAL A 45 -0.18 -6.26 -2.77
C VAL A 45 0.94 -5.62 -1.95
N VAL A 46 2.12 -5.55 -2.57
CA VAL A 46 3.27 -4.97 -1.91
C VAL A 46 3.96 -4.00 -2.88
N VAL A 47 4.32 -2.84 -2.35
CA VAL A 47 4.98 -1.82 -3.15
C VAL A 47 6.26 -2.40 -3.74
N SER A 48 6.41 -2.23 -5.05
CA SER A 48 7.57 -2.73 -5.75
C SER A 48 8.72 -1.74 -5.62
N ALA A 49 8.39 -0.47 -5.82
CA ALA A 49 9.38 0.59 -5.73
C ALA A 49 8.67 1.95 -5.65
N VAL A 50 9.29 2.86 -4.94
CA VAL A 50 8.74 4.20 -4.78
C VAL A 50 9.53 5.19 -5.64
N TYR A 51 9.09 5.34 -6.87
CA TYR A 51 9.74 6.25 -7.80
C TYR A 51 10.02 7.60 -7.14
N GLU A 52 11.30 7.84 -6.88
CA GLU A 52 11.71 9.08 -6.24
C GLU A 52 11.12 10.28 -6.99
N GLY A 53 10.81 10.05 -8.26
CA GLY A 53 10.23 11.10 -9.09
C GLY A 53 8.70 11.04 -9.06
N GLY A 54 8.18 10.91 -7.85
CA GLY A 54 6.73 10.84 -7.66
C GLY A 54 6.32 11.52 -6.35
N ALA A 55 5.09 11.25 -5.95
CA ALA A 55 4.56 11.81 -4.72
C ALA A 55 4.84 10.84 -3.55
N ALA A 56 4.81 9.57 -3.88
CA ALA A 56 5.06 8.54 -2.88
C ALA A 56 6.35 8.88 -2.12
N GLU A 57 7.43 8.98 -2.88
CA GLU A 57 8.72 9.30 -2.29
C GLU A 57 8.67 10.63 -1.55
N ARG A 58 8.05 11.61 -2.20
CA ARG A 58 7.92 12.93 -1.61
C ARG A 58 7.45 12.83 -0.17
N HIS A 59 6.33 12.14 0.01
CA HIS A 59 5.76 11.95 1.34
C HIS A 59 6.86 11.49 2.30
N GLY A 60 7.37 10.30 2.05
CA GLY A 60 8.41 9.73 2.89
C GLY A 60 7.82 9.08 4.13
N GLY A 61 8.25 7.85 4.38
CA GLY A 61 7.77 7.11 5.52
C GLY A 61 8.08 5.61 5.38
N VAL A 62 7.45 5.02 4.39
CA VAL A 62 7.64 3.59 4.13
C VAL A 62 8.15 3.41 2.69
N VAL A 63 9.03 2.43 2.53
CA VAL A 63 9.59 2.14 1.22
C VAL A 63 8.86 0.94 0.62
N LYS A 64 9.43 0.42 -0.47
CA LYS A 64 8.84 -0.72 -1.15
C LYS A 64 8.83 -1.92 -0.20
N GLY A 65 7.98 -2.88 -0.53
CA GLY A 65 7.85 -4.08 0.28
C GLY A 65 6.68 -3.96 1.26
N ASP A 66 6.26 -2.72 1.48
CA ASP A 66 5.15 -2.45 2.39
C ASP A 66 4.05 -3.50 2.18
N GLU A 67 3.19 -3.61 3.17
CA GLU A 67 2.09 -4.57 3.10
C GLU A 67 0.78 -3.85 2.80
N ILE A 68 0.60 -3.54 1.53
CA ILE A 68 -0.61 -2.85 1.10
C ILE A 68 -1.82 -3.75 1.35
N MET A 69 -2.92 -3.11 1.74
CA MET A 69 -4.14 -3.83 2.03
C MET A 69 -5.37 -3.03 1.58
N ALA A 70 -5.41 -1.78 2.01
CA ALA A 70 -6.52 -0.90 1.66
C ALA A 70 -5.95 0.40 1.08
N ILE A 71 -6.56 0.82 -0.03
CA ILE A 71 -6.14 2.04 -0.68
C ILE A 71 -7.17 3.14 -0.43
N ASN A 72 -6.79 4.09 0.41
CA ASN A 72 -7.68 5.20 0.74
C ASN A 72 -8.76 4.70 1.71
N GLY A 73 -9.42 3.63 1.31
CA GLY A 73 -10.48 3.05 2.13
C GLY A 73 -10.90 1.68 1.60
N LYS A 74 -10.96 1.60 0.28
CA LYS A 74 -11.35 0.35 -0.37
C LYS A 74 -10.38 -0.76 0.05
N ILE A 75 -10.89 -1.99 0.02
CA ILE A 75 -10.09 -3.13 0.39
C ILE A 75 -9.40 -3.70 -0.85
N VAL A 76 -8.09 -3.82 -0.76
CA VAL A 76 -7.31 -4.35 -1.88
C VAL A 76 -6.50 -5.55 -1.40
N THR A 77 -6.90 -6.08 -0.24
CA THR A 77 -6.22 -7.23 0.32
C THR A 77 -6.20 -8.38 -0.68
N ASP A 78 -7.29 -8.52 -1.40
CA ASP A 78 -7.41 -9.58 -2.39
C ASP A 78 -7.60 -8.96 -3.77
N TYR A 79 -6.93 -7.84 -3.98
CA TYR A 79 -7.02 -7.14 -5.26
C TYR A 79 -5.87 -7.53 -6.18
N THR A 80 -6.11 -7.38 -7.48
CA THR A 80 -5.10 -7.71 -8.47
C THR A 80 -4.26 -6.48 -8.81
N LEU A 81 -3.05 -6.73 -9.28
CA LEU A 81 -2.15 -5.66 -9.65
C LEU A 81 -2.94 -4.55 -10.34
N ALA A 82 -3.49 -4.89 -11.49
CA ALA A 82 -4.27 -3.94 -12.26
C ALA A 82 -5.26 -3.23 -11.34
N GLU A 83 -6.16 -4.02 -10.78
CA GLU A 83 -7.18 -3.49 -9.87
C GLU A 83 -6.56 -2.43 -8.96
N ALA A 84 -5.69 -2.90 -8.06
CA ALA A 84 -5.04 -2.01 -7.13
C ALA A 84 -4.35 -0.87 -7.91
N GLU A 85 -3.36 -1.26 -8.70
CA GLU A 85 -2.62 -0.30 -9.50
C GLU A 85 -3.56 0.80 -10.01
N ALA A 86 -4.55 0.37 -10.77
CA ALA A 86 -5.53 1.29 -11.34
C ALA A 86 -6.26 2.01 -10.21
N ALA A 87 -6.92 1.22 -9.38
CA ALA A 87 -7.67 1.76 -8.25
C ALA A 87 -6.86 2.90 -7.62
N LEU A 88 -5.66 2.56 -7.19
CA LEU A 88 -4.79 3.55 -6.56
C LEU A 88 -4.74 4.80 -7.43
N GLN A 89 -4.37 4.60 -8.68
CA GLN A 89 -4.28 5.71 -9.62
C GLN A 89 -5.55 6.56 -9.56
N LYS A 90 -6.67 5.92 -9.88
CA LYS A 90 -7.95 6.61 -9.86
C LYS A 90 -8.01 7.54 -8.66
N ALA A 91 -7.95 6.93 -7.47
CA ALA A 91 -8.00 7.70 -6.24
C ALA A 91 -7.16 8.96 -6.40
N TRP A 92 -6.01 8.81 -7.03
CA TRP A 92 -5.12 9.93 -7.26
C TRP A 92 -5.76 10.85 -8.29
N ASN A 93 -6.18 10.25 -9.40
CA ASN A 93 -6.81 11.00 -10.46
C ASN A 93 -8.00 11.78 -9.89
N GLN A 94 -8.77 11.11 -9.06
CA GLN A 94 -9.93 11.74 -8.45
C GLN A 94 -9.63 13.19 -8.10
N GLY A 95 -8.40 13.42 -7.68
CA GLY A 95 -7.97 14.77 -7.32
C GLY A 95 -7.55 14.83 -5.85
N GLY A 96 -8.48 15.24 -5.01
CA GLY A 96 -8.21 15.35 -3.59
C GLY A 96 -6.94 16.13 -3.33
N ASP A 97 -6.66 16.36 -2.04
CA ASP A 97 -5.47 17.09 -1.65
C ASP A 97 -4.37 16.11 -1.26
N TRP A 98 -4.76 15.11 -0.48
CA TRP A 98 -3.83 14.09 -0.04
C TRP A 98 -4.55 12.74 -0.04
N ILE A 99 -3.81 11.71 -0.46
CA ILE A 99 -4.37 10.38 -0.51
C ILE A 99 -3.99 9.62 0.77
N ASP A 100 -4.73 8.55 1.02
CA ASP A 100 -4.50 7.73 2.20
C ASP A 100 -4.08 6.32 1.75
N LEU A 101 -3.12 5.77 2.48
CA LEU A 101 -2.64 4.43 2.19
C LEU A 101 -2.66 3.59 3.46
N VAL A 102 -3.39 2.49 3.39
CA VAL A 102 -3.51 1.59 4.53
C VAL A 102 -2.60 0.37 4.30
N VAL A 103 -1.43 0.44 4.91
CA VAL A 103 -0.47 -0.65 4.80
C VAL A 103 0.14 -0.95 6.17
N ALA A 104 0.45 -2.22 6.38
CA ALA A 104 1.04 -2.64 7.64
C ALA A 104 2.48 -2.14 7.73
N VAL A 105 3.02 -2.17 8.94
CA VAL A 105 4.39 -1.73 9.17
C VAL A 105 5.35 -2.86 8.82
N CYS A 106 6.50 -2.47 8.29
CA CYS A 106 7.51 -3.44 7.91
C CYS A 106 8.75 -2.67 7.43
N PRO A 107 9.87 -2.86 8.19
CA PRO A 107 11.12 -2.19 7.85
C PRO A 107 11.78 -2.86 6.65
N PRO A 108 12.78 -2.12 6.08
CA PRO A 108 13.50 -2.64 4.92
C PRO A 108 14.49 -3.73 5.33
N LYS A 109 14.19 -4.95 4.90
CA LYS A 109 15.03 -6.08 5.21
C LYS A 109 14.39 -7.36 4.65
N GLU A 110 13.07 -7.40 4.74
CA GLU A 110 12.33 -8.55 4.25
C GLU A 110 12.02 -8.40 2.76
N TYR A 111 13.03 -7.94 2.03
CA TYR A 111 12.88 -7.75 0.59
C TYR A 111 13.28 -9.01 -0.18
N ASP A 112 12.28 -9.84 -0.44
CA ASP A 112 12.52 -11.08 -1.16
C ASP A 112 11.35 -11.33 -2.12
N ASP A 113 11.71 -11.74 -3.34
CA ASP A 113 10.71 -12.01 -4.35
C ASP A 113 11.41 -12.41 -5.66
N GLU A 114 12.36 -11.58 -6.06
CA GLU A 114 13.10 -11.83 -7.27
C GLU A 114 12.18 -12.41 -8.35
N LEU A 115 11.56 -11.50 -9.10
CA LEU A 115 10.66 -11.90 -10.17
C LEU A 115 10.14 -10.65 -10.89
N THR A 116 11.09 -9.78 -11.25
CA THR A 116 10.75 -8.56 -11.94
C THR A 116 11.79 -8.25 -13.02
N PHE A 117 11.73 -9.01 -14.10
CA PHE A 117 12.65 -8.82 -15.20
C PHE A 117 12.71 -7.36 -15.63
N PHE A 118 11.61 -6.66 -15.40
CA PHE A 118 11.52 -5.25 -15.74
C PHE A 118 12.08 -4.37 -14.63
#